data_6QF7
#
_entry.id   6QF7
#
_cell.length_a   131.450
_cell.length_b   131.450
_cell.length_c   238.350
_cell.angle_alpha   90.00
_cell.angle_beta   90.00
_cell.angle_gamma   90.00
#
_symmetry.space_group_name_H-M   'P 41 21 2'
#
loop_
_entity.id
_entity.type
_entity.pdbx_description
1 polymer 'Maltodextrin-binding protein'
2 polymer 'Coagulation factor XII'
3 branched 2-acetamido-2-deoxy-beta-D-glucopyranose-(1-4)-2-acetamido-2-deoxy-beta-D-glucopyranose
4 branched alpha-D-glucopyranose-(1-4)-alpha-D-glucopyranose
5 non-polymer 2-acetamido-2-deoxy-beta-D-glucopyranose
6 non-polymer D-phenylalanyl-N-[(2S,3S)-6-{[amino(iminio)methyl]amino}-1-chloro-2-hydroxyhexan-3-yl]-L-prolinamide
#
loop_
_entity_poly.entity_id
_entity_poly.type
_entity_poly.pdbx_seq_one_letter_code
_entity_poly.pdbx_strand_id
1 'polypeptide(L)'
;RSKIEEGKLVIWINGDKGYNGLAEVGKKFEKDTGIKVTVEHPDKLEEKFPQVAATGDGPDIIFWAHDRFGGYAQSGLLAE
ITPAAAFQDKLYPFTWDAVRYNGKLIAYPIAVEALSLIYNKDLLPNPPKTWEEIPALDKELKAKGKSALMFNLQEPYFTW
PLIAADGGYAFKYAAGKYDIKDVGVDNAGAKAGLTFLVDLIKNKHMNADTDYSIAEAAFNKGETAMTINGPWAWSNIDTS
AVNYGVTVLPTFKGQPSKPFVGVLSAGINAASPNKELAKEFLENYLLTDEGLEAVNKDKPLGAVALKSYEEELAKDPRIA
ATMENAQKGEIMPNIPQMSAFWYAVRTAVINAASGRQTVDAALAAAQTNAAAAS
;
A,C
2 'polypeptide(L)'
;AAAASEFGPLSCGQRVVGGLVALRGAHPYIAALYWGHSFCAGSLIAPCWVLTAAHCLQDRPAPEDLTVVLGQERRNHSCE
PCQTLAVRSYRLHEAFSPVSYQHDLALLRLQEDADGSCALLSPYVQPVCLPSGAARPSETTLCQVAGWGHQFEGAEEYAS
FLQEAQVPFLSLERCSAPDVHGSSILPGMLCAGFLEGGTDACQGDSGGPLVCEDRRLTLQGIISWGSGCGDRNKPGVYTD
VAYYLAWIREHTVS
;
B,D
#
loop_
_chem_comp.id
_chem_comp.type
_chem_comp.name
_chem_comp.formula
0G6 peptide-like D-phenylalanyl-N-[(2S,3S)-6-{[amino(iminio)methyl]amino}-1-chloro-2-hydroxyhexan-3-yl]-L-prolinamide 'C21 H34 Cl N6 O3 1'
GLC D-saccharide, alpha linking alpha-D-glucopyranose 'C6 H12 O6'
NAG D-saccharide, beta linking 2-acetamido-2-deoxy-beta-D-glucopyranose 'C8 H15 N O6'
#
# COMPACT_ATOMS: atom_id res chain seq x y z
N LYS A 3 53.15 -1.61 6.55
CA LYS A 3 52.39 -2.88 6.81
C LYS A 3 52.50 -3.86 5.63
N ILE A 4 52.59 -3.32 4.40
CA ILE A 4 52.84 -4.10 3.18
C ILE A 4 54.24 -4.72 3.29
N GLU A 5 54.28 -6.06 3.30
CA GLU A 5 55.51 -6.79 3.60
C GLU A 5 56.46 -6.87 2.40
N GLU A 6 57.76 -6.80 2.71
CA GLU A 6 58.82 -6.69 1.72
C GLU A 6 59.25 -8.07 1.18
N GLY A 7 58.86 -8.39 -0.05
CA GLY A 7 59.32 -9.60 -0.76
C GLY A 7 58.31 -10.49 -1.47
N LYS A 8 57.01 -10.30 -1.21
CA LYS A 8 55.96 -11.24 -1.69
C LYS A 8 54.78 -10.53 -2.37
N LEU A 9 53.87 -11.35 -2.92
CA LEU A 9 52.71 -10.85 -3.66
C LEU A 9 51.37 -11.28 -3.06
N VAL A 10 50.45 -10.31 -2.94
CA VAL A 10 49.04 -10.56 -2.62
C VAL A 10 48.20 -9.82 -3.66
N ILE A 11 47.23 -10.53 -4.25
CA ILE A 11 46.46 -10.02 -5.39
C ILE A 11 44.97 -9.91 -5.06
N TRP A 12 44.36 -8.82 -5.53
CA TRP A 12 42.96 -8.49 -5.26
C TRP A 12 42.14 -8.49 -6.55
N ILE A 13 41.06 -9.27 -6.56
CA ILE A 13 40.19 -9.43 -7.73
C ILE A 13 38.80 -9.83 -7.25
N ASN A 14 37.77 -9.35 -7.94
CA ASN A 14 36.39 -9.57 -7.51
C ASN A 14 35.98 -11.05 -7.54
N GLY A 15 35.01 -11.42 -6.71
CA GLY A 15 34.53 -12.81 -6.59
C GLY A 15 33.66 -13.36 -7.72
N ASP A 16 33.35 -12.53 -8.71
CA ASP A 16 32.69 -12.99 -9.94
C ASP A 16 33.69 -13.36 -11.06
N LYS A 17 34.89 -12.81 -11.07
CA LYS A 17 35.83 -13.19 -12.13
C LYS A 17 36.50 -14.50 -11.80
N GLY A 18 37.63 -14.80 -12.41
CA GLY A 18 38.33 -16.04 -12.14
C GLY A 18 39.42 -15.88 -11.09
N TYR A 19 39.11 -16.19 -9.83
CA TYR A 19 40.11 -16.16 -8.75
C TYR A 19 40.73 -17.54 -8.52
N ASN A 20 40.08 -18.60 -9.01
CA ASN A 20 40.68 -19.95 -9.05
C ASN A 20 41.52 -20.18 -10.30
N GLY A 21 41.27 -19.41 -11.36
CA GLY A 21 42.12 -19.40 -12.56
C GLY A 21 43.40 -18.61 -12.35
N LEU A 22 43.28 -17.46 -11.69
CA LEU A 22 44.43 -16.62 -11.35
C LEU A 22 45.27 -17.22 -10.21
N ALA A 23 44.68 -18.10 -9.41
CA ALA A 23 45.41 -18.86 -8.37
C ALA A 23 46.36 -19.89 -8.98
N GLU A 24 45.90 -20.63 -9.98
CA GLU A 24 46.72 -21.62 -10.69
C GLU A 24 47.93 -21.00 -11.39
N VAL A 25 47.78 -19.75 -11.84
CA VAL A 25 48.90 -18.97 -12.43
C VAL A 25 50.00 -18.66 -11.40
N GLY A 26 49.62 -18.53 -10.12
CA GLY A 26 50.56 -18.32 -9.03
C GLY A 26 51.63 -19.39 -8.82
N LYS A 27 51.30 -20.64 -9.13
CA LYS A 27 52.23 -21.78 -8.93
C LYS A 27 53.39 -21.81 -9.93
N LYS A 28 53.15 -21.37 -11.17
CA LYS A 28 54.23 -21.21 -12.16
C LYS A 28 55.19 -20.08 -11.77
N PHE A 29 54.67 -19.06 -11.07
CA PHE A 29 55.50 -17.98 -10.52
C PHE A 29 56.26 -18.41 -9.26
N GLU A 30 55.61 -19.22 -8.42
CA GLU A 30 56.28 -19.88 -7.27
C GLU A 30 57.32 -20.95 -7.68
N LYS A 31 57.10 -21.58 -8.83
CA LYS A 31 57.99 -22.61 -9.38
C LYS A 31 59.37 -22.05 -9.76
N ASP A 32 59.39 -21.00 -10.57
CA ASP A 32 60.64 -20.43 -11.10
C ASP A 32 61.43 -19.59 -10.09
N THR A 33 60.88 -18.45 -9.70
CA THR A 33 61.58 -17.46 -8.84
C THR A 33 61.49 -17.73 -7.33
N GLY A 34 60.51 -18.52 -6.90
CA GLY A 34 60.34 -18.91 -5.50
C GLY A 34 59.45 -18.00 -4.66
N ILE A 35 58.81 -17.01 -5.30
CA ILE A 35 58.11 -15.94 -4.60
C ILE A 35 56.64 -16.30 -4.41
N LYS A 36 56.08 -15.94 -3.24
CA LYS A 36 54.73 -16.35 -2.84
C LYS A 36 53.66 -15.44 -3.46
N VAL A 37 52.59 -16.06 -3.95
CA VAL A 37 51.50 -15.37 -4.66
C VAL A 37 50.13 -15.85 -4.15
N THR A 38 49.56 -15.07 -3.24
CA THR A 38 48.22 -15.32 -2.69
C THR A 38 47.17 -14.54 -3.50
N VAL A 39 46.00 -15.17 -3.67
CA VAL A 39 44.88 -14.60 -4.45
C VAL A 39 43.67 -14.41 -3.52
N GLU A 40 43.01 -13.25 -3.65
CA GLU A 40 41.94 -12.86 -2.72
C GLU A 40 40.78 -12.16 -3.42
N HIS A 41 39.60 -12.25 -2.80
CA HIS A 41 38.34 -11.66 -3.31
C HIS A 41 37.47 -11.04 -2.19
N PRO A 42 37.84 -9.83 -1.71
CA PRO A 42 37.06 -9.12 -0.69
C PRO A 42 35.86 -8.35 -1.26
N ASP A 43 35.01 -7.86 -0.36
CA ASP A 43 33.80 -7.10 -0.72
C ASP A 43 34.03 -5.59 -0.64
N LYS A 44 33.23 -4.87 -1.43
CA LYS A 44 33.37 -3.41 -1.61
C LYS A 44 34.82 -2.98 -1.92
N LEU A 45 35.52 -3.80 -2.70
CA LEU A 45 36.95 -3.59 -2.97
C LEU A 45 37.20 -2.38 -3.86
N GLU A 46 36.18 -1.98 -4.61
CA GLU A 46 36.13 -0.66 -5.25
C GLU A 46 36.25 0.53 -4.24
N GLU A 47 35.74 0.32 -3.02
CA GLU A 47 35.80 1.29 -1.91
C GLU A 47 36.84 0.96 -0.82
N LYS A 48 37.23 -0.31 -0.70
CA LYS A 48 38.18 -0.76 0.32
C LYS A 48 39.61 -0.38 -0.02
N PHE A 49 39.96 -0.46 -1.30
CA PHE A 49 41.30 -0.15 -1.78
C PHE A 49 41.78 1.29 -1.51
N PRO A 50 41.00 2.32 -1.91
CA PRO A 50 41.40 3.69 -1.58
C PRO A 50 41.27 4.09 -0.09
N GLN A 51 40.81 3.16 0.75
CA GLN A 51 40.90 3.28 2.22
C GLN A 51 42.20 2.68 2.75
N VAL A 52 42.43 1.40 2.44
CA VAL A 52 43.63 0.70 2.93
C VAL A 52 44.92 1.31 2.36
N ALA A 53 44.88 1.74 1.09
CA ALA A 53 46.01 2.42 0.44
C ALA A 53 46.28 3.84 0.98
N ALA A 54 45.24 4.56 1.38
CA ALA A 54 45.36 5.93 1.91
C ALA A 54 45.92 6.01 3.33
N THR A 55 46.14 4.87 3.97
CA THR A 55 46.83 4.79 5.26
C THR A 55 47.91 3.68 5.24
N GLY A 56 48.69 3.64 4.15
CA GLY A 56 49.86 2.75 4.03
C GLY A 56 49.63 1.25 4.17
N ASP A 57 48.62 0.73 3.48
CA ASP A 57 48.28 -0.71 3.48
C ASP A 57 47.69 -1.09 2.10
N GLY A 58 47.22 -2.32 1.96
CA GLY A 58 46.54 -2.78 0.75
C GLY A 58 47.33 -3.86 0.02
N PRO A 59 46.81 -4.31 -1.14
CA PRO A 59 47.46 -5.39 -1.88
C PRO A 59 48.69 -4.91 -2.65
N ASP A 60 49.40 -5.87 -3.23
CA ASP A 60 50.40 -5.55 -4.25
C ASP A 60 49.68 -5.16 -5.54
N ILE A 61 48.72 -5.98 -5.97
CA ILE A 61 47.97 -5.76 -7.21
C ILE A 61 46.45 -5.81 -6.99
N ILE A 62 45.73 -4.94 -7.69
CA ILE A 62 44.26 -4.87 -7.67
C ILE A 62 43.68 -4.95 -9.09
N PHE A 63 42.58 -5.69 -9.24
CA PHE A 63 41.92 -5.91 -10.52
C PHE A 63 40.50 -5.35 -10.49
N TRP A 64 40.19 -4.47 -11.43
CA TRP A 64 38.88 -3.83 -11.50
C TRP A 64 38.68 -3.15 -12.85
N ALA A 65 37.44 -2.76 -13.13
CA ALA A 65 37.15 -1.89 -14.28
C ALA A 65 37.96 -0.60 -14.21
N HIS A 66 38.33 -0.08 -15.39
CA HIS A 66 39.26 1.06 -15.50
C HIS A 66 38.74 2.42 -14.98
N ASP A 67 37.43 2.52 -14.73
CA ASP A 67 36.82 3.77 -14.28
C ASP A 67 37.29 4.29 -12.90
N ARG A 68 37.72 3.39 -12.01
CA ARG A 68 38.20 3.76 -10.66
C ARG A 68 39.67 4.20 -10.59
N PHE A 69 40.46 3.80 -11.59
CA PHE A 69 41.92 3.94 -11.55
C PHE A 69 42.37 5.40 -11.70
N GLY A 70 41.64 6.17 -12.50
CA GLY A 70 41.82 7.63 -12.55
C GLY A 70 41.51 8.31 -11.21
N GLY A 71 40.54 7.76 -10.49
CA GLY A 71 40.26 8.14 -9.10
C GLY A 71 41.39 7.80 -8.13
N TYR A 72 42.01 6.65 -8.31
CA TYR A 72 43.19 6.24 -7.52
C TYR A 72 44.48 6.97 -7.94
N ALA A 73 44.55 7.40 -9.21
CA ALA A 73 45.64 8.27 -9.70
C ALA A 73 45.56 9.70 -9.16
N GLN A 74 44.35 10.17 -8.83
CA GLN A 74 44.12 11.50 -8.24
C GLN A 74 44.53 11.52 -6.76
N SER A 75 44.00 10.57 -5.99
CA SER A 75 44.33 10.43 -4.57
C SER A 75 45.82 10.21 -4.33
N GLY A 76 46.47 9.51 -5.28
CA GLY A 76 47.92 9.36 -5.28
C GLY A 76 48.37 8.13 -4.52
N LEU A 77 47.71 7.01 -4.79
CA LEU A 77 47.97 5.74 -4.09
C LEU A 77 48.22 4.60 -5.09
N LEU A 78 48.69 4.95 -6.28
CA LEU A 78 48.96 4.01 -7.37
C LEU A 78 50.44 3.93 -7.68
N ALA A 79 50.79 3.03 -8.60
CA ALA A 79 52.11 2.94 -9.17
C ALA A 79 52.07 3.28 -10.65
N GLU A 80 52.82 4.31 -11.03
CA GLU A 80 53.00 4.69 -12.42
C GLU A 80 53.82 3.61 -13.13
N ILE A 81 53.18 2.84 -14.01
CA ILE A 81 53.85 1.79 -14.79
C ILE A 81 54.52 2.36 -16.04
N THR A 82 55.77 1.95 -16.29
CA THR A 82 56.53 2.38 -17.48
C THR A 82 57.09 1.19 -18.24
N PRO A 83 56.21 0.42 -18.91
CA PRO A 83 56.66 -0.67 -19.75
C PRO A 83 57.17 -0.15 -21.09
N ALA A 84 58.10 -0.90 -21.68
CA ALA A 84 58.55 -0.66 -23.05
C ALA A 84 57.40 -0.51 -24.07
N ALA A 85 57.66 0.22 -25.14
CA ALA A 85 56.64 0.46 -26.18
C ALA A 85 56.40 -0.77 -27.08
N ALA A 86 57.40 -1.65 -27.18
CA ALA A 86 57.25 -2.95 -27.84
C ALA A 86 56.25 -3.88 -27.13
N PHE A 87 56.16 -3.73 -25.81
CA PHE A 87 55.16 -4.44 -24.99
C PHE A 87 53.76 -3.83 -25.16
N GLN A 88 53.70 -2.51 -25.33
CA GLN A 88 52.44 -1.82 -25.63
C GLN A 88 51.93 -2.12 -27.05
N ASP A 89 52.82 -2.54 -27.94
CA ASP A 89 52.45 -2.99 -29.30
C ASP A 89 51.77 -4.37 -29.37
N LYS A 90 51.83 -5.15 -28.28
CA LYS A 90 51.23 -6.49 -28.25
C LYS A 90 49.74 -6.45 -27.88
N LEU A 91 49.28 -5.32 -27.30
CA LEU A 91 47.89 -5.13 -26.84
C LEU A 91 47.15 -4.14 -27.74
N TYR A 92 45.84 -4.34 -27.88
CA TYR A 92 44.96 -3.41 -28.62
C TYR A 92 45.13 -1.97 -28.09
N PRO A 93 45.69 -1.04 -28.92
CA PRO A 93 46.05 0.34 -28.48
C PRO A 93 45.02 1.12 -27.66
N PHE A 94 43.74 0.96 -27.99
CA PHE A 94 42.63 1.68 -27.30
C PHE A 94 42.42 1.37 -25.82
N THR A 95 42.95 0.24 -25.35
CA THR A 95 42.85 -0.16 -23.95
C THR A 95 43.76 0.67 -23.04
N TRP A 96 44.81 1.25 -23.64
CA TRP A 96 45.68 2.20 -22.96
C TRP A 96 45.05 3.60 -22.84
N ASP A 97 44.25 4.00 -23.84
CA ASP A 97 43.50 5.26 -23.80
C ASP A 97 42.49 5.33 -22.64
N ALA A 98 42.14 4.16 -22.09
CA ALA A 98 41.41 4.06 -20.83
C ALA A 98 42.29 4.33 -19.60
N VAL A 99 43.44 3.67 -19.53
CA VAL A 99 44.36 3.76 -18.37
C VAL A 99 45.36 4.93 -18.43
N ARG A 100 45.02 6.01 -19.13
CA ARG A 100 45.88 7.18 -19.25
C ARG A 100 45.13 8.42 -18.77
N TYR A 101 45.24 8.69 -17.48
CA TYR A 101 44.77 9.95 -16.90
C TYR A 101 45.90 10.97 -17.00
N ASN A 102 45.72 11.94 -17.89
CA ASN A 102 46.64 13.08 -18.07
C ASN A 102 48.04 12.70 -18.59
N GLY A 103 48.06 12.17 -19.81
CA GLY A 103 49.30 11.89 -20.55
C GLY A 103 50.33 10.95 -19.95
N LYS A 104 49.94 10.18 -18.94
CA LYS A 104 50.86 9.33 -18.16
C LYS A 104 50.16 8.00 -17.81
N LEU A 105 50.93 6.93 -17.70
CA LEU A 105 50.40 5.56 -17.54
C LEU A 105 50.22 5.13 -16.08
N ILE A 106 49.17 4.35 -15.81
CA ILE A 106 48.85 3.89 -14.45
C ILE A 106 48.34 2.44 -14.28
N ALA A 107 48.08 1.71 -15.38
CA ALA A 107 47.56 0.34 -15.29
C ALA A 107 47.70 -0.46 -16.58
N TYR A 108 47.88 -1.78 -16.46
CA TYR A 108 47.80 -2.70 -17.62
C TYR A 108 46.34 -3.00 -17.91
N PRO A 109 45.94 -3.01 -19.19
CA PRO A 109 44.65 -3.59 -19.54
C PRO A 109 44.75 -5.10 -19.72
N ILE A 110 43.66 -5.81 -19.41
CA ILE A 110 43.59 -7.28 -19.47
C ILE A 110 42.42 -7.79 -20.30
N ALA A 111 41.21 -7.27 -20.03
CA ALA A 111 39.99 -7.70 -20.73
C ALA A 111 39.08 -6.55 -21.12
N VAL A 112 38.20 -6.81 -22.09
CA VAL A 112 37.17 -5.86 -22.55
C VAL A 112 35.81 -6.44 -22.19
N GLU A 113 35.08 -5.72 -21.34
CA GLU A 113 33.79 -6.17 -20.79
C GLU A 113 32.61 -5.47 -21.44
N ALA A 114 31.48 -6.17 -21.51
CA ALA A 114 30.18 -5.57 -21.87
C ALA A 114 29.03 -6.55 -21.63
N LEU A 115 27.85 -6.00 -21.36
CA LEU A 115 26.67 -6.80 -21.07
C LEU A 115 26.02 -7.30 -22.36
N SER A 116 25.35 -8.45 -22.26
CA SER A 116 24.73 -9.12 -23.41
C SER A 116 23.49 -9.93 -22.96
N LEU A 117 22.44 -9.93 -23.79
CA LEU A 117 21.21 -10.65 -23.47
C LEU A 117 21.39 -12.16 -23.57
N ILE A 118 21.24 -12.85 -22.44
CA ILE A 118 21.23 -14.33 -22.39
C ILE A 118 19.77 -14.79 -22.29
N TYR A 119 19.40 -15.83 -23.03
CA TYR A 119 18.02 -16.38 -22.98
C TYR A 119 17.96 -17.91 -22.93
N ASN A 120 16.92 -18.41 -22.24
CA ASN A 120 16.71 -19.85 -22.04
C ASN A 120 16.15 -20.45 -23.33
N LYS A 121 17.05 -20.85 -24.23
CA LYS A 121 16.66 -21.39 -25.55
C LYS A 121 15.54 -22.43 -25.43
N ASP A 122 15.61 -23.27 -24.40
CA ASP A 122 14.57 -24.26 -24.07
C ASP A 122 13.18 -23.66 -23.82
N LEU A 123 13.10 -22.77 -22.83
CA LEU A 123 11.84 -22.19 -22.38
C LEU A 123 11.33 -21.11 -23.33
N LEU A 124 12.26 -20.32 -23.86
CA LEU A 124 11.97 -19.27 -24.83
C LEU A 124 12.88 -19.45 -26.04
N PRO A 125 12.31 -19.86 -27.20
CA PRO A 125 13.16 -20.15 -28.37
C PRO A 125 13.77 -18.91 -29.03
N ASN A 126 12.92 -17.98 -29.49
CA ASN A 126 13.37 -16.74 -30.14
C ASN A 126 13.37 -15.56 -29.16
N PRO A 127 14.16 -14.51 -29.44
CA PRO A 127 14.28 -13.40 -28.52
C PRO A 127 13.33 -12.23 -28.85
N PRO A 128 13.05 -11.37 -27.84
CA PRO A 128 12.45 -10.08 -28.13
C PRO A 128 13.50 -9.11 -28.65
N LYS A 129 13.11 -8.24 -29.58
CA LYS A 129 14.04 -7.27 -30.19
C LYS A 129 13.82 -5.82 -29.75
N THR A 130 12.66 -5.52 -29.17
CA THR A 130 12.46 -4.32 -28.34
C THR A 130 12.27 -4.77 -26.90
N TRP A 131 12.53 -3.88 -25.95
CA TRP A 131 12.08 -4.06 -24.56
C TRP A 131 10.55 -4.04 -24.50
N GLU A 132 9.96 -3.19 -25.34
CA GLU A 132 8.51 -2.94 -25.41
C GLU A 132 7.58 -4.17 -25.40
N GLU A 133 7.99 -5.28 -26.02
CA GLU A 133 7.16 -6.51 -26.11
C GLU A 133 7.25 -7.45 -24.89
N ILE A 134 8.07 -7.11 -23.90
CA ILE A 134 8.22 -7.93 -22.69
C ILE A 134 6.97 -7.94 -21.80
N PRO A 135 6.26 -6.80 -21.65
CA PRO A 135 4.93 -6.79 -21.04
C PRO A 135 3.89 -7.76 -21.63
N ALA A 136 4.02 -8.10 -22.92
CA ALA A 136 3.21 -9.18 -23.54
C ALA A 136 3.89 -10.55 -23.43
N LEU A 137 5.22 -10.56 -23.47
CA LEU A 137 6.03 -11.78 -23.32
C LEU A 137 5.87 -12.45 -21.95
N ASP A 138 5.73 -11.62 -20.91
CA ASP A 138 5.59 -12.10 -19.52
C ASP A 138 4.41 -13.06 -19.32
N LYS A 139 3.22 -12.64 -19.74
CA LYS A 139 1.97 -13.40 -19.52
C LYS A 139 1.99 -14.83 -20.07
N GLU A 140 2.61 -15.04 -21.24
CA GLU A 140 2.64 -16.36 -21.91
C GLU A 140 3.46 -17.38 -21.12
N LEU A 141 4.62 -16.96 -20.64
CA LEU A 141 5.43 -17.79 -19.77
C LEU A 141 4.88 -17.83 -18.33
N LYS A 142 4.23 -16.73 -17.90
CA LYS A 142 3.54 -16.71 -16.60
C LYS A 142 2.30 -17.62 -16.55
N ALA A 143 1.87 -18.12 -17.71
CA ALA A 143 0.96 -19.27 -17.79
C ALA A 143 1.67 -20.64 -17.59
N LYS A 144 2.92 -20.61 -17.14
CA LYS A 144 3.66 -21.82 -16.76
C LYS A 144 4.52 -21.58 -15.49
N GLY A 145 4.18 -20.56 -14.70
CA GLY A 145 4.88 -20.21 -13.45
C GLY A 145 6.26 -19.58 -13.61
N LYS A 146 6.51 -18.94 -14.76
CA LYS A 146 7.84 -18.47 -15.13
C LYS A 146 7.81 -17.04 -15.72
N SER A 147 8.73 -16.19 -15.27
CA SER A 147 8.77 -14.79 -15.72
C SER A 147 9.54 -14.62 -17.02
N ALA A 148 9.35 -13.48 -17.67
CA ALA A 148 10.06 -13.14 -18.90
C ALA A 148 11.53 -12.88 -18.58
N LEU A 149 11.84 -11.72 -18.02
CA LEU A 149 13.20 -11.28 -17.74
C LEU A 149 13.39 -11.09 -16.25
N MET A 150 14.62 -11.32 -15.80
CA MET A 150 15.07 -10.95 -14.45
C MET A 150 16.56 -10.63 -14.49
N PHE A 151 16.95 -9.51 -13.89
CA PHE A 151 18.36 -9.13 -13.79
C PHE A 151 18.60 -8.15 -12.64
N ASN A 152 19.82 -8.12 -12.11
CA ASN A 152 20.18 -7.25 -11.00
C ASN A 152 19.77 -5.81 -11.30
N LEU A 153 18.71 -5.35 -10.63
CA LEU A 153 18.24 -3.96 -10.75
C LEU A 153 18.90 -3.01 -9.76
N GLN A 154 19.52 -3.55 -8.71
CA GLN A 154 20.04 -2.72 -7.61
C GLN A 154 21.28 -1.96 -8.05
N GLU A 155 22.16 -2.67 -8.76
CA GLU A 155 23.34 -2.05 -9.38
C GLU A 155 22.97 -1.18 -10.61
N PRO A 156 23.74 -0.09 -10.87
CA PRO A 156 23.49 0.79 -12.02
C PRO A 156 24.07 0.28 -13.33
N TYR A 157 25.18 -0.46 -13.27
CA TYR A 157 25.83 -1.07 -14.42
C TYR A 157 24.86 -1.82 -15.33
N PHE A 158 23.87 -2.47 -14.73
CA PHE A 158 22.89 -3.27 -15.45
C PHE A 158 21.70 -2.43 -15.93
N THR A 159 21.32 -1.41 -15.16
CA THR A 159 20.18 -0.54 -15.49
C THR A 159 20.52 0.61 -16.48
N TRP A 160 21.80 0.99 -16.53
CA TRP A 160 22.28 2.08 -17.42
C TRP A 160 22.10 1.84 -18.94
N PRO A 161 22.41 0.63 -19.45
CA PRO A 161 22.14 0.29 -20.85
C PRO A 161 20.80 0.77 -21.38
N LEU A 162 19.73 0.53 -20.61
CA LEU A 162 18.38 0.98 -20.98
C LEU A 162 18.22 2.51 -20.95
N ILE A 163 18.84 3.15 -19.95
CA ILE A 163 18.81 4.61 -19.81
C ILE A 163 19.51 5.28 -21.01
N ALA A 164 20.76 4.87 -21.25
CA ALA A 164 21.60 5.48 -22.27
C ALA A 164 21.02 5.46 -23.69
N ALA A 165 20.28 4.38 -23.98
CA ALA A 165 19.68 4.15 -25.31
C ALA A 165 19.08 5.40 -25.94
N ASP A 166 18.20 6.07 -25.20
CA ASP A 166 17.47 7.25 -25.69
C ASP A 166 18.23 8.57 -25.41
N GLY A 167 19.55 8.49 -25.29
CA GLY A 167 20.37 9.66 -24.99
C GLY A 167 20.44 9.98 -23.51
N GLY A 168 21.17 9.15 -22.77
CA GLY A 168 21.37 9.33 -21.33
C GLY A 168 22.85 9.20 -21.05
N TYR A 169 23.46 10.27 -20.55
CA TYR A 169 24.92 10.36 -20.51
C TYR A 169 25.42 10.92 -19.19
N ALA A 170 26.58 10.44 -18.76
CA ALA A 170 27.18 10.91 -17.52
C ALA A 170 27.69 12.33 -17.68
N PHE A 171 28.70 12.49 -18.53
CA PHE A 171 29.44 13.75 -18.67
C PHE A 171 29.63 14.04 -20.16
N LYS A 172 29.37 15.28 -20.59
CA LYS A 172 29.41 15.58 -22.03
C LYS A 172 30.86 15.66 -22.54
N TYR A 173 31.04 15.11 -23.74
CA TYR A 173 32.32 14.86 -24.39
C TYR A 173 32.79 16.15 -25.11
N ALA A 174 33.34 17.09 -24.34
CA ALA A 174 33.71 18.44 -24.84
C ALA A 174 35.22 18.70 -24.90
N ALA A 175 35.77 18.68 -26.12
CA ALA A 175 37.17 19.07 -26.41
C ALA A 175 38.24 18.15 -25.77
N GLY A 176 38.14 16.85 -26.06
CA GLY A 176 39.14 15.86 -25.62
C GLY A 176 38.85 15.30 -24.23
N LYS A 177 38.93 16.17 -23.23
CA LYS A 177 38.50 15.87 -21.86
C LYS A 177 36.96 15.84 -21.75
N TYR A 178 36.45 15.51 -20.56
CA TYR A 178 35.00 15.38 -20.31
C TYR A 178 34.45 16.60 -19.56
N ASP A 179 33.36 17.19 -20.07
CA ASP A 179 32.69 18.33 -19.42
C ASP A 179 31.95 17.85 -18.17
N ILE A 180 32.59 18.03 -17.02
CA ILE A 180 31.98 17.68 -15.73
C ILE A 180 30.71 18.47 -15.43
N LYS A 181 30.68 19.73 -15.85
CA LYS A 181 29.59 20.67 -15.50
C LYS A 181 28.24 20.40 -16.17
N ASP A 182 28.23 19.72 -17.32
CA ASP A 182 27.00 19.27 -17.96
C ASP A 182 26.81 17.76 -17.76
N VAL A 183 26.03 17.41 -16.74
CA VAL A 183 25.61 16.02 -16.47
C VAL A 183 24.24 15.80 -17.14
N GLY A 184 24.00 14.57 -17.58
CA GLY A 184 22.78 14.23 -18.31
C GLY A 184 22.14 12.94 -17.85
N VAL A 185 21.89 12.84 -16.55
CA VAL A 185 21.07 11.76 -15.99
C VAL A 185 19.58 12.12 -15.96
N ASP A 186 19.29 13.43 -15.91
CA ASP A 186 17.93 13.96 -15.81
C ASP A 186 17.44 14.66 -17.10
N ASN A 187 17.81 14.11 -18.27
CA ASN A 187 17.27 14.59 -19.55
C ASN A 187 15.99 13.83 -19.91
N ALA A 188 15.22 14.38 -20.85
CA ALA A 188 13.92 13.81 -21.22
C ALA A 188 14.01 12.36 -21.69
N GLY A 189 15.09 12.01 -22.38
CA GLY A 189 15.34 10.64 -22.84
C GLY A 189 15.62 9.65 -21.72
N ALA A 190 16.40 10.11 -20.74
CA ALA A 190 16.77 9.28 -19.58
C ALA A 190 15.57 8.98 -18.68
N LYS A 191 14.80 10.03 -18.38
CA LYS A 191 13.59 9.92 -17.56
C LYS A 191 12.62 8.85 -18.12
N ALA A 192 12.36 8.91 -19.42
CA ALA A 192 11.49 7.93 -20.10
C ALA A 192 12.08 6.51 -20.12
N GLY A 193 13.41 6.41 -20.12
CA GLY A 193 14.12 5.12 -20.01
C GLY A 193 13.88 4.46 -18.67
N LEU A 194 14.22 5.17 -17.61
CA LEU A 194 13.93 4.73 -16.24
C LEU A 194 12.45 4.42 -16.11
N THR A 195 11.60 5.31 -16.64
CA THR A 195 10.15 5.14 -16.58
C THR A 195 9.74 3.73 -16.98
N PHE A 196 10.33 3.20 -18.05
CA PHE A 196 9.96 1.87 -18.54
C PHE A 196 10.37 0.73 -17.61
N LEU A 197 11.50 0.89 -16.94
CA LEU A 197 11.96 -0.07 -15.93
C LEU A 197 10.98 -0.14 -14.74
N VAL A 198 10.46 1.03 -14.34
CA VAL A 198 9.51 1.14 -13.23
C VAL A 198 8.15 0.56 -13.62
N ASP A 199 7.66 0.96 -14.79
CA ASP A 199 6.35 0.49 -15.30
C ASP A 199 6.34 -0.99 -15.75
N LEU A 200 7.51 -1.55 -16.00
CA LEU A 200 7.66 -3.02 -16.08
C LEU A 200 7.33 -3.65 -14.72
N ILE A 201 7.93 -3.07 -13.67
CA ILE A 201 7.76 -3.57 -12.30
C ILE A 201 6.32 -3.39 -11.80
N LYS A 202 5.69 -2.25 -12.11
CA LYS A 202 4.31 -1.97 -11.68
C LYS A 202 3.26 -2.96 -12.20
N ASN A 203 3.55 -3.62 -13.31
CA ASN A 203 2.71 -4.73 -13.79
C ASN A 203 3.22 -6.11 -13.33
N LYS A 204 4.08 -6.13 -12.29
CA LYS A 204 4.68 -7.37 -11.74
C LYS A 204 5.48 -8.23 -12.76
N HIS A 205 6.02 -7.60 -13.80
CA HIS A 205 6.76 -8.34 -14.85
C HIS A 205 8.25 -8.50 -14.49
N MET A 206 8.74 -7.63 -13.61
CA MET A 206 9.91 -7.90 -12.77
C MET A 206 9.58 -7.47 -11.34
N ASN A 207 10.49 -7.80 -10.41
CA ASN A 207 10.35 -7.41 -9.00
C ASN A 207 11.36 -6.31 -8.73
N ALA A 208 11.12 -5.48 -7.72
CA ALA A 208 12.00 -4.35 -7.45
C ALA A 208 13.33 -4.77 -6.83
N ASP A 209 13.27 -5.60 -5.80
CA ASP A 209 14.45 -5.92 -4.98
C ASP A 209 15.23 -7.18 -5.42
N THR A 210 15.21 -7.49 -6.71
CA THR A 210 15.91 -8.68 -7.22
C THR A 210 17.41 -8.36 -7.41
N ASP A 211 18.23 -8.86 -6.48
CA ASP A 211 19.68 -8.58 -6.49
C ASP A 211 20.41 -9.43 -7.56
N TYR A 212 21.72 -9.58 -7.43
CA TYR A 212 22.50 -10.42 -8.36
C TYR A 212 22.22 -11.92 -8.17
N SER A 213 22.33 -12.39 -6.93
CA SER A 213 22.21 -13.82 -6.60
CA SER A 213 22.22 -13.82 -6.61
C SER A 213 20.90 -14.45 -7.04
N ILE A 214 19.80 -13.71 -6.89
CA ILE A 214 18.46 -14.19 -7.27
C ILE A 214 18.34 -14.35 -8.79
N ALA A 215 18.86 -13.38 -9.55
CA ALA A 215 18.82 -13.41 -11.01
C ALA A 215 19.55 -14.62 -11.60
N GLU A 216 20.80 -14.79 -11.17
CA GLU A 216 21.66 -15.91 -11.60
C GLU A 216 20.99 -17.25 -11.34
N ALA A 217 20.63 -17.47 -10.07
CA ALA A 217 20.00 -18.72 -9.64
C ALA A 217 18.69 -18.99 -10.38
N ALA A 218 17.84 -17.96 -10.48
CA ALA A 218 16.55 -18.07 -11.18
C ALA A 218 16.69 -18.56 -12.62
N PHE A 219 17.70 -18.06 -13.33
CA PHE A 219 18.01 -18.55 -14.66
C PHE A 219 18.67 -19.92 -14.61
N ASN A 220 19.76 -20.01 -13.84
CA ASN A 220 20.62 -21.20 -13.83
C ASN A 220 19.91 -22.52 -13.50
N LYS A 221 18.65 -22.39 -13.09
CA LYS A 221 17.79 -23.53 -12.87
C LYS A 221 16.70 -23.43 -13.90
N GLY A 222 16.06 -22.27 -13.98
CA GLY A 222 15.05 -22.06 -15.00
C GLY A 222 13.75 -21.35 -14.71
N GLU A 223 13.74 -20.51 -13.69
CA GLU A 223 12.51 -19.97 -13.15
C GLU A 223 12.12 -18.85 -14.09
N THR A 224 13.10 -18.39 -14.83
CA THR A 224 12.94 -17.28 -15.77
C THR A 224 13.70 -17.55 -17.07
N ALA A 225 13.25 -16.89 -18.13
CA ALA A 225 13.70 -17.18 -19.49
C ALA A 225 14.75 -16.20 -20.05
N MET A 226 15.12 -15.18 -19.28
CA MET A 226 16.09 -14.18 -19.74
C MET A 226 16.87 -13.55 -18.60
N THR A 227 17.96 -12.86 -18.96
CA THR A 227 18.74 -12.09 -18.00
C THR A 227 19.69 -11.12 -18.73
N ILE A 228 20.38 -10.32 -17.94
CA ILE A 228 21.42 -9.42 -18.42
C ILE A 228 22.62 -9.62 -17.50
N ASN A 229 23.69 -10.21 -18.05
CA ASN A 229 24.91 -10.47 -17.29
C ASN A 229 26.12 -10.54 -18.24
N GLY A 230 27.32 -10.49 -17.66
CA GLY A 230 28.57 -10.51 -18.44
C GLY A 230 28.97 -11.89 -18.94
N PRO A 231 30.19 -12.00 -19.51
CA PRO A 231 30.77 -13.31 -19.83
C PRO A 231 31.12 -14.17 -18.61
N TRP A 232 31.52 -13.54 -17.50
CA TRP A 232 31.80 -14.20 -16.21
C TRP A 232 30.75 -15.20 -15.70
N ALA A 233 29.48 -14.96 -16.03
CA ALA A 233 28.39 -15.86 -15.66
C ALA A 233 28.18 -17.07 -16.59
N TRP A 234 28.90 -17.15 -17.72
CA TRP A 234 28.79 -18.29 -18.64
C TRP A 234 29.31 -19.61 -18.04
N SER A 235 30.27 -19.51 -17.11
CA SER A 235 30.84 -20.68 -16.41
C SER A 235 29.78 -21.46 -15.65
N ASN A 236 29.06 -20.75 -14.79
CA ASN A 236 28.01 -21.34 -13.95
C ASN A 236 26.81 -21.85 -14.76
N ILE A 237 26.49 -21.15 -15.85
CA ILE A 237 25.37 -21.52 -16.74
C ILE A 237 25.71 -22.82 -17.49
N ASP A 238 26.90 -22.84 -18.11
CA ASP A 238 27.45 -24.04 -18.74
C ASP A 238 27.36 -25.24 -17.80
N THR A 239 27.94 -25.11 -16.62
CA THR A 239 27.98 -26.21 -15.63
C THR A 239 26.63 -26.49 -14.95
N SER A 240 25.69 -25.55 -15.00
CA SER A 240 24.31 -25.81 -14.58
C SER A 240 23.43 -26.37 -15.71
N ALA A 241 24.01 -26.47 -16.90
CA ALA A 241 23.55 -27.37 -17.98
C ALA A 241 22.36 -26.82 -18.77
N VAL A 242 22.31 -25.51 -18.85
CA VAL A 242 21.20 -24.81 -19.47
C VAL A 242 21.56 -24.58 -20.93
N ASN A 243 20.51 -24.49 -21.77
CA ASN A 243 20.67 -24.19 -23.19
CA ASN A 243 20.66 -24.19 -23.20
C ASN A 243 20.43 -22.69 -23.39
N TYR A 244 21.48 -21.97 -23.78
CA TYR A 244 21.43 -20.51 -23.88
C TYR A 244 22.22 -19.93 -25.04
N GLY A 245 21.60 -19.01 -25.76
CA GLY A 245 22.27 -18.19 -26.75
C GLY A 245 22.68 -16.88 -26.12
N VAL A 246 23.38 -16.07 -26.91
CA VAL A 246 23.75 -14.70 -26.54
C VAL A 246 23.53 -13.85 -27.79
N THR A 247 23.14 -12.59 -27.59
CA THR A 247 22.74 -11.74 -28.69
C THR A 247 22.78 -10.25 -28.32
N VAL A 248 22.17 -9.42 -29.16
CA VAL A 248 22.12 -7.97 -28.93
C VAL A 248 21.25 -7.60 -27.71
N LEU A 249 21.63 -6.52 -27.03
CA LEU A 249 20.79 -5.90 -26.01
C LEU A 249 19.77 -5.00 -26.73
N PRO A 250 18.46 -5.34 -26.64
CA PRO A 250 17.50 -4.88 -27.64
C PRO A 250 17.09 -3.41 -27.54
N THR A 251 16.16 -3.00 -28.42
CA THR A 251 15.91 -1.58 -28.69
C THR A 251 14.83 -0.90 -27.84
N PHE A 252 15.27 0.02 -26.99
CA PHE A 252 14.37 0.95 -26.31
C PHE A 252 14.00 2.07 -27.27
N LYS A 253 12.71 2.17 -27.61
CA LYS A 253 12.18 3.18 -28.54
C LYS A 253 12.92 3.19 -29.89
N GLY A 254 13.11 2.00 -30.46
CA GLY A 254 13.85 1.84 -31.72
C GLY A 254 15.26 2.42 -31.69
N GLN A 255 15.94 2.26 -30.55
CA GLN A 255 17.35 2.67 -30.39
C GLN A 255 18.08 1.66 -29.52
N PRO A 256 19.38 1.45 -29.79
CA PRO A 256 20.09 0.36 -29.14
C PRO A 256 20.49 0.71 -27.72
N SER A 257 20.51 -0.30 -26.85
CA SER A 257 21.02 -0.13 -25.50
C SER A 257 22.51 0.15 -25.59
N LYS A 258 22.97 1.18 -24.87
CA LYS A 258 24.39 1.56 -24.85
C LYS A 258 24.99 1.21 -23.49
N PRO A 259 25.32 -0.08 -23.27
CA PRO A 259 25.92 -0.44 -21.97
C PRO A 259 27.27 0.23 -21.77
N PHE A 260 27.57 0.62 -20.53
CA PHE A 260 28.86 1.23 -20.24
C PHE A 260 29.93 0.14 -20.32
N VAL A 261 30.93 0.40 -21.17
CA VAL A 261 31.93 -0.60 -21.55
C VAL A 261 33.13 -0.47 -20.62
N GLY A 262 33.28 -1.44 -19.74
CA GLY A 262 34.41 -1.51 -18.81
C GLY A 262 35.57 -2.30 -19.37
N VAL A 263 36.75 -2.05 -18.79
CA VAL A 263 38.01 -2.70 -19.14
C VAL A 263 38.67 -3.20 -17.86
N LEU A 264 38.69 -4.52 -17.67
CA LEU A 264 39.32 -5.09 -16.47
C LEU A 264 40.81 -4.85 -16.54
N SER A 265 41.30 -3.96 -15.67
CA SER A 265 42.69 -3.49 -15.68
C SER A 265 43.32 -3.65 -14.30
N ALA A 266 44.63 -3.39 -14.21
CA ALA A 266 45.38 -3.60 -12.98
C ALA A 266 46.61 -2.70 -12.80
N GLY A 267 46.82 -2.25 -11.57
CA GLY A 267 47.99 -1.44 -11.17
C GLY A 267 48.55 -1.90 -9.84
N ILE A 268 49.54 -1.16 -9.34
CA ILE A 268 50.30 -1.53 -8.13
C ILE A 268 50.19 -0.38 -7.10
N ASN A 269 50.33 -0.71 -5.82
CA ASN A 269 50.14 0.26 -4.73
C ASN A 269 51.30 1.27 -4.66
N ALA A 270 51.02 2.45 -4.08
CA ALA A 270 52.01 3.53 -3.95
C ALA A 270 53.09 3.21 -2.92
N ALA A 271 52.66 2.77 -1.74
CA ALA A 271 53.56 2.33 -0.68
C ALA A 271 54.41 1.09 -1.09
N SER A 272 53.81 0.21 -1.90
CA SER A 272 54.40 -1.10 -2.24
C SER A 272 55.91 -1.09 -2.51
N PRO A 273 56.67 -2.01 -1.88
CA PRO A 273 58.11 -2.15 -2.14
C PRO A 273 58.45 -3.17 -3.24
N ASN A 274 57.44 -3.84 -3.79
CA ASN A 274 57.64 -4.91 -4.79
C ASN A 274 57.18 -4.42 -6.17
N LYS A 275 57.61 -3.23 -6.54
CA LYS A 275 57.13 -2.56 -7.76
C LYS A 275 57.56 -3.25 -9.08
N GLU A 276 58.74 -3.85 -9.07
CA GLU A 276 59.28 -4.59 -10.23
C GLU A 276 59.04 -6.11 -10.12
N LEU A 277 58.46 -6.55 -8.99
CA LEU A 277 58.10 -7.94 -8.77
C LEU A 277 56.79 -8.26 -9.49
N ALA A 278 55.84 -7.34 -9.38
CA ALA A 278 54.57 -7.43 -10.11
C ALA A 278 54.74 -7.19 -11.61
N LYS A 279 55.68 -6.33 -11.99
CA LYS A 279 55.99 -6.08 -13.41
C LYS A 279 56.56 -7.32 -14.12
N GLU A 280 57.38 -8.11 -13.42
CA GLU A 280 57.86 -9.42 -13.92
C GLU A 280 56.73 -10.47 -13.93
N PHE A 281 55.80 -10.37 -12.98
CA PHE A 281 54.58 -11.21 -12.95
C PHE A 281 53.57 -10.84 -14.05
N LEU A 282 53.35 -9.55 -14.26
CA LEU A 282 52.31 -9.06 -15.18
C LEU A 282 52.70 -9.22 -16.64
N GLU A 283 53.88 -8.72 -17.00
CA GLU A 283 54.35 -8.76 -18.40
C GLU A 283 54.60 -10.18 -18.94
N ASN A 284 55.10 -11.07 -18.10
CA ASN A 284 55.62 -12.37 -18.55
C ASN A 284 54.64 -13.53 -18.44
N TYR A 285 54.03 -13.69 -17.27
CA TYR A 285 53.25 -14.88 -16.92
C TYR A 285 51.77 -14.81 -17.32
N LEU A 286 51.08 -13.77 -16.85
CA LEU A 286 49.61 -13.67 -16.97
C LEU A 286 49.13 -13.30 -18.38
N LEU A 287 49.58 -12.15 -18.88
CA LEU A 287 49.23 -11.69 -20.22
C LEU A 287 49.94 -12.54 -21.29
N THR A 288 49.40 -13.74 -21.51
CA THR A 288 49.93 -14.72 -22.47
C THR A 288 48.78 -15.57 -22.97
N ASP A 289 49.07 -16.44 -23.93
CA ASP A 289 48.09 -17.43 -24.41
C ASP A 289 48.05 -18.71 -23.56
N GLU A 290 48.89 -18.76 -22.52
CA GLU A 290 48.81 -19.77 -21.43
C GLU A 290 48.25 -19.19 -20.13
N GLY A 291 48.68 -17.97 -19.79
CA GLY A 291 48.21 -17.26 -18.59
C GLY A 291 46.77 -16.78 -18.67
N LEU A 292 46.40 -16.13 -19.78
CA LEU A 292 45.01 -15.73 -20.00
C LEU A 292 44.08 -16.91 -20.35
N GLU A 293 44.64 -18.06 -20.72
CA GLU A 293 43.82 -19.26 -20.93
C GLU A 293 43.22 -19.76 -19.61
N ALA A 294 44.07 -20.09 -18.66
CA ALA A 294 43.63 -20.62 -17.35
C ALA A 294 42.72 -19.68 -16.54
N VAL A 295 42.87 -18.36 -16.75
CA VAL A 295 41.96 -17.37 -16.17
C VAL A 295 40.60 -17.40 -16.90
N ASN A 296 40.64 -17.44 -18.23
CA ASN A 296 39.41 -17.59 -19.05
C ASN A 296 38.71 -18.95 -18.85
N LYS A 297 39.49 -19.98 -18.50
CA LYS A 297 38.95 -21.32 -18.19
C LYS A 297 38.01 -21.29 -16.98
N ASP A 298 38.48 -20.67 -15.90
CA ASP A 298 37.73 -20.62 -14.65
C ASP A 298 36.47 -19.77 -14.82
N LYS A 299 36.65 -18.49 -15.10
CA LYS A 299 35.54 -17.54 -15.25
C LYS A 299 35.84 -16.57 -16.40
N PRO A 300 35.23 -16.80 -17.59
CA PRO A 300 35.52 -16.05 -18.83
C PRO A 300 35.60 -14.53 -18.72
N LEU A 301 36.52 -13.96 -19.50
CA LEU A 301 36.63 -12.51 -19.68
C LEU A 301 36.05 -12.06 -21.03
N GLY A 302 36.11 -12.93 -22.04
CA GLY A 302 35.52 -12.68 -23.34
C GLY A 302 36.54 -12.14 -24.32
N ALA A 303 36.49 -10.83 -24.55
CA ALA A 303 37.39 -10.15 -25.50
C ALA A 303 38.60 -9.60 -24.76
N VAL A 304 39.70 -10.35 -24.78
CA VAL A 304 40.90 -9.97 -24.02
C VAL A 304 41.68 -8.83 -24.69
N ALA A 305 42.58 -8.22 -23.91
CA ALA A 305 43.32 -7.02 -24.32
C ALA A 305 44.58 -7.35 -25.13
N LEU A 306 45.24 -8.46 -24.77
CA LEU A 306 46.36 -8.99 -25.56
C LEU A 306 45.86 -9.45 -26.93
N LYS A 307 46.44 -8.90 -27.99
CA LYS A 307 45.99 -9.16 -29.36
C LYS A 307 46.04 -10.64 -29.75
N SER A 308 47.10 -11.34 -29.33
CA SER A 308 47.34 -12.72 -29.77
C SER A 308 46.25 -13.70 -29.33
N TYR A 309 45.93 -13.70 -28.05
CA TYR A 309 44.93 -14.62 -27.51
C TYR A 309 43.48 -14.23 -27.86
N GLU A 310 43.23 -12.93 -28.11
CA GLU A 310 41.87 -12.43 -28.41
C GLU A 310 41.35 -13.00 -29.72
N GLU A 311 42.13 -12.83 -30.78
CA GLU A 311 41.76 -13.28 -32.12
C GLU A 311 41.90 -14.80 -32.33
N GLU A 312 42.43 -15.51 -31.32
CA GLU A 312 42.35 -16.98 -31.25
C GLU A 312 40.98 -17.45 -30.72
N LEU A 313 40.38 -16.68 -29.80
CA LEU A 313 39.04 -16.96 -29.27
C LEU A 313 37.95 -15.97 -29.75
N ALA A 314 38.19 -15.30 -30.89
CA ALA A 314 37.19 -14.38 -31.49
C ALA A 314 36.03 -15.11 -32.17
N LYS A 315 36.20 -16.41 -32.35
CA LYS A 315 35.24 -17.33 -32.94
C LYS A 315 33.85 -17.31 -32.29
N ASP A 316 33.82 -17.59 -30.99
CA ASP A 316 32.61 -17.87 -30.21
C ASP A 316 31.53 -16.80 -30.42
N PRO A 317 30.36 -17.16 -31.02
CA PRO A 317 29.35 -16.14 -31.36
C PRO A 317 28.87 -15.33 -30.15
N ARG A 318 28.94 -15.96 -28.98
CA ARG A 318 28.79 -15.31 -27.68
C ARG A 318 29.69 -14.07 -27.57
N ILE A 319 31.01 -14.27 -27.70
CA ILE A 319 31.99 -13.18 -27.59
C ILE A 319 31.78 -12.09 -28.65
N ALA A 320 31.55 -12.52 -29.89
CA ALA A 320 31.26 -11.59 -30.99
C ALA A 320 30.07 -10.72 -30.65
N ALA A 321 28.99 -11.36 -30.20
CA ALA A 321 27.79 -10.66 -29.72
C ALA A 321 28.10 -9.74 -28.53
N THR A 322 29.01 -10.16 -27.65
CA THR A 322 29.51 -9.30 -26.57
C THR A 322 30.22 -8.07 -27.12
N MET A 323 30.99 -8.27 -28.19
CA MET A 323 31.66 -7.16 -28.89
C MET A 323 30.63 -6.25 -29.57
N GLU A 324 29.59 -6.85 -30.15
CA GLU A 324 28.53 -6.10 -30.85
C GLU A 324 27.81 -5.10 -29.94
N ASN A 325 27.47 -5.54 -28.74
CA ASN A 325 26.94 -4.66 -27.69
C ASN A 325 27.96 -3.59 -27.34
N ALA A 326 29.18 -4.04 -27.02
CA ALA A 326 30.27 -3.17 -26.56
C ALA A 326 30.55 -2.02 -27.52
N GLN A 327 30.74 -2.35 -28.80
CA GLN A 327 31.00 -1.34 -29.81
C GLN A 327 29.77 -0.45 -30.06
N LYS A 328 28.57 -1.01 -29.91
CA LYS A 328 27.32 -0.23 -29.96
C LYS A 328 27.10 0.65 -28.72
N GLY A 329 27.57 0.20 -27.56
CA GLY A 329 27.63 1.03 -26.35
C GLY A 329 28.89 1.89 -26.35
N GLU A 330 29.16 2.55 -25.23
CA GLU A 330 30.32 3.44 -25.13
C GLU A 330 31.20 3.10 -23.93
N ILE A 331 32.47 3.48 -24.03
CA ILE A 331 33.50 3.14 -23.03
C ILE A 331 33.30 4.02 -21.79
N MET A 332 33.53 3.43 -20.62
CA MET A 332 33.44 4.16 -19.35
C MET A 332 34.52 5.24 -19.26
N PRO A 333 34.14 6.48 -18.89
CA PRO A 333 35.16 7.48 -18.54
C PRO A 333 35.93 7.12 -17.27
N ASN A 334 37.11 7.70 -17.11
CA ASN A 334 38.02 7.33 -16.02
C ASN A 334 38.15 8.35 -14.87
N ILE A 335 37.56 9.53 -15.04
CA ILE A 335 37.84 10.70 -14.15
C ILE A 335 37.35 10.48 -12.69
N PRO A 336 37.85 11.31 -11.73
CA PRO A 336 37.57 11.05 -10.29
C PRO A 336 36.10 10.99 -9.89
N GLN A 337 35.29 11.87 -10.48
CA GLN A 337 33.87 11.99 -10.14
C GLN A 337 33.02 10.80 -10.61
N MET A 338 33.59 9.91 -11.43
CA MET A 338 32.98 8.60 -11.71
C MET A 338 32.85 7.70 -10.47
N SER A 339 33.58 8.03 -9.40
CA SER A 339 33.26 7.53 -8.07
C SER A 339 31.84 7.96 -7.69
N ALA A 340 31.61 9.28 -7.74
CA ALA A 340 30.32 9.88 -7.38
C ALA A 340 29.18 9.65 -8.38
N PHE A 341 29.48 9.60 -9.67
CA PHE A 341 28.48 9.43 -10.74
C PHE A 341 27.66 8.15 -10.56
N TRP A 342 28.36 7.05 -10.32
CA TRP A 342 27.73 5.71 -10.17
C TRP A 342 26.71 5.67 -9.03
N TYR A 343 27.05 6.25 -7.87
CA TYR A 343 26.15 6.21 -6.70
C TYR A 343 24.93 7.13 -6.83
N ALA A 344 25.08 8.23 -7.56
CA ALA A 344 23.97 9.15 -7.83
C ALA A 344 22.78 8.44 -8.46
N VAL A 345 23.07 7.60 -9.45
CA VAL A 345 22.06 6.84 -10.18
C VAL A 345 21.61 5.63 -9.36
N ARG A 346 22.59 4.89 -8.84
CA ARG A 346 22.37 3.73 -7.94
C ARG A 346 21.25 3.98 -6.93
N THR A 347 21.33 5.16 -6.31
CA THR A 347 20.26 5.73 -5.49
C THR A 347 18.96 5.90 -6.27
N ALA A 348 18.98 6.82 -7.24
CA ALA A 348 17.77 7.28 -7.95
C ALA A 348 16.97 6.15 -8.58
N VAL A 349 17.69 5.13 -9.06
CA VAL A 349 17.08 3.93 -9.64
C VAL A 349 16.19 3.23 -8.61
N ILE A 350 16.80 2.67 -7.56
CA ILE A 350 16.09 1.88 -6.54
C ILE A 350 14.86 2.62 -6.00
N ASN A 351 15.01 3.93 -5.80
CA ASN A 351 13.94 4.80 -5.30
C ASN A 351 12.66 4.74 -6.13
N ALA A 352 12.79 4.99 -7.43
CA ALA A 352 11.65 4.92 -8.34
C ALA A 352 11.33 3.49 -8.76
N ALA A 353 12.32 2.61 -8.71
CA ALA A 353 12.18 1.20 -9.09
C ALA A 353 11.11 0.49 -8.28
N SER A 354 11.23 0.59 -6.96
CA SER A 354 10.20 0.11 -6.04
C SER A 354 8.96 1.01 -6.08
N GLY A 355 9.20 2.32 -6.19
CA GLY A 355 8.13 3.34 -6.19
C GLY A 355 8.21 4.39 -5.08
N ARG A 356 9.22 4.30 -4.22
CA ARG A 356 9.38 5.20 -3.04
C ARG A 356 9.29 6.69 -3.43
N GLN A 357 9.84 7.06 -4.59
CA GLN A 357 9.89 8.45 -5.04
C GLN A 357 9.36 8.56 -6.47
N THR A 358 9.07 9.79 -6.90
CA THR A 358 8.67 10.07 -8.28
C THR A 358 9.90 9.92 -9.17
N VAL A 359 9.66 9.51 -10.41
CA VAL A 359 10.75 9.25 -11.35
C VAL A 359 11.56 10.53 -11.58
N ASP A 360 10.85 11.63 -11.77
CA ASP A 360 11.47 12.91 -12.12
C ASP A 360 12.29 13.52 -10.97
N ALA A 361 11.81 13.38 -9.73
CA ALA A 361 12.48 13.97 -8.57
C ALA A 361 13.79 13.27 -8.20
N ALA A 362 13.76 11.94 -8.16
CA ALA A 362 14.94 11.12 -7.85
C ALA A 362 16.12 11.41 -8.78
N LEU A 363 15.82 11.58 -10.07
CA LEU A 363 16.83 11.88 -11.09
C LEU A 363 17.30 13.33 -11.05
N ALA A 364 16.35 14.27 -11.09
CA ALA A 364 16.66 15.70 -11.03
C ALA A 364 17.35 16.12 -9.72
N ALA A 365 17.22 15.27 -8.69
CA ALA A 365 18.10 15.32 -7.53
C ALA A 365 19.50 14.83 -7.89
N ALA A 366 19.58 13.64 -8.46
CA ALA A 366 20.86 12.97 -8.81
C ALA A 366 21.79 13.71 -9.79
N GLN A 367 21.27 14.71 -10.51
CA GLN A 367 22.10 15.69 -11.23
C GLN A 367 23.01 16.46 -10.26
N THR A 368 22.44 16.83 -9.11
CA THR A 368 23.17 17.49 -8.04
C THR A 368 24.25 16.56 -7.43
N ASN A 369 23.86 15.30 -7.19
CA ASN A 369 24.73 14.29 -6.54
C ASN A 369 26.04 14.02 -7.27
N ALA A 370 26.02 14.10 -8.59
CA ALA A 370 27.24 13.96 -9.41
C ALA A 370 28.10 15.22 -9.30
N ALA A 371 28.79 15.36 -8.17
CA ALA A 371 29.62 16.53 -7.87
C ALA A 371 30.51 16.25 -6.67
N SER B 11 32.75 14.93 6.55
CA SER B 11 32.18 13.59 6.77
C SER B 11 31.27 13.58 7.99
N CYS B 12 30.02 14.02 7.80
CA CYS B 12 29.04 14.07 8.92
C CYS B 12 27.62 13.87 8.38
N GLY B 13 27.43 12.86 7.54
CA GLY B 13 26.12 12.58 6.96
C GLY B 13 25.89 13.32 5.67
N GLN B 14 25.32 12.63 4.68
CA GLN B 14 25.07 13.20 3.37
C GLN B 14 23.58 13.07 3.01
N ARG B 15 23.28 13.05 1.71
CA ARG B 15 21.90 12.92 1.25
C ARG B 15 21.88 12.32 -0.16
N VAL B 16 7.49 3.40 14.89
CA VAL B 16 7.29 4.74 14.34
C VAL B 16 5.86 4.88 13.79
N VAL B 17 5.12 5.87 14.28
CA VAL B 17 3.71 6.05 13.92
C VAL B 17 3.46 7.41 13.26
N GLY B 18 2.53 7.43 12.31
CA GLY B 18 2.19 8.63 11.53
C GLY B 18 3.32 9.12 10.64
N GLY B 19 4.23 8.22 10.28
CA GLY B 19 5.39 8.54 9.48
C GLY B 19 5.22 8.07 8.05
N LEU B 20 6.33 7.99 7.34
CA LEU B 20 6.37 7.54 5.95
C LEU B 20 7.39 6.40 5.80
N VAL B 21 7.78 6.13 4.54
CA VAL B 21 8.77 5.12 4.23
C VAL B 21 10.14 5.69 3.98
N ALA B 22 11.13 4.86 4.13
CA ALA B 22 12.52 5.29 4.14
C ALA B 22 13.32 5.84 3.01
N LEU B 23 12.78 5.93 1.79
CA LEU B 23 13.52 6.37 0.58
C LEU B 23 14.79 5.54 0.53
N ARG B 24 15.92 6.24 0.48
CA ARG B 24 17.29 5.72 0.57
C ARG B 24 18.28 6.81 0.40
N GLY B 25 19.50 6.41 0.63
CA GLY B 25 20.68 7.20 0.46
C GLY B 25 20.98 8.02 1.71
N ALA B 26 19.92 8.59 2.31
CA ALA B 26 20.06 9.44 3.49
C ALA B 26 19.58 8.88 4.80
N HIS B 27 19.93 7.64 5.10
CA HIS B 27 19.62 7.03 6.37
C HIS B 27 20.69 5.99 6.66
N PRO B 28 21.89 6.25 6.10
CA PRO B 28 23.02 5.33 6.08
C PRO B 28 23.96 5.35 7.29
N TYR B 29 23.38 5.49 8.47
CA TYR B 29 24.14 5.43 9.69
C TYR B 29 23.46 4.63 10.75
N ILE B 30 22.32 4.06 10.42
CA ILE B 30 21.56 3.31 11.39
C ILE B 30 22.12 1.91 11.31
N ALA B 31 22.16 1.25 12.45
CA ALA B 31 22.61 -0.11 12.56
C ALA B 31 21.44 -0.95 13.04
N ALA B 32 21.36 -2.17 12.54
CA ALA B 32 20.33 -3.13 12.89
C ALA B 32 20.97 -4.24 13.74
N LEU B 33 20.57 -4.32 15.00
CA LEU B 33 21.19 -5.21 15.98
C LEU B 33 20.39 -6.50 16.20
N TYR B 34 20.81 -7.62 15.64
CA TYR B 34 20.04 -8.85 15.80
C TYR B 34 20.65 -9.96 16.65
N TRP B 35 19.81 -10.55 17.51
CA TRP B 35 20.23 -11.65 18.36
C TRP B 35 19.03 -12.45 18.86
N GLY B 36 19.20 -13.77 18.91
CA GLY B 36 18.15 -14.69 19.39
C GLY B 36 16.82 -14.58 18.64
N HIS B 37 15.87 -13.89 19.27
CA HIS B 37 14.54 -13.64 18.68
C HIS B 37 14.08 -12.18 18.79
N SER B 38 15.01 -11.26 19.03
CA SER B 38 14.67 -9.86 19.30
C SER B 38 15.59 -8.91 18.55
N PHE B 39 15.28 -7.62 18.67
CA PHE B 39 15.87 -6.61 17.82
C PHE B 39 15.99 -5.27 18.54
N CYS B 40 17.04 -4.53 18.20
CA CYS B 40 17.18 -3.13 18.55
C CYS B 40 17.99 -2.35 17.51
N ALA B 41 17.74 -1.05 17.45
CA ALA B 41 18.45 -0.15 16.54
C ALA B 41 19.53 0.62 17.29
N GLY B 42 20.43 1.24 16.54
CA GLY B 42 21.55 2.03 17.11
C GLY B 42 21.86 3.25 16.28
N SER B 43 23.09 3.74 16.39
CA SER B 43 23.59 4.85 15.58
C SER B 43 25.11 4.76 15.51
N LEU B 44 25.66 4.69 14.30
CA LEU B 44 27.11 4.60 14.11
C LEU B 44 27.77 5.97 14.30
N ILE B 45 28.82 6.02 15.12
CA ILE B 45 29.54 7.28 15.45
C ILE B 45 31.03 7.32 15.06
N ALA B 46 31.66 6.16 14.97
CA ALA B 46 33.02 6.03 14.45
C ALA B 46 33.08 4.71 13.68
N PRO B 47 34.22 4.42 13.02
CA PRO B 47 34.38 3.12 12.35
C PRO B 47 34.04 1.88 13.17
N CYS B 48 34.40 1.88 14.46
CA CYS B 48 34.23 0.70 15.33
C CYS B 48 33.23 0.84 16.47
N TRP B 49 32.38 1.88 16.43
CA TRP B 49 31.49 2.16 17.56
C TRP B 49 30.07 2.55 17.16
N VAL B 50 29.11 1.95 17.86
CA VAL B 50 27.68 2.16 17.60
C VAL B 50 27.01 2.52 18.92
N LEU B 51 26.26 3.63 18.93
CA LEU B 51 25.57 4.12 20.13
C LEU B 51 24.12 3.60 20.19
N THR B 52 23.91 2.60 21.04
CA THR B 52 22.62 1.91 21.19
C THR B 52 22.00 2.27 22.53
N ALA B 53 20.70 2.09 22.64
CA ALA B 53 20.01 2.15 23.92
C ALA B 53 20.51 1.04 24.86
N ALA B 54 20.52 1.33 26.16
CA ALA B 54 20.96 0.38 27.17
C ALA B 54 19.93 -0.71 27.44
N HIS B 55 18.66 -0.32 27.53
CA HIS B 55 17.62 -1.26 27.96
C HIS B 55 17.31 -2.39 27.00
N CYS B 56 17.82 -2.32 25.78
CA CYS B 56 17.83 -3.49 24.89
C CYS B 56 18.59 -4.64 25.54
N LEU B 57 19.84 -4.35 25.92
CA LEU B 57 20.75 -5.36 26.49
C LEU B 57 20.82 -5.22 28.01
N GLN B 58 19.66 -5.41 28.64
CA GLN B 58 19.57 -5.74 30.06
C GLN B 58 19.29 -7.24 30.25
N ASP B 59 18.86 -7.93 29.18
CA ASP B 59 19.05 -9.39 29.06
C ASP B 59 20.52 -9.75 29.24
N ARG B 60 21.40 -8.82 28.85
CA ARG B 60 22.85 -8.93 29.05
C ARG B 60 23.40 -10.17 28.35
N PRO B 61 23.10 -10.33 27.05
CA PRO B 61 23.54 -11.49 26.31
C PRO B 61 25.00 -11.40 25.91
N ALA B 62 25.51 -12.49 25.34
CA ALA B 62 26.92 -12.60 25.00
C ALA B 62 27.29 -11.78 23.76
N PRO B 63 28.58 -11.42 23.62
CA PRO B 63 29.12 -10.92 22.34
C PRO B 63 28.99 -11.95 21.19
N GLU B 64 29.06 -13.23 21.54
CA GLU B 64 28.99 -14.33 20.53
C GLU B 64 27.58 -14.40 19.94
N ASP B 65 26.54 -14.22 20.76
CA ASP B 65 25.15 -14.30 20.29
C ASP B 65 24.73 -13.05 19.48
N LEU B 66 25.46 -11.95 19.65
CA LEU B 66 25.09 -10.64 19.07
C LEU B 66 25.67 -10.45 17.65
N THR B 67 24.92 -9.73 16.80
CA THR B 67 25.30 -9.46 15.40
C THR B 67 24.74 -8.09 14.95
N VAL B 68 25.53 -7.36 14.17
CA VAL B 68 25.15 -6.01 13.66
C VAL B 68 25.15 -5.96 12.13
N VAL B 69 24.23 -5.19 11.57
CA VAL B 69 24.10 -5.00 10.12
C VAL B 69 24.02 -3.51 9.80
N LEU B 70 24.90 -3.07 8.90
CA LEU B 70 24.98 -1.68 8.46
C LEU B 70 24.54 -1.54 7.00
N GLY B 71 23.96 -0.39 6.69
CA GLY B 71 23.46 -0.10 5.33
C GLY B 71 22.20 -0.90 4.97
N GLN B 72 21.41 -1.21 5.99
CA GLN B 72 20.23 -2.02 5.82
C GLN B 72 19.02 -1.13 5.68
N GLU B 73 18.23 -1.39 4.65
CA GLU B 73 17.01 -0.65 4.38
C GLU B 73 15.81 -1.53 4.49
N ARG B 74 16.01 -2.64 5.18
CA ARG B 74 14.93 -3.64 5.29
C ARG B 74 15.20 -4.51 6.50
N ARG B 75 14.27 -4.53 7.45
CA ARG B 75 14.38 -5.38 8.63
C ARG B 75 14.34 -6.86 8.23
N ASN B 76 15.40 -7.57 8.54
CA ASN B 76 15.50 -9.02 8.25
C ASN B 76 15.35 -9.29 6.75
N HIS B 77 16.25 -8.72 5.93
CA HIS B 77 16.30 -8.91 4.46
C HIS B 77 17.76 -8.91 4.04
N SER B 78 18.29 -10.05 3.63
CA SER B 78 19.68 -10.15 3.19
C SER B 78 19.75 -9.36 1.89
N CYS B 79 20.54 -8.28 1.89
CA CYS B 79 20.63 -7.37 0.75
C CYS B 79 22.05 -7.33 0.18
N GLU B 80 22.18 -6.67 -0.98
CA GLU B 80 23.48 -6.53 -1.64
C GLU B 80 24.39 -5.53 -0.90
N PRO B 81 23.92 -4.29 -0.63
CA PRO B 81 24.82 -3.38 0.11
C PRO B 81 25.03 -3.66 1.62
N CYS B 82 24.25 -4.59 2.19
CA CYS B 82 24.34 -4.93 3.61
C CYS B 82 25.73 -5.42 4.00
N GLN B 83 26.04 -5.27 5.29
CA GLN B 83 27.26 -5.82 5.91
C GLN B 83 26.92 -6.63 7.16
N THR B 84 27.92 -7.33 7.70
CA THR B 84 27.75 -8.14 8.91
C THR B 84 29.02 -8.09 9.76
N LEU B 85 28.87 -7.69 11.02
CA LEU B 85 29.99 -7.59 11.96
C LEU B 85 29.51 -8.02 13.34
N ALA B 86 30.19 -9.01 13.91
CA ALA B 86 29.94 -9.43 15.29
C ALA B 86 30.57 -8.43 16.26
N VAL B 87 30.00 -8.32 17.46
CA VAL B 87 30.55 -7.44 18.49
C VAL B 87 31.62 -8.18 19.31
N ARG B 88 32.66 -7.45 19.70
CA ARG B 88 33.73 -8.00 20.51
C ARG B 88 33.37 -7.83 21.98
N SER B 89 33.16 -6.57 22.38
CA SER B 89 32.71 -6.21 23.72
C SER B 89 31.64 -5.14 23.61
N TYR B 90 31.28 -4.59 24.76
CA TYR B 90 30.34 -3.50 24.81
C TYR B 90 30.35 -2.86 26.18
N ARG B 91 29.69 -1.72 26.31
CA ARG B 91 29.59 -1.03 27.60
C ARG B 91 28.27 -0.29 27.69
N LEU B 92 27.51 -0.56 28.76
CA LEU B 92 26.33 0.25 29.12
C LEU B 92 26.81 1.51 29.85
N HIS B 93 25.87 2.40 30.19
CA HIS B 93 26.22 3.49 31.11
C HIS B 93 26.26 2.90 32.50
N GLU B 94 27.42 2.95 33.13
CA GLU B 94 27.66 2.28 34.41
C GLU B 94 26.53 2.44 35.43
N ALA B 95 25.92 3.63 35.50
CA ALA B 95 24.83 3.91 36.44
C ALA B 95 23.42 3.87 35.81
N PHE B 96 23.26 3.10 34.72
CA PHE B 96 21.95 2.95 34.07
C PHE B 96 20.94 2.29 35.02
N SER B 97 19.73 2.85 35.04
CA SER B 97 18.63 2.37 35.88
C SER B 97 17.51 1.77 35.03
N PRO B 98 17.16 0.47 35.25
CA PRO B 98 16.02 -0.15 34.58
C PRO B 98 14.67 0.11 35.27
N VAL B 99 14.67 0.95 36.30
CA VAL B 99 13.45 1.37 37.00
C VAL B 99 13.07 2.79 36.57
N SER B 100 13.95 3.76 36.80
CA SER B 100 13.69 5.17 36.40
C SER B 100 13.95 5.46 34.92
N TYR B 101 14.58 4.52 34.22
CA TYR B 101 14.96 4.65 32.80
C TYR B 101 16.01 5.74 32.51
N GLN B 102 16.65 6.26 33.57
CA GLN B 102 17.68 7.29 33.39
C GLN B 102 18.96 6.64 32.88
N HIS B 103 19.71 7.41 32.10
CA HIS B 103 21.01 6.98 31.55
C HIS B 103 20.84 5.78 30.61
N ASP B 104 19.91 5.92 29.66
CA ASP B 104 19.64 4.88 28.65
C ASP B 104 20.57 5.09 27.45
N LEU B 105 21.78 4.53 27.56
CA LEU B 105 22.72 4.49 26.44
C LEU B 105 23.74 3.35 26.57
N ALA B 106 24.25 2.93 25.42
CA ALA B 106 25.25 1.86 25.34
C ALA B 106 26.16 2.04 24.14
N LEU B 107 27.40 1.57 24.25
CA LEU B 107 28.40 1.65 23.19
C LEU B 107 28.89 0.25 22.82
N LEU B 108 28.72 -0.12 21.55
CA LEU B 108 29.15 -1.43 21.05
C LEU B 108 30.52 -1.36 20.36
N ARG B 109 31.47 -2.14 20.86
CA ARG B 109 32.77 -2.33 20.21
C ARG B 109 32.61 -3.37 19.10
N LEU B 110 32.85 -2.95 17.85
CA LEU B 110 32.74 -3.84 16.67
C LEU B 110 34.07 -4.55 16.43
N GLN B 111 33.99 -5.78 15.91
CA GLN B 111 35.18 -6.58 15.64
C GLN B 111 35.89 -6.10 14.38
N GLU B 112 37.11 -5.69 14.62
CA GLU B 112 38.06 -5.34 13.61
C GLU B 112 38.52 -6.71 13.16
N ASP B 113 38.34 -6.95 11.87
CA ASP B 113 38.73 -8.22 11.27
C ASP B 113 40.23 -8.14 11.03
N ALA B 114 40.74 -9.07 10.24
CA ALA B 114 42.17 -9.12 9.93
C ALA B 114 42.89 -7.80 9.71
N ASP B 115 42.70 -7.17 8.58
CA ASP B 115 43.30 -5.86 8.26
C ASP B 115 43.20 -4.78 9.34
N GLY B 116 42.38 -5.04 10.34
CA GLY B 116 42.21 -4.12 11.46
C GLY B 116 41.24 -2.98 11.19
N SER B 117 40.32 -3.19 10.25
CA SER B 117 39.27 -2.21 9.92
C SER B 117 37.92 -2.81 10.27
N CYS B 118 37.14 -2.10 11.08
CA CYS B 118 35.82 -2.59 11.51
C CYS B 118 34.73 -2.55 10.45
N ALA B 119 34.25 -1.34 10.17
CA ALA B 119 33.20 -1.14 9.18
C ALA B 119 33.90 -0.50 8.01
N LEU B 120 33.16 -0.34 6.91
CA LEU B 120 33.68 0.25 5.68
C LEU B 120 32.85 1.46 5.29
N LEU B 121 33.46 2.63 5.39
CA LEU B 121 32.80 3.87 4.99
C LEU B 121 32.48 3.87 3.50
N SER B 122 31.23 4.20 3.19
CA SER B 122 30.70 4.19 1.83
C SER B 122 29.54 5.19 1.74
N PRO B 123 28.99 5.41 0.52
CA PRO B 123 27.77 6.22 0.37
C PRO B 123 26.63 5.86 1.34
N TYR B 124 26.37 4.57 1.48
CA TYR B 124 25.26 4.08 2.32
C TYR B 124 25.66 3.80 3.77
N VAL B 125 26.88 3.34 4.00
CA VAL B 125 27.35 3.06 5.35
C VAL B 125 28.26 4.20 5.80
N GLN B 126 27.75 5.05 6.68
CA GLN B 126 28.49 6.21 7.10
C GLN B 126 28.05 6.72 8.45
N PRO B 127 29.01 6.93 9.38
CA PRO B 127 28.71 7.38 10.73
C PRO B 127 27.89 8.67 10.73
N VAL B 128 27.66 9.24 11.92
CA VAL B 128 26.91 10.47 12.05
C VAL B 128 27.16 11.14 13.38
N CYS B 129 28.18 11.99 13.31
CA CYS B 129 28.82 12.76 14.42
C CYS B 129 27.81 13.39 15.38
N LEU B 130 28.25 13.48 16.63
CA LEU B 130 27.56 14.10 17.74
C LEU B 130 27.69 15.61 17.65
N PRO B 131 27.03 16.30 18.58
CA PRO B 131 26.95 17.73 18.80
C PRO B 131 28.12 18.19 19.60
N SER B 132 28.63 19.37 19.25
CA SER B 132 29.80 19.97 19.88
C SER B 132 29.73 20.03 21.39
N GLY B 133 28.63 20.62 21.84
CA GLY B 133 28.31 20.80 23.27
C GLY B 133 27.76 22.17 23.60
N ALA B 134 28.13 23.17 22.79
CA ALA B 134 27.69 24.58 22.96
C ALA B 134 26.50 24.98 22.08
N ALA B 135 25.97 24.05 21.27
CA ALA B 135 24.95 24.35 20.25
C ALA B 135 23.55 23.81 20.57
N ARG B 136 23.23 23.76 21.87
CA ARG B 136 21.92 23.23 22.34
C ARG B 136 20.86 23.59 21.31
N PRO B 137 20.07 22.62 20.84
CA PRO B 137 19.09 22.85 19.76
C PRO B 137 17.99 23.84 20.16
N SER B 138 17.75 24.80 19.28
CA SER B 138 16.74 25.83 19.51
C SER B 138 15.33 25.25 19.38
N GLU B 139 14.34 26.00 19.87
CA GLU B 139 12.92 25.63 19.72
C GLU B 139 12.33 26.02 18.35
N THR B 140 13.12 26.75 17.54
CA THR B 140 12.77 27.02 16.14
C THR B 140 13.30 25.96 15.17
N THR B 141 14.27 25.14 15.61
CA THR B 141 14.89 24.11 14.77
C THR B 141 13.96 22.92 14.57
N LEU B 142 14.23 22.14 13.53
CA LEU B 142 13.43 20.91 13.34
C LEU B 142 14.31 19.69 13.55
N CYS B 143 13.73 18.51 13.47
CA CYS B 143 14.49 17.28 13.60
C CYS B 143 13.73 16.08 13.02
N GLN B 144 14.49 15.03 12.69
CA GLN B 144 13.93 13.81 12.10
C GLN B 144 14.15 12.63 12.98
N VAL B 145 13.40 11.56 12.79
CA VAL B 145 13.56 10.35 13.59
C VAL B 145 13.31 9.10 12.77
N ALA B 146 14.14 8.10 12.95
CA ALA B 146 14.05 6.85 12.19
C ALA B 146 13.79 5.65 13.11
N GLY B 147 13.52 4.50 12.50
CA GLY B 147 13.27 3.26 13.24
C GLY B 147 12.44 2.24 12.46
N TRP B 148 12.42 1.01 12.96
CA TRP B 148 11.73 -0.13 12.32
C TRP B 148 10.46 -0.59 13.07
N GLY B 149 9.94 0.27 13.94
CA GLY B 149 9.00 -0.19 14.96
C GLY B 149 7.57 -0.36 14.56
N HIS B 150 6.77 -0.68 15.57
CA HIS B 150 5.33 -0.75 15.45
C HIS B 150 4.85 0.41 14.61
N GLN B 151 4.09 0.11 13.55
CA GLN B 151 3.61 1.13 12.62
C GLN B 151 2.53 1.94 13.30
N PHE B 152 1.45 1.27 13.67
CA PHE B 152 0.39 1.98 14.30
C PHE B 152 0.16 1.41 15.65
N GLU B 153 0.19 2.30 16.62
CA GLU B 153 -0.08 1.98 18.03
C GLU B 153 -1.08 0.84 18.18
N GLY B 154 -0.68 -0.20 18.90
CA GLY B 154 -1.51 -1.39 19.12
C GLY B 154 -1.06 -2.60 18.33
N ALA B 155 -1.01 -2.45 17.02
CA ALA B 155 -0.60 -3.52 16.10
C ALA B 155 0.73 -4.21 16.39
N GLU B 156 0.70 -5.53 16.49
CA GLU B 156 1.90 -6.33 16.78
C GLU B 156 2.61 -6.86 15.53
N GLU B 157 3.65 -6.15 15.14
CA GLU B 157 4.61 -6.55 14.11
C GLU B 157 5.55 -5.36 13.89
N TYR B 158 6.81 -5.62 13.61
CA TYR B 158 7.71 -4.53 13.33
C TYR B 158 7.25 -4.10 11.95
N ALA B 159 8.01 -3.21 11.35
CA ALA B 159 7.73 -2.79 10.01
C ALA B 159 8.71 -3.45 9.06
N SER B 160 8.83 -2.88 7.86
CA SER B 160 9.77 -3.40 6.95
C SER B 160 10.64 -2.31 6.43
N PHE B 161 10.09 -1.40 5.64
CA PHE B 161 11.05 -0.40 5.10
C PHE B 161 11.29 0.65 6.16
N LEU B 162 12.43 0.48 6.80
CA LEU B 162 12.78 1.30 7.94
C LEU B 162 12.18 2.66 7.72
N GLN B 163 11.48 3.18 8.69
CA GLN B 163 10.65 4.33 8.44
C GLN B 163 11.12 5.53 9.18
N GLU B 164 10.62 6.69 8.77
CA GLU B 164 10.96 7.94 9.39
C GLU B 164 9.78 8.84 9.50
N ALA B 165 9.95 9.88 10.29
CA ALA B 165 8.98 10.96 10.45
C ALA B 165 9.63 12.19 11.09
N GLN B 166 9.14 13.37 10.75
CA GLN B 166 9.63 14.60 11.36
C GLN B 166 8.88 14.92 12.64
N VAL B 167 9.58 15.56 13.58
CA VAL B 167 9.03 15.91 14.89
C VAL B 167 9.64 17.25 15.36
N PRO B 168 8.90 18.03 16.17
CA PRO B 168 9.45 19.26 16.73
C PRO B 168 10.08 19.06 18.08
N PHE B 169 10.99 19.96 18.45
CA PHE B 169 11.62 19.92 19.76
C PHE B 169 10.68 20.49 20.83
N LEU B 170 10.61 19.80 21.97
CA LEU B 170 9.88 20.25 23.14
C LEU B 170 10.89 20.52 24.28
N SER B 171 10.73 21.66 24.96
CA SER B 171 11.60 22.01 26.10
C SER B 171 11.38 21.10 27.31
N LEU B 172 12.25 21.19 28.29
CA LEU B 172 12.08 20.39 29.50
C LEU B 172 10.93 20.79 30.39
N GLU B 173 10.67 22.08 30.45
CA GLU B 173 9.59 22.59 31.28
C GLU B 173 8.28 22.10 30.71
N ARG B 174 8.03 22.49 29.47
CA ARG B 174 6.81 22.13 28.75
C ARG B 174 6.57 20.64 28.81
N CYS B 175 7.66 19.89 28.73
CA CYS B 175 7.55 18.44 28.82
C CYS B 175 7.19 17.98 30.24
N SER B 176 7.83 18.58 31.25
CA SER B 176 7.74 18.12 32.64
C SER B 176 6.59 18.69 33.49
N ALA B 177 5.58 19.22 32.81
CA ALA B 177 4.38 19.62 33.53
C ALA B 177 3.81 18.35 34.12
N PRO B 178 2.86 18.51 35.04
CA PRO B 178 2.34 17.33 35.71
C PRO B 178 1.27 16.63 34.93
N ASP B 179 0.80 17.22 33.84
CA ASP B 179 -0.26 16.60 33.06
C ASP B 179 0.22 16.01 31.75
N VAL B 180 1.54 15.80 31.63
CA VAL B 180 2.20 15.16 30.47
C VAL B 180 3.36 14.26 30.83
N HIS B 181 4.34 14.79 31.50
CA HIS B 181 5.47 14.02 31.94
C HIS B 181 5.97 14.70 33.18
N GLY B 182 5.27 14.44 34.29
CA GLY B 182 5.50 15.11 35.58
C GLY B 182 6.89 15.24 36.20
N SER B 183 7.43 14.11 36.67
CA SER B 183 8.61 14.04 37.46
C SER B 183 9.20 12.79 36.93
N SER B 184 8.83 12.46 35.70
CA SER B 184 9.37 11.28 35.03
C SER B 184 10.58 11.63 34.15
N ILE B 185 10.74 12.92 33.81
CA ILE B 185 11.88 13.38 32.99
C ILE B 185 13.05 13.77 33.88
N LEU B 186 14.09 12.95 33.86
CA LEU B 186 15.27 13.14 34.68
C LEU B 186 16.35 13.83 33.86
N PRO B 187 17.46 14.25 34.50
CA PRO B 187 18.60 14.72 33.74
C PRO B 187 19.12 13.62 32.83
N GLY B 188 19.52 14.01 31.63
CA GLY B 188 19.93 13.06 30.59
C GLY B 188 18.72 12.45 29.95
N MET B 189 17.72 13.30 29.74
CA MET B 189 16.51 13.00 28.98
C MET B 189 15.99 14.28 28.35
N LEU B 190 15.70 14.20 27.05
CA LEU B 190 14.98 15.27 26.35
C LEU B 190 13.70 14.72 25.74
N CYS B 191 12.81 15.63 25.38
CA CYS B 191 11.52 15.27 24.78
C CYS B 191 11.44 15.85 23.39
N ALA B 192 10.64 15.21 22.54
CA ALA B 192 10.38 15.70 21.19
C ALA B 192 9.11 15.06 20.65
N GLY B 193 8.13 15.90 20.33
CA GLY B 193 6.86 15.41 19.79
C GLY B 193 5.79 16.46 19.76
N PHE B 194 4.69 16.12 19.08
CA PHE B 194 3.50 16.96 19.05
C PHE B 194 2.64 16.65 20.25
N LEU B 195 2.22 17.69 20.95
CA LEU B 195 1.35 17.54 22.11
C LEU B 195 -0.10 17.17 21.74
N GLU B 196 -0.47 17.34 20.47
CA GLU B 196 -1.86 17.09 20.00
C GLU B 196 -2.15 15.72 19.35
N GLY B 197 -1.30 14.73 19.57
CA GLY B 197 -1.58 13.36 19.11
C GLY B 197 -1.10 13.08 17.70
N GLY B 198 0.07 13.60 17.37
CA GLY B 198 0.65 13.42 16.04
C GLY B 198 1.51 12.17 15.96
N THR B 199 2.80 12.38 15.78
CA THR B 199 3.77 11.32 15.47
C THR B 199 4.74 11.08 16.62
N ASP B 200 5.23 9.85 16.74
CA ASP B 200 6.17 9.50 17.81
C ASP B 200 6.78 8.11 17.57
N ALA B 201 7.94 7.88 18.17
CA ALA B 201 8.56 6.59 18.11
C ALA B 201 7.74 5.68 18.99
N CYS B 202 7.59 4.43 18.57
CA CYS B 202 6.81 3.43 19.30
C CYS B 202 7.67 2.21 19.65
N GLN B 203 7.03 1.13 20.09
CA GLN B 203 7.74 -0.07 20.57
C GLN B 203 8.49 -0.83 19.48
N GLY B 204 9.80 -0.70 19.48
CA GLY B 204 10.66 -1.38 18.51
C GLY B 204 11.83 -0.53 18.05
N ASP B 205 11.67 0.79 18.20
CA ASP B 205 12.67 1.76 17.76
C ASP B 205 13.70 2.00 18.85
N SER B 206 13.49 1.43 20.03
CA SER B 206 14.42 1.62 21.15
C SER B 206 15.79 1.55 20.53
N GLY B 207 16.54 2.63 20.66
CA GLY B 207 17.89 2.69 20.11
C GLY B 207 18.06 3.28 18.72
N GLY B 208 16.96 3.77 18.17
CA GLY B 208 16.97 4.40 16.87
C GLY B 208 17.05 5.91 17.01
N PRO B 209 18.07 6.45 16.33
CA PRO B 209 18.50 7.82 16.36
C PRO B 209 17.47 8.94 16.26
N LEU B 210 17.93 10.14 16.51
CA LEU B 210 17.14 11.32 16.39
C LEU B 210 18.06 12.36 15.82
N VAL B 211 18.45 12.15 14.57
CA VAL B 211 19.40 13.06 13.85
C VAL B 211 18.73 14.41 13.58
N CYS B 212 19.19 15.47 14.23
CA CYS B 212 18.65 16.80 14.02
C CYS B 212 19.51 17.61 13.06
N GLU B 213 19.07 18.85 12.82
CA GLU B 213 19.75 19.76 11.96
C GLU B 213 20.25 20.96 12.73
N ASP B 214 21.54 21.26 12.56
CA ASP B 214 22.21 22.42 13.21
C ASP B 214 23.57 21.97 13.75
N ARG B 215 28.22 21.97 11.90
CA ARG B 215 27.84 20.95 10.94
C ARG B 215 26.35 21.03 10.65
N ARG B 216 25.91 20.30 9.62
CA ARG B 216 24.53 20.30 9.21
C ARG B 216 23.65 19.44 10.08
N LEU B 217 23.78 18.13 9.92
CA LEU B 217 22.94 17.18 10.61
C LEU B 217 23.76 16.44 11.65
N THR B 218 23.30 16.50 12.90
CA THR B 218 24.07 15.99 14.04
C THR B 218 23.18 15.28 15.05
N LEU B 219 23.73 14.22 15.65
CA LEU B 219 22.98 13.36 16.58
C LEU B 219 22.76 14.02 17.93
N GLN B 220 21.50 14.34 18.24
CA GLN B 220 21.13 14.98 19.50
C GLN B 220 19.98 14.23 20.17
N GLY B 221 20.09 12.90 20.23
CA GLY B 221 19.14 12.07 20.98
C GLY B 221 18.97 10.66 20.43
N ILE B 222 18.75 9.70 21.33
CA ILE B 222 18.41 8.31 20.98
C ILE B 222 17.12 7.87 21.67
N ILE B 223 16.31 7.10 20.95
CA ILE B 223 14.96 6.74 21.40
C ILE B 223 15.03 5.96 22.69
N SER B 224 14.33 6.48 23.71
CA SER B 224 14.27 5.87 25.04
C SER B 224 12.88 5.30 25.33
N TRP B 225 11.88 6.17 25.43
CA TRP B 225 10.50 5.73 25.71
C TRP B 225 9.39 6.71 25.35
N GLY B 226 8.18 6.18 25.39
CA GLY B 226 6.95 6.96 25.31
C GLY B 226 5.89 6.26 26.14
N SER B 227 5.01 7.04 26.75
CA SER B 227 3.87 6.50 27.49
C SER B 227 2.69 6.41 26.53
N GLY B 228 2.79 5.43 25.63
CA GLY B 228 1.90 5.34 24.48
C GLY B 228 2.60 5.90 23.27
N CYS B 229 2.09 5.55 22.10
CA CYS B 229 2.72 5.86 20.82
C CYS B 229 1.96 6.99 20.13
N GLY B 230 2.45 8.22 20.32
CA GLY B 230 1.86 9.41 19.73
C GLY B 230 0.47 9.70 20.27
N ASP B 231 0.33 9.55 21.58
CA ASP B 231 -0.95 9.81 22.26
C ASP B 231 -1.11 11.29 22.50
N ARG B 232 -2.31 11.64 22.93
CA ARG B 232 -2.65 12.98 23.30
C ARG B 232 -1.81 13.32 24.51
N ASN B 233 -0.95 14.30 24.38
CA ASN B 233 -0.07 14.81 25.46
C ASN B 233 0.89 13.77 26.08
N LYS B 234 1.27 12.77 25.29
CA LYS B 234 2.27 11.76 25.71
C LYS B 234 3.37 11.68 24.64
N PRO B 235 4.25 12.70 24.59
CA PRO B 235 5.30 12.73 23.57
C PRO B 235 6.40 11.71 23.78
N GLY B 236 7.33 11.69 22.84
CA GLY B 236 8.52 10.86 22.95
C GLY B 236 9.46 11.39 24.02
N VAL B 237 10.27 10.48 24.54
CA VAL B 237 11.35 10.82 25.47
C VAL B 237 12.60 10.10 24.97
N TYR B 238 13.67 10.87 24.81
CA TYR B 238 14.93 10.38 24.26
C TYR B 238 16.02 10.70 25.28
N THR B 239 17.17 10.03 25.16
CA THR B 239 18.33 10.31 26.01
C THR B 239 19.16 11.39 25.33
N ASP B 240 19.24 12.56 25.95
CA ASP B 240 20.02 13.64 25.40
C ASP B 240 21.44 13.14 25.35
N VAL B 241 22.11 13.32 24.22
CA VAL B 241 23.54 12.88 24.21
C VAL B 241 24.37 14.01 24.77
N ALA B 242 24.19 15.20 24.21
CA ALA B 242 25.10 16.28 24.65
C ALA B 242 25.50 16.19 26.12
N TYR B 243 24.57 15.72 26.95
CA TYR B 243 24.84 15.55 28.37
C TYR B 243 25.94 14.52 28.54
N TYR B 244 25.86 13.43 27.79
CA TYR B 244 26.86 12.36 27.84
C TYR B 244 27.94 12.52 26.76
N LEU B 245 28.26 13.77 26.40
CA LEU B 245 29.27 14.03 25.37
C LEU B 245 30.65 13.60 25.87
N ALA B 246 30.99 14.05 27.07
CA ALA B 246 32.25 13.69 27.72
C ALA B 246 32.38 12.19 28.05
N TRP B 247 31.23 11.54 28.33
CA TRP B 247 31.20 10.10 28.62
C TRP B 247 31.52 9.26 27.38
N ILE B 248 30.95 9.64 26.23
CA ILE B 248 31.17 8.93 24.98
C ILE B 248 32.63 9.06 24.52
N ARG B 249 33.21 10.22 24.62
CA ARG B 249 34.59 10.31 24.24
C ARG B 249 35.36 9.26 24.99
N GLU B 250 35.26 9.32 26.29
CA GLU B 250 36.04 8.44 27.17
C GLU B 250 36.16 6.99 26.69
N HIS B 251 35.03 6.40 26.31
CA HIS B 251 34.96 4.96 26.02
C HIS B 251 34.95 4.61 24.52
N THR B 252 35.04 5.62 23.65
CA THR B 252 35.18 5.41 22.19
C THR B 252 36.51 5.90 21.65
N VAL B 253 37.50 6.04 22.50
CA VAL B 253 38.78 6.41 21.98
C VAL B 253 39.62 5.17 21.86
N SER B 254 40.59 5.29 20.95
CA SER B 254 41.49 4.20 20.68
C SER B 254 42.73 4.44 21.50
N LYS C 3 -53.44 3.60 -5.93
CA LYS C 3 -52.51 2.79 -6.77
C LYS C 3 -52.63 1.30 -6.44
N ILE C 4 -52.73 1.02 -5.15
CA ILE C 4 -52.80 -0.33 -4.59
C ILE C 4 -54.18 -0.90 -4.88
N GLU C 5 -54.24 -2.21 -5.19
CA GLU C 5 -55.52 -2.89 -5.41
C GLU C 5 -56.24 -3.11 -4.07
N GLU C 6 -57.53 -2.76 -4.04
CA GLU C 6 -58.37 -3.01 -2.87
C GLU C 6 -58.70 -4.50 -2.79
N GLY C 7 -59.00 -4.99 -1.58
CA GLY C 7 -59.38 -6.39 -1.37
C GLY C 7 -58.23 -7.27 -0.92
N LYS C 8 -57.25 -7.46 -1.79
CA LYS C 8 -56.08 -8.29 -1.46
C LYS C 8 -55.10 -7.55 -0.54
N LEU C 9 -54.18 -8.30 0.07
CA LEU C 9 -53.12 -7.73 0.93
C LEU C 9 -51.71 -8.02 0.39
N VAL C 10 -50.75 -7.18 0.81
CA VAL C 10 -49.32 -7.33 0.45
C VAL C 10 -48.43 -7.00 1.65
N ILE C 11 -47.46 -7.87 1.93
CA ILE C 11 -46.57 -7.76 3.08
C ILE C 11 -45.10 -7.83 2.62
N TRP C 12 -44.28 -6.94 3.16
CA TRP C 12 -42.81 -6.94 2.95
C TRP C 12 -42.07 -7.26 4.25
N ILE C 13 -40.99 -8.04 4.16
CA ILE C 13 -40.17 -8.40 5.32
C ILE C 13 -38.77 -8.84 4.86
N ASN C 14 -37.76 -8.58 5.70
CA ASN C 14 -36.33 -8.77 5.36
C ASN C 14 -36.00 -10.15 4.78
N GLY C 15 -35.00 -10.19 3.89
CA GLY C 15 -34.59 -11.40 3.18
C GLY C 15 -34.09 -12.55 4.03
N ASP C 16 -33.65 -12.26 5.25
CA ASP C 16 -33.25 -13.30 6.22
C ASP C 16 -34.21 -13.32 7.41
N LYS C 17 -35.48 -13.58 7.10
CA LYS C 17 -36.55 -13.79 8.09
C LYS C 17 -37.48 -14.93 7.63
N GLY C 18 -38.41 -15.33 8.50
CA GLY C 18 -39.31 -16.45 8.21
C GLY C 18 -40.39 -16.13 7.21
N TYR C 19 -40.01 -16.06 5.94
CA TYR C 19 -40.95 -15.67 4.88
C TYR C 19 -41.82 -16.85 4.39
N ASN C 20 -41.23 -18.05 4.31
CA ASN C 20 -41.95 -19.28 3.92
C ASN C 20 -43.02 -19.69 4.95
N GLY C 21 -42.70 -19.53 6.23
CA GLY C 21 -43.66 -19.76 7.32
C GLY C 21 -44.75 -18.71 7.42
N LEU C 22 -44.42 -17.46 7.11
CA LEU C 22 -45.40 -16.37 7.08
C LEU C 22 -46.43 -16.56 5.97
N ALA C 23 -46.00 -17.11 4.84
CA ALA C 23 -46.89 -17.38 3.69
C ALA C 23 -47.84 -18.58 3.88
N GLU C 24 -47.55 -19.46 4.85
CA GLU C 24 -48.49 -20.52 5.27
C GLU C 24 -49.60 -19.93 6.13
N VAL C 25 -49.25 -18.99 7.01
CA VAL C 25 -50.21 -18.17 7.73
C VAL C 25 -50.97 -17.25 6.74
N GLY C 26 -50.31 -16.91 5.63
CA GLY C 26 -50.99 -16.37 4.45
C GLY C 26 -52.05 -17.31 3.91
N LYS C 27 -51.68 -18.57 3.69
CA LYS C 27 -52.62 -19.63 3.26
C LYS C 27 -53.75 -19.89 4.27
N LYS C 28 -53.50 -19.64 5.55
CA LYS C 28 -54.55 -19.71 6.58
C LYS C 28 -55.60 -18.59 6.43
N PHE C 29 -55.15 -17.38 6.09
CA PHE C 29 -56.07 -16.23 5.86
C PHE C 29 -56.87 -16.38 4.57
N GLU C 30 -56.28 -16.94 3.52
CA GLU C 30 -56.99 -17.23 2.27
C GLU C 30 -58.11 -18.22 2.50
N LYS C 31 -57.76 -19.39 3.02
CA LYS C 31 -58.64 -20.56 3.09
C LYS C 31 -59.92 -20.29 3.88
N ASP C 32 -59.79 -19.54 4.99
CA ASP C 32 -60.92 -19.28 5.89
C ASP C 32 -61.81 -18.12 5.41
N THR C 33 -61.26 -16.90 5.36
CA THR C 33 -62.06 -15.71 4.96
C THR C 33 -62.43 -15.73 3.47
N GLY C 34 -61.50 -16.18 2.62
CA GLY C 34 -61.68 -16.17 1.17
C GLY C 34 -61.22 -14.86 0.55
N ILE C 35 -59.98 -14.46 0.91
CA ILE C 35 -59.36 -13.20 0.46
C ILE C 35 -57.93 -13.51 -0.02
N LYS C 36 -57.52 -12.90 -1.13
CA LYS C 36 -56.17 -13.11 -1.69
C LYS C 36 -55.11 -12.44 -0.79
N VAL C 37 -54.03 -13.16 -0.47
CA VAL C 37 -52.91 -12.62 0.33
C VAL C 37 -51.57 -13.14 -0.20
N THR C 38 -50.59 -12.25 -0.28
CA THR C 38 -49.27 -12.59 -0.81
C THR C 38 -48.17 -11.91 0.00
N VAL C 39 -47.24 -12.72 0.49
CA VAL C 39 -45.98 -12.23 1.07
C VAL C 39 -45.00 -11.98 -0.07
N GLU C 40 -44.21 -10.92 0.05
CA GLU C 40 -43.17 -10.56 -0.92
C GLU C 40 -41.95 -10.07 -0.14
N HIS C 41 -40.76 -10.62 -0.40
CA HIS C 41 -39.53 -10.20 0.32
C HIS C 41 -38.54 -9.44 -0.59
N PRO C 42 -38.73 -8.10 -0.72
CA PRO C 42 -37.80 -7.31 -1.53
C PRO C 42 -36.44 -7.07 -0.86
N ASP C 43 -35.42 -6.85 -1.69
CA ASP C 43 -34.09 -6.50 -1.20
C ASP C 43 -34.07 -5.04 -0.76
N LYS C 44 -33.33 -4.75 0.31
CA LYS C 44 -33.20 -3.40 0.84
C LYS C 44 -34.54 -2.69 0.96
N LEU C 45 -35.42 -3.27 1.76
CA LEU C 45 -36.75 -2.68 1.98
C LEU C 45 -36.78 -1.66 3.13
N GLU C 46 -35.71 -1.62 3.93
CA GLU C 46 -35.49 -0.56 4.93
C GLU C 46 -35.57 0.86 4.34
N GLU C 47 -35.12 1.01 3.09
CA GLU C 47 -35.12 2.28 2.36
C GLU C 47 -36.10 2.34 1.17
N LYS C 48 -36.55 1.20 0.66
CA LYS C 48 -37.46 1.14 -0.50
C LYS C 48 -38.87 1.66 -0.18
N PHE C 49 -39.29 1.51 1.08
CA PHE C 49 -40.62 1.95 1.51
C PHE C 49 -40.84 3.47 1.52
N PRO C 50 -39.92 4.25 2.14
CA PRO C 50 -40.13 5.73 2.15
C PRO C 50 -40.05 6.46 0.79
N GLN C 51 -39.58 5.81 -0.26
CA GLN C 51 -39.66 6.35 -1.62
C GLN C 51 -41.07 6.32 -2.21
N VAL C 52 -41.84 5.29 -1.87
CA VAL C 52 -43.06 4.94 -2.61
C VAL C 52 -44.39 5.49 -2.06
N ALA C 53 -44.52 5.60 -0.74
CA ALA C 53 -45.84 5.80 -0.09
C ALA C 53 -46.47 7.20 -0.16
N ALA C 54 -45.63 8.24 -0.12
CA ALA C 54 -46.11 9.62 -0.27
C ALA C 54 -46.61 9.81 -1.68
N THR C 55 -45.95 9.13 -2.60
CA THR C 55 -46.37 9.08 -3.98
C THR C 55 -47.75 8.47 -3.93
N GLY C 56 -47.81 7.25 -3.43
CA GLY C 56 -49.07 6.54 -3.29
C GLY C 56 -49.00 5.04 -3.23
N ASP C 57 -47.88 4.44 -3.58
CA ASP C 57 -47.80 2.99 -3.62
C ASP C 57 -46.89 2.38 -2.57
N GLY C 58 -46.87 1.05 -2.59
CA GLY C 58 -46.03 0.22 -1.72
C GLY C 58 -46.76 -1.08 -1.41
N PRO C 59 -46.51 -1.64 -0.21
CA PRO C 59 -47.28 -2.75 0.35
C PRO C 59 -48.37 -2.24 1.29
N ASP C 60 -49.23 -3.14 1.75
CA ASP C 60 -50.30 -2.79 2.70
C ASP C 60 -49.73 -2.73 4.13
N ILE C 61 -49.03 -3.79 4.51
CA ILE C 61 -48.35 -3.87 5.80
C ILE C 61 -46.88 -4.13 5.51
N ILE C 62 -46.00 -3.70 6.41
CA ILE C 62 -44.55 -3.80 6.23
C ILE C 62 -43.85 -4.19 7.54
N PHE C 63 -42.78 -4.96 7.44
CA PHE C 63 -42.01 -5.43 8.61
C PHE C 63 -40.57 -4.90 8.62
N TRP C 64 -40.19 -4.25 9.72
CA TRP C 64 -38.78 -4.02 10.05
C TRP C 64 -38.69 -3.82 11.57
N ALA C 65 -37.45 -3.77 12.11
CA ALA C 65 -37.22 -3.36 13.49
C ALA C 65 -37.63 -1.90 13.68
N HIS C 66 -37.95 -1.52 14.92
CA HIS C 66 -38.56 -0.21 15.22
C HIS C 66 -37.66 1.02 15.02
N ASP C 67 -36.40 0.78 14.65
CA ASP C 67 -35.46 1.87 14.43
C ASP C 67 -36.05 2.99 13.60
N ARG C 68 -36.70 2.61 12.53
CA ARG C 68 -37.24 3.53 11.52
C ARG C 68 -38.60 4.11 11.91
N PHE C 69 -39.54 3.20 12.20
CA PHE C 69 -40.99 3.49 12.33
C PHE C 69 -41.44 4.89 12.76
N GLY C 70 -40.82 5.45 13.80
CA GLY C 70 -41.18 6.78 14.30
C GLY C 70 -40.98 7.92 13.30
N GLY C 71 -40.03 7.74 12.39
CA GLY C 71 -39.82 8.66 11.27
C GLY C 71 -40.90 8.56 10.20
N TYR C 72 -41.41 7.35 9.96
CA TYR C 72 -42.47 7.13 8.98
C TYR C 72 -43.78 7.81 9.38
N ALA C 73 -44.13 7.72 10.67
CA ALA C 73 -45.33 8.36 11.19
C ALA C 73 -45.29 9.89 11.13
N GLN C 74 -44.10 10.48 11.21
CA GLN C 74 -43.93 11.93 11.20
C GLN C 74 -44.27 12.58 9.83
N SER C 75 -43.79 11.96 8.75
CA SER C 75 -44.02 12.46 7.39
C SER C 75 -45.45 12.23 6.86
N GLY C 76 -46.21 11.35 7.51
CA GLY C 76 -47.59 11.00 7.14
C GLY C 76 -47.75 9.62 6.52
N LEU C 77 -46.79 8.73 6.76
CA LEU C 77 -46.72 7.43 6.06
C LEU C 77 -47.45 6.29 6.76
N LEU C 78 -47.63 6.37 8.08
CA LEU C 78 -48.32 5.31 8.83
C LEU C 78 -49.72 5.71 9.28
N ALA C 79 -50.57 4.70 9.50
CA ALA C 79 -51.93 4.86 10.02
C ALA C 79 -51.92 4.52 11.52
N GLU C 80 -52.25 5.51 12.34
CA GLU C 80 -52.19 5.40 13.80
C GLU C 80 -53.10 4.29 14.33
N ILE C 81 -52.49 3.19 14.78
CA ILE C 81 -53.26 2.03 15.26
C ILE C 81 -53.87 2.28 16.65
N THR C 82 -55.00 1.61 16.89
CA THR C 82 -55.65 1.55 18.20
C THR C 82 -56.26 0.15 18.40
N PRO C 83 -55.41 -0.87 18.70
CA PRO C 83 -55.90 -2.21 19.07
C PRO C 83 -56.79 -2.20 20.32
N ALA C 84 -57.82 -3.06 20.33
CA ALA C 84 -58.73 -3.16 21.48
C ALA C 84 -57.97 -3.60 22.74
N ALA C 85 -58.29 -2.99 23.88
CA ALA C 85 -57.42 -3.09 25.06
C ALA C 85 -57.50 -4.44 25.82
N ALA C 86 -58.39 -5.33 25.38
CA ALA C 86 -58.32 -6.76 25.76
C ALA C 86 -57.09 -7.43 25.12
N PHE C 87 -56.80 -7.05 23.88
CA PHE C 87 -55.65 -7.56 23.11
C PHE C 87 -54.27 -7.05 23.60
N GLN C 88 -54.22 -5.84 24.18
CA GLN C 88 -52.93 -5.21 24.53
C GLN C 88 -52.22 -5.80 25.76
N ASP C 89 -52.97 -6.49 26.62
CA ASP C 89 -52.38 -7.28 27.72
C ASP C 89 -51.86 -8.65 27.25
N LYS C 90 -52.29 -9.08 26.06
CA LYS C 90 -51.78 -10.30 25.41
C LYS C 90 -50.31 -10.16 25.04
N LEU C 91 -49.90 -8.92 24.73
CA LEU C 91 -48.49 -8.57 24.45
C LEU C 91 -47.89 -7.75 25.61
N TYR C 92 -46.56 -7.81 25.75
CA TYR C 92 -45.86 -7.12 26.85
C TYR C 92 -45.93 -5.59 26.66
N PRO C 93 -46.13 -4.80 27.75
CA PRO C 93 -46.12 -3.33 27.62
C PRO C 93 -44.81 -2.67 27.12
N PHE C 94 -43.65 -3.27 27.37
CA PHE C 94 -42.36 -2.69 26.96
C PHE C 94 -42.08 -2.80 25.45
N THR C 95 -42.76 -3.74 24.78
CA THR C 95 -42.76 -3.82 23.31
C THR C 95 -43.67 -2.74 22.70
N TRP C 96 -44.74 -2.38 23.41
CA TRP C 96 -45.60 -1.25 23.02
C TRP C 96 -44.97 0.15 23.26
N ASP C 97 -43.92 0.23 24.10
CA ASP C 97 -43.21 1.51 24.37
C ASP C 97 -42.26 1.92 23.24
N ALA C 98 -41.73 0.93 22.53
CA ALA C 98 -40.95 1.14 21.29
C ALA C 98 -41.75 1.91 20.25
N VAL C 99 -42.93 1.40 19.95
CA VAL C 99 -43.77 1.91 18.86
C VAL C 99 -44.63 3.14 19.21
N ARG C 100 -44.65 3.56 20.49
CA ARG C 100 -45.44 4.72 20.89
C ARG C 100 -44.75 6.02 20.45
N TYR C 101 -45.40 6.76 19.56
CA TYR C 101 -44.89 8.04 19.02
C TYR C 101 -45.97 9.11 19.16
N ASN C 102 -45.61 10.25 19.76
CA ASN C 102 -46.56 11.31 20.17
C ASN C 102 -47.64 10.78 21.13
N GLY C 103 -47.22 9.92 22.05
CA GLY C 103 -48.13 9.22 22.96
C GLY C 103 -49.21 8.39 22.26
N LYS C 104 -48.85 7.79 21.11
CA LYS C 104 -49.80 7.10 20.23
C LYS C 104 -49.14 5.92 19.50
N LEU C 105 -49.91 4.84 19.37
CA LEU C 105 -49.40 3.57 18.82
C LEU C 105 -49.53 3.53 17.28
N ILE C 106 -48.48 3.02 16.63
CA ILE C 106 -48.37 3.00 15.14
C ILE C 106 -47.98 1.66 14.47
N ALA C 107 -47.73 0.61 15.26
CA ALA C 107 -47.28 -0.68 14.70
C ALA C 107 -47.50 -1.83 15.70
N TYR C 108 -47.72 -3.03 15.18
CA TYR C 108 -47.97 -4.25 15.97
C TYR C 108 -46.65 -5.01 16.20
N PRO C 109 -46.09 -4.93 17.42
CA PRO C 109 -44.78 -5.56 17.65
C PRO C 109 -44.88 -7.08 17.79
N ILE C 110 -43.92 -7.78 17.18
CA ILE C 110 -43.94 -9.24 17.09
C ILE C 110 -42.79 -9.88 17.85
N ALA C 111 -41.55 -9.55 17.46
CA ALA C 111 -40.35 -10.18 18.02
C ALA C 111 -39.41 -9.18 18.69
N VAL C 112 -38.53 -9.71 19.55
CA VAL C 112 -37.50 -8.93 20.22
C VAL C 112 -36.15 -9.54 19.85
N GLU C 113 -35.42 -8.91 18.95
CA GLU C 113 -34.18 -9.52 18.56
C GLU C 113 -32.97 -9.01 19.29
N ALA C 114 -31.95 -9.83 19.33
CA ALA C 114 -30.67 -9.50 19.95
C ALA C 114 -29.57 -10.41 19.41
N LEU C 115 -28.42 -9.81 19.12
CA LEU C 115 -27.27 -10.57 18.64
C LEU C 115 -26.66 -11.35 19.80
N SER C 116 -26.35 -12.63 19.55
CA SER C 116 -25.90 -13.58 20.56
C SER C 116 -24.63 -14.26 20.06
N LEU C 117 -23.62 -14.39 20.92
CA LEU C 117 -22.33 -14.98 20.50
C LEU C 117 -22.48 -16.46 20.10
N ILE C 118 -22.38 -16.72 18.80
CA ILE C 118 -22.39 -18.09 18.26
C ILE C 118 -20.95 -18.60 18.22
N TYR C 119 -20.78 -19.88 18.53
CA TYR C 119 -19.48 -20.54 18.48
C TYR C 119 -19.62 -22.04 18.20
N ASN C 120 -18.63 -22.61 17.52
CA ASN C 120 -18.59 -24.05 17.27
C ASN C 120 -18.14 -24.77 18.53
N LYS C 121 -18.86 -25.82 18.92
CA LYS C 121 -18.59 -26.53 20.18
C LYS C 121 -17.43 -27.54 20.06
N ASP C 122 -17.21 -28.10 18.87
CA ASP C 122 -16.07 -28.99 18.59
C ASP C 122 -14.75 -28.24 18.42
N LEU C 123 -14.77 -27.20 17.59
CA LEU C 123 -13.57 -26.40 17.28
C LEU C 123 -13.11 -25.51 18.43
N LEU C 124 -14.06 -25.06 19.27
CA LEU C 124 -13.75 -24.20 20.42
C LEU C 124 -14.75 -24.46 21.58
N PRO C 125 -14.43 -25.40 22.50
CA PRO C 125 -15.35 -25.72 23.60
C PRO C 125 -15.45 -24.63 24.69
N ASN C 126 -14.36 -23.92 24.94
CA ASN C 126 -14.34 -22.73 25.80
C ASN C 126 -14.41 -21.46 24.93
N PRO C 127 -15.61 -20.82 24.85
CA PRO C 127 -15.68 -19.56 24.11
C PRO C 127 -15.06 -18.41 24.93
N PRO C 128 -14.18 -17.58 24.30
CA PRO C 128 -13.46 -16.55 25.05
C PRO C 128 -14.35 -15.65 25.90
N LYS C 129 -13.94 -15.44 27.15
CA LYS C 129 -14.65 -14.63 28.12
C LYS C 129 -14.74 -13.16 27.68
N THR C 130 -13.63 -12.68 27.11
CA THR C 130 -13.45 -11.29 26.76
C THR C 130 -12.90 -11.17 25.34
N TRP C 131 -12.84 -9.95 24.85
CA TRP C 131 -12.33 -9.66 23.51
C TRP C 131 -10.80 -9.67 23.40
N GLU C 132 -10.13 -9.07 24.39
CA GLU C 132 -8.68 -8.80 24.31
C GLU C 132 -7.81 -10.02 23.99
N GLU C 133 -8.29 -11.22 24.33
CA GLU C 133 -7.57 -12.48 24.06
C GLU C 133 -7.78 -13.11 22.67
N ILE C 134 -8.53 -12.44 21.77
CA ILE C 134 -8.85 -13.00 20.45
C ILE C 134 -7.64 -13.09 19.49
N PRO C 135 -6.83 -12.01 19.37
CA PRO C 135 -5.60 -12.10 18.56
C PRO C 135 -4.74 -13.33 18.86
N ALA C 136 -4.49 -13.59 20.15
CA ALA C 136 -3.78 -14.78 20.58
C ALA C 136 -4.51 -16.06 20.17
N LEU C 137 -5.84 -16.05 20.32
CA LEU C 137 -6.69 -17.16 19.87
C LEU C 137 -6.65 -17.38 18.35
N ASP C 138 -6.57 -16.29 17.60
CA ASP C 138 -6.47 -16.39 16.14
C ASP C 138 -5.14 -16.98 15.71
N LYS C 139 -4.03 -16.53 16.29
CA LYS C 139 -2.69 -17.10 16.00
C LYS C 139 -2.68 -18.63 16.10
N GLU C 140 -3.36 -19.14 17.12
CA GLU C 140 -3.52 -20.59 17.32
C GLU C 140 -4.35 -21.24 16.22
N LEU C 141 -5.47 -20.62 15.86
CA LEU C 141 -6.41 -21.17 14.87
C LEU C 141 -5.98 -21.00 13.41
N LYS C 142 -5.26 -19.92 13.11
CA LYS C 142 -4.61 -19.73 11.80
C LYS C 142 -3.42 -20.68 11.57
N ALA C 143 -3.05 -21.48 12.58
CA ALA C 143 -2.15 -22.64 12.41
C ALA C 143 -2.90 -23.91 11.98
N LYS C 144 -4.15 -24.08 12.44
CA LYS C 144 -4.96 -25.28 12.18
C LYS C 144 -5.74 -25.28 10.85
N GLY C 145 -5.60 -24.23 10.03
CA GLY C 145 -6.42 -24.01 8.83
C GLY C 145 -7.77 -23.38 9.15
N LYS C 146 -7.85 -22.69 10.28
CA LYS C 146 -9.10 -22.15 10.84
C LYS C 146 -8.88 -20.69 11.26
N SER C 147 -9.83 -20.11 11.99
CA SER C 147 -9.70 -18.74 12.51
C SER C 147 -10.61 -18.52 13.72
N ALA C 148 -10.38 -17.41 14.42
CA ALA C 148 -11.09 -17.10 15.66
C ALA C 148 -12.47 -16.53 15.38
N LEU C 149 -12.49 -15.42 14.65
CA LEU C 149 -13.72 -14.66 14.44
C LEU C 149 -13.90 -14.27 12.97
N MET C 150 -15.14 -14.33 12.52
CA MET C 150 -15.54 -13.85 11.19
C MET C 150 -16.98 -13.36 11.26
N PHE C 151 -17.21 -12.09 10.95
CA PHE C 151 -18.58 -11.53 10.93
C PHE C 151 -18.73 -10.26 10.06
N ASN C 152 -19.98 -9.87 9.84
CA ASN C 152 -20.34 -8.75 8.96
C ASN C 152 -19.97 -7.41 9.59
N LEU C 153 -19.01 -6.72 8.97
CA LEU C 153 -18.51 -5.43 9.46
C LEU C 153 -19.10 -4.22 8.71
N GLN C 154 -19.73 -4.47 7.55
CA GLN C 154 -20.35 -3.42 6.74
C GLN C 154 -21.41 -2.71 7.55
N GLU C 155 -22.44 -3.47 7.94
CA GLU C 155 -23.52 -2.94 8.77
C GLU C 155 -22.97 -2.77 10.18
N PRO C 156 -23.16 -1.58 10.77
CA PRO C 156 -22.64 -1.31 12.11
C PRO C 156 -23.43 -2.01 13.21
N TYR C 157 -24.66 -2.43 12.90
CA TYR C 157 -25.50 -3.18 13.83
C TYR C 157 -24.80 -4.38 14.48
N PHE C 158 -23.94 -5.05 13.72
CA PHE C 158 -23.15 -6.19 14.22
C PHE C 158 -21.99 -5.76 15.14
N THR C 159 -21.30 -4.69 14.76
CA THR C 159 -20.12 -4.21 15.49
CA THR C 159 -20.13 -4.22 15.50
C THR C 159 -20.50 -3.43 16.74
N TRP C 160 -21.52 -2.58 16.64
CA TRP C 160 -21.94 -1.62 17.70
C TRP C 160 -21.76 -1.97 19.18
N PRO C 161 -22.01 -3.24 19.57
CA PRO C 161 -21.59 -3.72 20.89
C PRO C 161 -20.17 -3.28 21.29
N LEU C 162 -19.21 -3.53 20.40
CA LEU C 162 -17.81 -3.15 20.64
C LEU C 162 -17.61 -1.63 20.73
N ILE C 163 -18.33 -0.87 19.89
CA ILE C 163 -18.18 0.60 19.81
C ILE C 163 -18.67 1.33 21.07
N ALA C 164 -19.85 0.95 21.56
CA ALA C 164 -20.45 1.61 22.74
C ALA C 164 -19.78 1.28 24.08
N ALA C 165 -19.04 0.16 24.11
CA ALA C 165 -18.45 -0.44 25.33
C ALA C 165 -17.90 0.50 26.40
N ASP C 166 -16.80 1.19 26.09
CA ASP C 166 -16.07 1.98 27.09
C ASP C 166 -16.60 3.44 27.22
N GLY C 167 -17.88 3.66 26.91
CA GLY C 167 -18.52 4.98 27.04
C GLY C 167 -19.35 5.44 25.86
N GLY C 168 -19.11 4.86 24.67
CA GLY C 168 -19.78 5.28 23.45
C GLY C 168 -21.29 5.11 23.47
N TYR C 169 -22.00 5.96 22.72
CA TYR C 169 -23.46 5.87 22.59
C TYR C 169 -24.01 6.59 21.37
N ALA C 170 -25.28 6.31 21.08
CA ALA C 170 -25.99 6.95 20.00
C ALA C 170 -26.66 8.26 20.45
N PHE C 171 -27.70 8.16 21.27
CA PHE C 171 -28.51 9.31 21.69
C PHE C 171 -28.80 9.24 23.19
N LYS C 172 -28.74 10.40 23.85
CA LYS C 172 -28.85 10.51 25.30
C LYS C 172 -30.19 11.10 25.72
N TYR C 173 -30.67 10.66 26.89
CA TYR C 173 -32.01 10.95 27.40
C TYR C 173 -31.95 12.11 28.41
N ALA C 174 -32.39 13.30 27.98
CA ALA C 174 -32.30 14.56 28.77
C ALA C 174 -33.66 15.26 28.98
N ALA C 175 -34.00 15.53 30.24
CA ALA C 175 -35.28 16.15 30.66
C ALA C 175 -36.55 15.29 30.47
N GLY C 176 -36.38 13.98 30.30
CA GLY C 176 -37.48 13.03 30.09
C GLY C 176 -37.76 12.60 28.66
N LYS C 177 -36.84 12.91 27.74
CA LYS C 177 -37.01 12.62 26.30
C LYS C 177 -35.67 12.70 25.55
N TYR C 178 -35.51 11.88 24.50
CA TYR C 178 -34.25 11.78 23.72
C TYR C 178 -33.81 13.14 23.13
N ASP C 179 -32.59 13.56 23.44
CA ASP C 179 -32.06 14.88 23.03
C ASP C 179 -31.12 14.75 21.82
N ILE C 180 -31.59 15.25 20.66
CA ILE C 180 -30.90 15.05 19.35
C ILE C 180 -29.56 15.78 19.15
N LYS C 181 -29.29 16.80 19.97
CA LYS C 181 -28.04 17.57 19.86
C LYS C 181 -26.85 16.85 20.49
N ASP C 182 -27.06 16.21 21.63
CA ASP C 182 -26.00 15.42 22.27
C ASP C 182 -25.91 14.02 21.66
N VAL C 183 -24.76 13.75 21.03
CA VAL C 183 -24.41 12.42 20.53
C VAL C 183 -22.96 12.16 20.92
N GLY C 184 -22.67 10.93 21.34
CA GLY C 184 -21.33 10.55 21.77
C GLY C 184 -20.73 9.43 20.96
N VAL C 185 -20.72 9.61 19.64
CA VAL C 185 -20.13 8.63 18.71
C VAL C 185 -18.66 8.94 18.41
N ASP C 186 -18.20 10.17 18.70
CA ASP C 186 -16.77 10.56 18.53
C ASP C 186 -16.00 10.88 19.82
N ASN C 187 -16.60 10.59 20.99
CA ASN C 187 -15.90 10.70 22.28
C ASN C 187 -14.89 9.55 22.43
N ALA C 188 -13.94 9.72 23.34
CA ALA C 188 -12.85 8.74 23.52
C ALA C 188 -13.27 7.38 24.12
N GLY C 189 -14.49 7.31 24.66
CA GLY C 189 -15.11 6.05 25.05
C GLY C 189 -15.38 5.14 23.87
N ALA C 190 -15.93 5.72 22.80
CA ALA C 190 -16.19 4.97 21.56
C ALA C 190 -14.89 4.68 20.78
N LYS C 191 -13.98 5.66 20.72
CA LYS C 191 -12.66 5.50 20.06
C LYS C 191 -11.94 4.24 20.53
N ALA C 192 -11.94 4.00 21.83
CA ALA C 192 -11.36 2.79 22.42
C ALA C 192 -11.90 1.50 21.79
N GLY C 193 -13.23 1.45 21.61
CA GLY C 193 -13.90 0.30 21.01
C GLY C 193 -13.61 0.07 19.55
N LEU C 194 -13.70 1.13 18.75
CA LEU C 194 -13.43 1.06 17.32
C LEU C 194 -11.96 0.86 17.04
N THR C 195 -11.09 1.65 17.69
CA THR C 195 -9.64 1.54 17.51
C THR C 195 -9.14 0.12 17.74
N PHE C 196 -9.81 -0.62 18.63
CA PHE C 196 -9.52 -2.05 18.78
C PHE C 196 -9.87 -2.82 17.50
N LEU C 197 -11.08 -2.62 16.99
CA LEU C 197 -11.52 -3.27 15.75
C LEU C 197 -10.63 -2.93 14.54
N VAL C 198 -10.10 -1.71 14.51
CA VAL C 198 -9.13 -1.33 13.48
C VAL C 198 -7.96 -2.31 13.59
N ASP C 199 -7.30 -2.29 14.75
CA ASP C 199 -6.06 -3.06 14.94
C ASP C 199 -6.20 -4.58 14.94
N LEU C 200 -7.42 -5.11 15.05
CA LEU C 200 -7.66 -6.54 14.83
C LEU C 200 -7.43 -6.91 13.36
N ILE C 201 -8.10 -6.20 12.45
CA ILE C 201 -8.01 -6.50 11.02
C ILE C 201 -6.61 -6.17 10.50
N LYS C 202 -6.09 -5.00 10.89
CA LYS C 202 -4.78 -4.52 10.43
C LYS C 202 -3.70 -5.60 10.50
N ASN C 203 -3.68 -6.35 11.59
CA ASN C 203 -2.69 -7.41 11.80
C ASN C 203 -3.03 -8.73 11.09
N LYS C 204 -3.99 -8.69 10.15
CA LYS C 204 -4.55 -9.87 9.51
C LYS C 204 -5.04 -10.93 10.51
N HIS C 205 -5.79 -10.47 11.50
CA HIS C 205 -6.61 -11.35 12.35
C HIS C 205 -8.07 -11.44 11.84
N MET C 206 -8.44 -10.56 10.90
CA MET C 206 -9.71 -10.65 10.16
C MET C 206 -9.51 -10.08 8.75
N ASN C 207 -10.58 -10.01 7.96
CA ASN C 207 -10.57 -9.23 6.73
C ASN C 207 -11.71 -8.21 6.75
N ALA C 208 -11.42 -6.99 6.30
CA ALA C 208 -12.24 -5.80 6.56
C ALA C 208 -13.56 -5.73 5.78
N ASP C 209 -13.47 -6.01 4.48
CA ASP C 209 -14.65 -5.95 3.58
C ASP C 209 -15.71 -7.03 3.82
N THR C 210 -15.34 -8.12 4.52
CA THR C 210 -16.21 -9.27 4.83
C THR C 210 -17.66 -8.89 5.22
N ASP C 211 -18.61 -9.67 4.70
CA ASP C 211 -20.04 -9.37 4.82
C ASP C 211 -20.83 -10.55 5.39
N TYR C 212 -22.14 -10.36 5.55
CA TYR C 212 -23.05 -11.38 6.09
C TYR C 212 -22.88 -12.73 5.40
N SER C 213 -23.00 -12.73 4.08
CA SER C 213 -22.96 -13.96 3.28
C SER C 213 -21.63 -14.72 3.42
N ILE C 214 -20.51 -14.01 3.27
CA ILE C 214 -19.16 -14.62 3.32
C ILE C 214 -18.82 -15.28 4.65
N ALA C 215 -19.20 -14.63 5.75
CA ALA C 215 -18.97 -15.17 7.10
C ALA C 215 -19.88 -16.37 7.39
N GLU C 216 -21.14 -16.28 6.98
CA GLU C 216 -22.15 -17.31 7.27
C GLU C 216 -21.78 -18.65 6.64
N ALA C 217 -21.45 -18.62 5.35
CA ALA C 217 -20.98 -19.80 4.63
C ALA C 217 -19.68 -20.33 5.23
N ALA C 218 -18.77 -19.41 5.54
CA ALA C 218 -17.50 -19.76 6.18
C ALA C 218 -17.69 -20.49 7.52
N PHE C 219 -18.67 -20.03 8.30
CA PHE C 219 -18.98 -20.66 9.59
C PHE C 219 -19.69 -22.00 9.45
N ASN C 220 -20.72 -22.04 8.59
CA ASN C 220 -21.52 -23.26 8.37
C ASN C 220 -20.74 -24.41 7.71
N LYS C 221 -19.70 -24.09 6.95
CA LYS C 221 -18.83 -25.09 6.31
C LYS C 221 -17.61 -25.51 7.18
N GLY C 222 -17.35 -24.75 8.24
CA GLY C 222 -16.43 -25.17 9.32
C GLY C 222 -15.02 -24.59 9.30
N GLU C 223 -14.85 -23.42 8.70
CA GLU C 223 -13.52 -22.76 8.57
C GLU C 223 -13.24 -21.68 9.64
N THR C 224 -14.24 -21.33 10.46
CA THR C 224 -14.09 -20.28 11.48
C THR C 224 -14.82 -20.66 12.78
N ALA C 225 -14.18 -20.34 13.91
CA ALA C 225 -14.59 -20.83 15.23
C ALA C 225 -15.81 -20.11 15.78
N MET C 226 -15.70 -18.79 15.92
CA MET C 226 -16.81 -17.96 16.41
C MET C 226 -17.45 -17.15 15.30
N THR C 227 -18.73 -16.85 15.47
CA THR C 227 -19.43 -15.89 14.62
C THR C 227 -20.47 -15.15 15.48
N ILE C 228 -20.89 -13.99 15.01
CA ILE C 228 -21.85 -13.15 15.73
C ILE C 228 -23.10 -13.02 14.87
N ASN C 229 -24.26 -13.33 15.43
CA ASN C 229 -25.51 -13.34 14.66
C ASN C 229 -26.74 -13.42 15.56
N GLY C 230 -27.92 -13.43 14.94
CA GLY C 230 -29.22 -13.53 15.66
C GLY C 230 -30.03 -14.75 15.24
N PRO C 231 -31.17 -15.00 15.93
CA PRO C 231 -32.03 -16.19 15.78
C PRO C 231 -32.23 -16.72 14.35
N TRP C 232 -32.26 -15.76 13.43
CA TRP C 232 -32.53 -16.00 11.99
C TRP C 232 -31.50 -16.91 11.33
N ALA C 233 -30.27 -16.88 11.79
CA ALA C 233 -29.20 -17.71 11.23
C ALA C 233 -29.19 -19.16 11.75
N TRP C 234 -29.81 -19.39 12.91
CA TRP C 234 -29.76 -20.70 13.59
C TRP C 234 -30.33 -21.85 12.75
N SER C 235 -31.32 -21.56 11.91
CA SER C 235 -31.97 -22.59 11.09
C SER C 235 -31.01 -23.37 10.20
N ASN C 236 -30.26 -22.63 9.38
CA ASN C 236 -29.30 -23.23 8.47
C ASN C 236 -28.13 -23.89 9.22
N ILE C 237 -27.84 -23.38 10.41
CA ILE C 237 -26.81 -23.93 11.29
C ILE C 237 -27.23 -25.30 11.85
N ASP C 238 -28.52 -25.43 12.18
CA ASP C 238 -29.08 -26.71 12.65
C ASP C 238 -28.98 -27.80 11.57
N THR C 239 -29.57 -27.50 10.40
CA THR C 239 -29.65 -28.45 9.28
C THR C 239 -28.28 -28.88 8.71
N SER C 240 -27.28 -28.01 8.85
CA SER C 240 -25.92 -28.28 8.38
C SER C 240 -25.11 -29.32 9.18
N ALA C 241 -25.68 -29.84 10.28
CA ALA C 241 -25.01 -30.82 11.16
C ALA C 241 -23.77 -30.23 11.85
N VAL C 242 -23.76 -28.90 12.05
CA VAL C 242 -22.62 -28.23 12.68
C VAL C 242 -22.94 -28.08 14.17
N ASN C 243 -22.01 -28.51 15.02
CA ASN C 243 -22.15 -28.40 16.49
CA ASN C 243 -22.18 -28.40 16.48
C ASN C 243 -21.98 -26.95 16.91
N TYR C 244 -22.99 -26.38 17.57
CA TYR C 244 -22.97 -24.98 17.97
C TYR C 244 -23.76 -24.71 19.25
N GLY C 245 -23.21 -23.83 20.08
CA GLY C 245 -23.89 -23.25 21.23
C GLY C 245 -23.98 -21.76 21.04
N VAL C 246 -24.73 -21.09 21.91
CA VAL C 246 -24.98 -19.65 21.79
C VAL C 246 -24.78 -18.98 23.14
N THR C 247 -23.55 -18.55 23.42
CA THR C 247 -23.19 -17.91 24.69
C THR C 247 -23.44 -16.40 24.67
N VAL C 248 -23.21 -15.77 25.82
CA VAL C 248 -23.28 -14.32 25.95
C VAL C 248 -22.07 -13.66 25.28
N LEU C 249 -22.27 -12.44 24.77
CA LEU C 249 -21.22 -11.71 24.04
C LEU C 249 -20.06 -11.35 24.96
N PRO C 250 -18.82 -11.32 24.41
CA PRO C 250 -17.65 -11.15 25.28
C PRO C 250 -17.51 -9.71 25.75
N THR C 251 -16.99 -9.54 26.96
CA THR C 251 -16.86 -8.22 27.56
C THR C 251 -15.59 -7.52 27.06
N PHE C 252 -15.71 -6.20 26.81
CA PHE C 252 -14.60 -5.37 26.37
C PHE C 252 -14.25 -4.38 27.50
N LYS C 253 -13.12 -4.60 28.15
CA LYS C 253 -12.59 -3.70 29.21
C LYS C 253 -13.60 -3.47 30.35
N GLY C 254 -13.86 -4.54 31.11
CA GLY C 254 -14.76 -4.47 32.27
C GLY C 254 -16.22 -4.48 31.86
N GLN C 255 -16.68 -3.35 31.33
CA GLN C 255 -18.05 -3.21 30.83
C GLN C 255 -18.35 -4.25 29.74
N PRO C 256 -19.59 -4.78 29.72
CA PRO C 256 -19.87 -5.84 28.77
C PRO C 256 -20.25 -5.28 27.40
N SER C 257 -20.51 -6.18 26.45
CA SER C 257 -21.06 -5.83 25.16
C SER C 257 -22.42 -5.14 25.36
N LYS C 258 -22.64 -4.01 24.69
CA LYS C 258 -23.87 -3.23 24.81
C LYS C 258 -24.61 -3.13 23.48
N PRO C 259 -25.13 -4.26 22.97
CA PRO C 259 -25.77 -4.25 21.65
C PRO C 259 -27.11 -3.50 21.62
N PHE C 260 -27.50 -3.06 20.44
CA PHE C 260 -28.84 -2.53 20.21
C PHE C 260 -29.82 -3.70 20.02
N VAL C 261 -31.11 -3.35 20.06
CA VAL C 261 -32.21 -4.32 20.09
C VAL C 261 -33.29 -3.95 19.08
N GLY C 262 -33.38 -4.74 18.01
CA GLY C 262 -34.44 -4.58 17.02
C GLY C 262 -35.74 -5.20 17.52
N VAL C 263 -36.80 -4.40 17.60
CA VAL C 263 -38.14 -4.87 17.99
C VAL C 263 -38.95 -5.02 16.69
N LEU C 264 -38.89 -6.21 16.10
CA LEU C 264 -39.49 -6.46 14.77
C LEU C 264 -41.02 -6.30 14.81
N SER C 265 -41.47 -5.19 14.25
CA SER C 265 -42.88 -4.77 14.33
C SER C 265 -43.45 -4.49 12.94
N ALA C 266 -44.76 -4.75 12.79
CA ALA C 266 -45.47 -4.56 11.53
C ALA C 266 -46.41 -3.35 11.63
N GLY C 267 -46.46 -2.55 10.57
CA GLY C 267 -47.25 -1.30 10.57
C GLY C 267 -47.94 -1.04 9.24
N ILE C 268 -49.10 -0.40 9.33
CA ILE C 268 -50.02 -0.28 8.20
C ILE C 268 -49.70 0.97 7.38
N ASN C 269 -49.76 0.82 6.05
CA ASN C 269 -49.47 1.90 5.10
C ASN C 269 -50.63 2.90 5.09
N ALA C 270 -50.33 4.18 5.31
CA ALA C 270 -51.35 5.24 5.40
C ALA C 270 -52.24 5.34 4.15
N ALA C 271 -51.66 5.12 2.98
CA ALA C 271 -52.40 5.10 1.72
C ALA C 271 -53.32 3.89 1.63
N SER C 272 -52.77 2.70 1.91
CA SER C 272 -53.47 1.42 1.74
C SER C 272 -54.95 1.44 2.15
N PRO C 273 -55.88 1.10 1.21
CA PRO C 273 -57.31 1.03 1.52
C PRO C 273 -57.81 -0.31 2.13
N ASN C 274 -56.88 -1.16 2.59
CA ASN C 274 -57.21 -2.41 3.30
C ASN C 274 -56.81 -2.29 4.78
N LYS C 275 -57.23 -1.20 5.40
CA LYS C 275 -56.94 -0.93 6.82
C LYS C 275 -57.74 -1.85 7.75
N GLU C 276 -58.97 -2.18 7.34
CA GLU C 276 -59.81 -3.14 8.08
C GLU C 276 -59.24 -4.56 7.97
N LEU C 277 -58.85 -4.96 6.77
CA LEU C 277 -58.23 -6.25 6.54
C LEU C 277 -56.84 -6.40 7.17
N ALA C 278 -56.17 -5.28 7.44
CA ALA C 278 -54.86 -5.27 8.10
C ALA C 278 -54.93 -5.76 9.56
N LYS C 279 -55.75 -5.09 10.38
CA LYS C 279 -55.99 -5.51 11.76
C LYS C 279 -56.49 -6.95 11.83
N GLU C 280 -57.39 -7.30 10.92
CA GLU C 280 -58.04 -8.61 10.91
C GLU C 280 -57.06 -9.75 10.58
N PHE C 281 -55.92 -9.44 9.95
CA PHE C 281 -54.82 -10.41 9.81
C PHE C 281 -53.92 -10.44 11.04
N LEU C 282 -53.38 -9.28 11.41
CA LEU C 282 -52.28 -9.19 12.39
C LEU C 282 -52.66 -9.61 13.81
N GLU C 283 -53.78 -9.08 14.30
CA GLU C 283 -54.25 -9.39 15.65
C GLU C 283 -54.76 -10.85 15.77
N ASN C 284 -55.46 -11.31 14.74
CA ASN C 284 -56.23 -12.57 14.79
C ASN C 284 -55.52 -13.79 14.18
N TYR C 285 -54.63 -13.58 13.21
CA TYR C 285 -53.97 -14.68 12.49
C TYR C 285 -52.42 -14.77 12.60
N LEU C 286 -51.74 -13.64 12.81
CA LEU C 286 -50.27 -13.66 13.00
C LEU C 286 -49.90 -13.73 14.48
N LEU C 287 -50.43 -12.79 15.27
CA LEU C 287 -50.19 -12.76 16.73
C LEU C 287 -51.09 -13.73 17.49
N THR C 288 -50.80 -15.02 17.32
CA THR C 288 -51.44 -16.11 18.09
C THR C 288 -50.39 -17.17 18.37
N ASP C 289 -50.75 -18.12 19.24
CA ASP C 289 -49.86 -19.22 19.60
C ASP C 289 -49.70 -20.24 18.45
N GLU C 290 -50.65 -20.26 17.52
CA GLU C 290 -50.56 -21.08 16.29
C GLU C 290 -50.08 -20.27 15.07
N GLY C 291 -50.26 -18.95 15.11
CA GLY C 291 -49.79 -18.04 14.05
C GLY C 291 -48.30 -17.77 14.15
N LEU C 292 -47.85 -17.41 15.35
CA LEU C 292 -46.42 -17.24 15.64
C LEU C 292 -45.63 -18.57 15.59
N GLU C 293 -46.31 -19.70 15.85
CA GLU C 293 -45.74 -21.05 15.68
C GLU C 293 -45.17 -21.29 14.28
N ALA C 294 -45.85 -20.75 13.28
CA ALA C 294 -45.47 -20.92 11.88
C ALA C 294 -44.11 -20.32 11.56
N VAL C 295 -43.95 -19.04 11.90
CA VAL C 295 -42.71 -18.32 11.60
C VAL C 295 -41.52 -18.93 12.35
N ASN C 296 -41.75 -19.35 13.58
CA ASN C 296 -40.68 -19.87 14.45
C ASN C 296 -40.08 -21.22 13.99
N LYS C 297 -40.78 -21.96 13.13
CA LYS C 297 -40.26 -23.20 12.53
C LYS C 297 -39.36 -22.94 11.32
N ASP C 298 -39.75 -21.97 10.48
CA ASP C 298 -38.97 -21.61 9.31
C ASP C 298 -37.70 -20.85 9.71
N LYS C 299 -37.89 -19.73 10.43
CA LYS C 299 -36.79 -18.90 10.93
C LYS C 299 -37.11 -18.41 12.35
N PRO C 300 -36.27 -18.76 13.35
CA PRO C 300 -36.47 -18.30 14.74
C PRO C 300 -36.64 -16.79 14.92
N LEU C 301 -37.38 -16.41 15.95
CA LEU C 301 -37.73 -15.00 16.22
C LEU C 301 -37.05 -14.41 17.47
N GLY C 302 -36.25 -15.21 18.18
CA GLY C 302 -35.66 -14.78 19.44
C GLY C 302 -36.69 -14.87 20.55
N ALA C 303 -36.90 -13.77 21.27
CA ALA C 303 -37.95 -13.67 22.27
C ALA C 303 -39.13 -12.94 21.65
N VAL C 304 -40.32 -13.55 21.70
CA VAL C 304 -41.52 -12.98 21.06
C VAL C 304 -42.31 -12.05 21.98
N ALA C 305 -43.10 -11.17 21.36
CA ALA C 305 -43.86 -10.12 22.05
C ALA C 305 -45.22 -10.58 22.57
N LEU C 306 -45.75 -11.66 22.01
CA LEU C 306 -46.97 -12.30 22.53
C LEU C 306 -46.64 -13.10 23.81
N LYS C 307 -47.36 -12.83 24.90
CA LYS C 307 -47.10 -13.48 26.21
C LYS C 307 -47.33 -14.99 26.17
N SER C 308 -48.45 -15.38 25.57
CA SER C 308 -48.92 -16.77 25.62
C SER C 308 -48.10 -17.81 24.81
N TYR C 309 -47.17 -17.36 23.96
CA TYR C 309 -46.23 -18.26 23.26
C TYR C 309 -44.79 -18.21 23.78
N GLU C 310 -44.33 -17.03 24.23
CA GLU C 310 -42.92 -16.82 24.64
C GLU C 310 -42.52 -17.68 25.84
N GLU C 311 -43.47 -17.85 26.77
CA GLU C 311 -43.31 -18.73 27.92
C GLU C 311 -43.39 -20.21 27.54
N GLU C 312 -44.21 -20.55 26.54
CA GLU C 312 -44.31 -21.92 26.00
C GLU C 312 -43.01 -22.42 25.36
N LEU C 313 -42.20 -21.50 24.83
CA LEU C 313 -40.84 -21.81 24.39
C LEU C 313 -39.84 -20.77 24.90
N ALA C 314 -39.82 -20.60 26.22
CA ALA C 314 -38.73 -19.91 26.92
C ALA C 314 -37.58 -20.88 27.22
N LYS C 315 -37.84 -22.19 27.10
CA LYS C 315 -36.87 -23.25 27.48
C LYS C 315 -35.84 -23.57 26.39
N ASP C 316 -35.32 -22.53 25.73
CA ASP C 316 -34.22 -22.65 24.79
C ASP C 316 -32.99 -22.06 25.49
N PRO C 317 -31.94 -22.89 25.71
CA PRO C 317 -30.71 -22.35 26.33
C PRO C 317 -29.93 -21.37 25.45
N ARG C 318 -30.29 -21.27 24.18
CA ARG C 318 -29.73 -20.29 23.27
C ARG C 318 -30.49 -18.96 23.36
N ILE C 319 -31.82 -19.01 23.53
CA ILE C 319 -32.65 -17.80 23.74
C ILE C 319 -32.32 -17.14 25.08
N ALA C 320 -31.78 -17.92 26.02
CA ALA C 320 -31.16 -17.38 27.24
C ALA C 320 -30.26 -16.20 26.89
N ALA C 321 -29.32 -16.42 25.96
CA ALA C 321 -28.36 -15.40 25.51
C ALA C 321 -29.03 -14.20 24.82
N THR C 322 -30.08 -14.46 24.04
CA THR C 322 -30.84 -13.41 23.34
C THR C 322 -31.57 -12.48 24.31
N MET C 323 -32.03 -13.01 25.45
CA MET C 323 -32.53 -12.17 26.55
C MET C 323 -31.38 -11.61 27.39
N GLU C 324 -30.31 -12.38 27.54
CA GLU C 324 -29.11 -12.00 28.31
C GLU C 324 -28.46 -10.73 27.76
N ASN C 325 -28.14 -10.74 26.47
CA ASN C 325 -27.54 -9.57 25.81
C ASN C 325 -28.50 -8.39 25.72
N ALA C 326 -29.81 -8.68 25.59
CA ALA C 326 -30.85 -7.64 25.57
C ALA C 326 -30.94 -6.90 26.90
N GLN C 327 -30.85 -7.65 28.00
CA GLN C 327 -30.78 -7.08 29.36
C GLN C 327 -29.52 -6.22 29.54
N LYS C 328 -28.38 -6.72 29.03
CA LYS C 328 -27.12 -5.96 29.02
C LYS C 328 -27.24 -4.70 28.15
N GLY C 329 -27.83 -4.85 26.97
CA GLY C 329 -27.95 -3.78 25.99
C GLY C 329 -29.17 -2.88 26.17
N GLU C 330 -29.56 -2.21 25.09
CA GLU C 330 -30.64 -1.21 25.10
C GLU C 330 -31.60 -1.35 23.92
N ILE C 331 -32.88 -1.05 24.18
CA ILE C 331 -33.87 -0.87 23.11
C ILE C 331 -33.60 0.48 22.46
N MET C 332 -33.80 0.51 21.14
CA MET C 332 -33.46 1.63 20.22
C MET C 332 -34.51 2.73 20.15
N PRO C 333 -34.15 4.04 20.18
CA PRO C 333 -35.16 5.07 19.89
C PRO C 333 -35.79 4.83 18.53
N ASN C 334 -37.01 5.36 18.33
CA ASN C 334 -37.70 5.25 17.03
C ASN C 334 -37.68 6.55 16.20
N ILE C 335 -37.16 7.63 16.77
CA ILE C 335 -37.12 8.97 16.13
C ILE C 335 -36.50 9.03 14.71
N PRO C 336 -36.95 10.00 13.87
CA PRO C 336 -36.50 10.17 12.48
C PRO C 336 -34.99 10.08 12.23
N GLN C 337 -34.18 10.64 13.13
CA GLN C 337 -32.73 10.69 12.95
C GLN C 337 -31.99 9.38 13.31
N MET C 338 -32.69 8.39 13.87
CA MET C 338 -32.12 7.03 14.03
C MET C 338 -31.92 6.32 12.68
N SER C 339 -32.61 6.79 11.65
CA SER C 339 -32.30 6.45 10.27
C SER C 339 -30.92 7.01 9.92
N ALA C 340 -30.74 8.31 10.18
CA ALA C 340 -29.48 9.01 9.90
C ALA C 340 -28.28 8.48 10.70
N PHE C 341 -28.48 8.28 12.00
CA PHE C 341 -27.45 7.71 12.88
C PHE C 341 -26.84 6.47 12.26
N TRP C 342 -27.70 5.57 11.77
CA TRP C 342 -27.25 4.29 11.21
C TRP C 342 -26.31 4.39 10.02
N TYR C 343 -26.37 5.50 9.29
CA TYR C 343 -25.51 5.72 8.13
C TYR C 343 -24.16 6.36 8.49
N ALA C 344 -24.18 7.29 9.44
CA ALA C 344 -22.95 7.92 9.93
C ALA C 344 -22.00 6.91 10.55
N VAL C 345 -22.56 5.97 11.32
CA VAL C 345 -21.77 4.93 11.99
C VAL C 345 -21.32 3.87 10.98
N ARG C 346 -22.24 3.41 10.15
CA ARG C 346 -21.94 2.50 9.03
C ARG C 346 -20.81 3.04 8.16
N THR C 347 -20.89 4.34 7.86
CA THR C 347 -19.88 5.07 7.08
C THR C 347 -18.49 4.95 7.72
N ALA C 348 -18.35 5.49 8.93
CA ALA C 348 -17.06 5.60 9.62
C ALA C 348 -16.35 4.26 9.77
N VAL C 349 -17.12 3.19 10.00
CA VAL C 349 -16.57 1.82 10.04
C VAL C 349 -16.02 1.41 8.67
N ILE C 350 -16.84 1.57 7.64
CA ILE C 350 -16.45 1.25 6.26
C ILE C 350 -15.22 2.04 5.82
N ASN C 351 -15.10 3.28 6.31
CA ASN C 351 -13.92 4.12 6.09
C ASN C 351 -12.65 3.63 6.81
N ALA C 352 -12.77 3.42 8.12
CA ALA C 352 -11.60 3.09 8.96
C ALA C 352 -11.24 1.60 8.99
N ALA C 353 -12.10 0.75 8.43
CA ALA C 353 -11.82 -0.69 8.33
C ALA C 353 -10.70 -1.01 7.33
N SER C 354 -10.66 -0.26 6.23
CA SER C 354 -9.59 -0.39 5.22
C SER C 354 -8.28 0.28 5.65
N GLY C 355 -8.39 1.36 6.44
CA GLY C 355 -7.24 2.14 6.90
C GLY C 355 -7.00 3.45 6.14
N ARG C 356 -7.97 3.82 5.30
CA ARG C 356 -7.84 4.99 4.43
C ARG C 356 -7.97 6.29 5.21
N GLN C 357 -8.89 6.31 6.17
CA GLN C 357 -9.16 7.47 7.03
C GLN C 357 -8.67 7.23 8.46
N THR C 358 -8.39 8.32 9.17
CA THR C 358 -7.97 8.25 10.57
C THR C 358 -9.18 7.93 11.45
N VAL C 359 -8.94 7.25 12.57
CA VAL C 359 -9.99 6.90 13.52
C VAL C 359 -10.53 8.17 14.17
N ASP C 360 -9.62 8.98 14.70
CA ASP C 360 -9.95 10.26 15.36
C ASP C 360 -10.94 11.12 14.56
N ALA C 361 -10.75 11.19 13.23
CA ALA C 361 -11.59 12.02 12.35
C ALA C 361 -12.82 11.33 11.77
N ALA C 362 -12.71 10.04 11.45
CA ALA C 362 -13.81 9.26 10.84
C ALA C 362 -15.09 9.27 11.67
N LEU C 363 -14.93 9.16 12.98
CA LEU C 363 -16.05 9.30 13.92
C LEU C 363 -16.46 10.76 14.10
N ALA C 364 -15.48 11.65 14.18
CA ALA C 364 -15.72 13.09 14.39
C ALA C 364 -16.49 13.81 13.27
N ALA C 365 -16.42 13.26 12.05
CA ALA C 365 -17.30 13.70 10.96
C ALA C 365 -18.66 13.01 11.09
N ALA C 366 -18.65 11.71 11.42
CA ALA C 366 -19.88 10.93 11.67
C ALA C 366 -20.73 11.49 12.81
N GLN C 367 -20.06 12.09 13.81
CA GLN C 367 -20.71 12.88 14.85
C GLN C 367 -21.62 13.93 14.22
N THR C 368 -21.02 14.77 13.39
CA THR C 368 -21.72 15.89 12.75
C THR C 368 -22.69 15.43 11.64
N ASN C 369 -22.44 14.25 11.05
CA ASN C 369 -23.36 13.63 10.08
C ASN C 369 -24.69 13.23 10.72
N ALA C 370 -24.62 12.43 11.79
CA ALA C 370 -25.80 11.91 12.47
C ALA C 370 -26.60 12.99 13.21
N ALA C 371 -25.95 14.09 13.57
CA ALA C 371 -26.57 15.17 14.34
C ALA C 371 -27.02 16.39 13.52
N ALA C 372 -26.85 16.37 12.20
CA ALA C 372 -27.30 17.48 11.35
C ALA C 372 -27.53 17.04 9.91
N SER D 11 -33.37 17.96 -1.78
CA SER D 11 -32.09 18.19 -2.52
C SER D 11 -31.51 16.92 -3.16
N CYS D 12 -30.74 17.14 -4.23
CA CYS D 12 -30.06 16.10 -5.01
C CYS D 12 -28.56 16.00 -4.70
N GLY D 13 -27.83 17.10 -4.92
CA GLY D 13 -26.35 17.11 -4.98
C GLY D 13 -25.54 16.92 -3.71
N GLN D 14 -26.21 17.01 -2.55
CA GLN D 14 -25.60 16.80 -1.23
C GLN D 14 -24.68 15.56 -1.14
N ARG D 15 -23.61 15.66 -0.34
CA ARG D 15 -22.60 14.59 -0.23
C ARG D 15 -22.93 13.67 0.95
N VAL D 16 -7.21 7.41 -13.67
CA VAL D 16 -6.96 8.54 -12.79
C VAL D 16 -5.52 8.46 -12.26
N VAL D 17 -4.73 9.50 -12.50
CA VAL D 17 -3.30 9.51 -12.13
C VAL D 17 -2.96 10.65 -11.17
N GLY D 18 -2.03 10.38 -10.25
CA GLY D 18 -1.61 11.33 -9.21
C GLY D 18 -2.70 11.64 -8.19
N GLY D 19 -3.65 10.72 -8.06
CA GLY D 19 -4.80 10.90 -7.18
C GLY D 19 -4.64 10.08 -5.92
N LEU D 20 -5.74 9.95 -5.19
CA LEU D 20 -5.76 9.23 -3.93
C LEU D 20 -6.84 8.15 -3.96
N VAL D 21 -6.84 7.30 -2.93
CA VAL D 21 -7.90 6.30 -2.79
C VAL D 21 -9.17 7.05 -2.41
N ALA D 22 -10.32 6.52 -2.71
CA ALA D 22 -11.53 7.26 -2.41
C ALA D 22 -12.30 6.84 -1.20
N LEU D 23 -12.18 7.56 -0.11
CA LEU D 23 -12.87 7.25 1.14
C LEU D 23 -14.32 7.21 0.87
N ARG D 24 -15.00 6.16 1.37
CA ARG D 24 -16.43 5.89 1.03
C ARG D 24 -17.36 7.04 1.30
N GLY D 25 -18.64 6.84 0.95
CA GLY D 25 -19.73 7.81 1.13
C GLY D 25 -19.33 9.19 0.67
N ALA D 26 -18.76 9.30 -0.52
CA ALA D 26 -18.27 10.58 -1.06
C ALA D 26 -18.89 10.77 -2.45
N HIS D 27 -18.64 9.83 -3.34
CA HIS D 27 -19.28 9.88 -4.67
C HIS D 27 -20.34 8.79 -4.67
N PRO D 28 -21.62 9.11 -4.40
CA PRO D 28 -22.68 8.15 -4.39
C PRO D 28 -23.54 8.36 -5.63
N TYR D 29 -22.95 8.91 -6.68
CA TYR D 29 -23.67 9.12 -7.91
C TYR D 29 -22.89 8.57 -9.07
N ILE D 30 -21.96 7.65 -8.85
CA ILE D 30 -21.25 7.10 -9.97
C ILE D 30 -21.88 5.75 -10.23
N ALA D 31 -21.95 5.41 -11.51
CA ALA D 31 -22.46 4.13 -11.93
C ALA D 31 -21.33 3.36 -12.63
N ALA D 32 -21.32 2.04 -12.41
CA ALA D 32 -20.34 1.13 -13.02
C ALA D 32 -21.07 0.33 -14.10
N LEU D 33 -20.69 0.55 -15.35
CA LEU D 33 -21.35 -0.05 -16.52
C LEU D 33 -20.58 -1.26 -17.06
N TYR D 34 -20.98 -2.46 -16.67
CA TYR D 34 -20.17 -3.64 -17.08
C TYR D 34 -20.88 -4.45 -18.16
N TRP D 35 -20.13 -4.89 -19.16
CA TRP D 35 -20.61 -5.76 -20.23
C TRP D 35 -19.52 -6.52 -20.98
N GLY D 36 -19.84 -7.74 -21.42
CA GLY D 36 -18.86 -8.57 -22.13
C GLY D 36 -17.53 -8.67 -21.41
N HIS D 37 -16.53 -7.92 -21.90
CA HIS D 37 -15.19 -7.90 -21.32
C HIS D 37 -14.66 -6.48 -21.09
N SER D 38 -15.55 -5.49 -21.07
CA SER D 38 -15.13 -4.09 -20.99
C SER D 38 -15.99 -3.31 -20.01
N PHE D 39 -15.65 -2.03 -19.91
CA PHE D 39 -16.37 -1.26 -18.90
C PHE D 39 -16.30 0.21 -19.22
N CYS D 40 -17.22 0.92 -18.59
CA CYS D 40 -17.28 2.37 -18.58
C CYS D 40 -18.01 2.92 -17.35
N ALA D 41 -17.69 4.16 -16.99
CA ALA D 41 -18.36 4.86 -15.89
C ALA D 41 -19.40 5.85 -16.41
N GLY D 42 -20.27 6.30 -15.51
CA GLY D 42 -21.35 7.25 -15.83
C GLY D 42 -21.59 8.25 -14.73
N SER D 43 -22.79 8.81 -14.71
CA SER D 43 -23.23 9.72 -13.64
C SER D 43 -24.76 9.71 -13.55
N LEU D 44 -25.29 9.36 -12.39
CA LEU D 44 -26.75 9.29 -12.19
C LEU D 44 -27.31 10.70 -12.05
N ILE D 45 -28.39 10.99 -12.79
CA ILE D 45 -29.03 12.33 -12.79
C ILE D 45 -30.51 12.34 -12.37
N ALA D 46 -31.21 11.22 -12.55
CA ALA D 46 -32.56 11.04 -12.03
C ALA D 46 -32.69 9.58 -11.61
N PRO D 47 -33.84 9.18 -11.02
CA PRO D 47 -34.07 7.77 -10.68
C PRO D 47 -33.79 6.75 -11.79
N CYS D 48 -34.16 7.07 -13.04
CA CYS D 48 -34.09 6.13 -14.18
C CYS D 48 -33.07 6.51 -15.26
N TRP D 49 -32.16 7.40 -14.95
CA TRP D 49 -31.23 7.70 -16.06
C TRP D 49 -29.85 7.93 -15.51
N VAL D 50 -28.90 7.72 -16.40
CA VAL D 50 -27.47 7.79 -16.14
C VAL D 50 -26.78 8.42 -17.35
N LEU D 51 -25.99 9.46 -17.10
CA LEU D 51 -25.29 10.19 -18.17
C LEU D 51 -23.88 9.63 -18.38
N THR D 52 -23.73 8.86 -19.45
CA THR D 52 -22.48 8.16 -19.79
C THR D 52 -21.85 8.81 -21.00
N ALA D 53 -20.56 8.61 -21.18
CA ALA D 53 -19.88 8.94 -22.44
C ALA D 53 -20.43 8.12 -23.62
N ALA D 54 -20.43 8.73 -24.80
CA ALA D 54 -20.93 8.08 -26.01
C ALA D 54 -19.97 7.04 -26.56
N HIS D 55 -18.69 7.33 -26.62
CA HIS D 55 -17.87 6.33 -27.32
C HIS D 55 -17.98 4.99 -26.69
N CYS D 56 -17.93 4.95 -25.38
CA CYS D 56 -17.99 3.62 -24.79
C CYS D 56 -18.82 2.67 -25.66
N LEU D 57 -20.05 3.11 -25.95
CA LEU D 57 -21.00 2.32 -26.73
C LEU D 57 -21.08 2.83 -28.18
N GLN D 58 -19.93 2.75 -28.86
CA GLN D 58 -19.87 2.77 -30.33
C GLN D 58 -19.68 1.36 -30.89
N ASP D 59 -19.29 0.42 -30.03
CA ASP D 59 -19.55 -1.02 -30.25
C ASP D 59 -21.04 -1.26 -30.48
N ARG D 60 -21.87 -0.41 -29.88
CA ARG D 60 -23.32 -0.40 -30.05
C ARG D 60 -23.92 -1.76 -29.67
N PRO D 61 -23.62 -2.23 -28.45
CA PRO D 61 -24.11 -3.53 -28.01
C PRO D 61 -25.57 -3.46 -27.59
N ALA D 62 -26.12 -4.62 -27.26
CA ALA D 62 -27.54 -4.74 -26.94
C ALA D 62 -27.87 -4.23 -25.52
N PRO D 63 -29.13 -3.85 -25.29
CA PRO D 63 -29.62 -3.65 -23.92
C PRO D 63 -29.52 -4.92 -23.07
N GLU D 64 -29.70 -6.06 -23.73
CA GLU D 64 -29.64 -7.38 -23.09
C GLU D 64 -28.27 -7.72 -22.52
N ASP D 65 -27.22 -7.34 -23.24
CA ASP D 65 -25.83 -7.60 -22.83
C ASP D 65 -25.35 -6.63 -21.73
N LEU D 66 -26.00 -5.48 -21.62
CA LEU D 66 -25.56 -4.37 -20.76
C LEU D 66 -26.11 -4.52 -19.32
N THR D 67 -25.31 -4.08 -18.34
CA THR D 67 -25.65 -4.11 -16.91
C THR D 67 -25.04 -2.94 -16.12
N VAL D 68 -25.78 -2.37 -15.19
CA VAL D 68 -25.34 -1.20 -14.39
C VAL D 68 -25.33 -1.54 -12.89
N VAL D 69 -24.35 -0.96 -12.17
CA VAL D 69 -24.21 -1.14 -10.71
C VAL D 69 -24.04 0.21 -10.01
N LEU D 70 -24.90 0.46 -9.05
CA LEU D 70 -24.92 1.72 -8.28
C LEU D 70 -24.47 1.49 -6.84
N GLY D 71 -23.82 2.50 -6.27
CA GLY D 71 -23.29 2.42 -4.90
C GLY D 71 -22.00 1.65 -5.02
N GLN D 72 -21.30 1.86 -6.14
CA GLN D 72 -20.05 1.08 -6.33
C GLN D 72 -18.72 1.65 -5.89
N GLU D 73 -18.11 1.03 -4.87
CA GLU D 73 -16.84 1.45 -4.30
C GLU D 73 -15.66 0.59 -4.74
N ARG D 74 -15.96 -0.49 -5.43
CA ARG D 74 -14.85 -1.33 -5.93
C ARG D 74 -15.27 -1.90 -7.28
N ARG D 75 -14.35 -1.84 -8.21
CA ARG D 75 -14.53 -2.37 -9.55
C ARG D 75 -14.60 -3.88 -9.53
N ASN D 76 -15.80 -4.35 -9.90
CA ASN D 76 -16.21 -5.76 -10.13
C ASN D 76 -16.48 -6.62 -8.89
N HIS D 77 -16.25 -6.09 -7.70
CA HIS D 77 -16.56 -6.81 -6.45
C HIS D 77 -18.07 -6.80 -6.25
N SER D 78 -18.63 -7.91 -5.79
CA SER D 78 -20.02 -8.03 -5.36
C SER D 78 -20.03 -7.57 -3.90
N CYS D 79 -20.78 -6.51 -3.61
CA CYS D 79 -20.81 -5.91 -2.28
C CYS D 79 -22.22 -5.94 -1.69
N GLU D 80 -22.31 -5.57 -0.41
CA GLU D 80 -23.59 -5.54 0.30
C GLU D 80 -24.48 -4.36 -0.14
N PRO D 81 -24.05 -3.08 -0.16
CA PRO D 81 -24.95 -2.05 -0.65
C PRO D 81 -25.20 -2.12 -2.17
N CYS D 82 -24.27 -2.68 -2.92
CA CYS D 82 -24.39 -2.64 -4.38
C CYS D 82 -25.80 -2.96 -4.88
N GLN D 83 -26.06 -2.54 -6.11
CA GLN D 83 -27.32 -2.80 -6.81
C GLN D 83 -27.06 -3.33 -8.21
N THR D 84 -28.11 -3.79 -8.87
CA THR D 84 -28.00 -4.30 -10.23
C THR D 84 -29.27 -3.98 -11.02
N LEU D 85 -29.12 -3.29 -12.14
CA LEU D 85 -30.23 -2.91 -13.00
C LEU D 85 -29.81 -3.00 -14.46
N ALA D 86 -30.54 -3.79 -15.24
CA ALA D 86 -30.32 -3.87 -16.70
C ALA D 86 -30.90 -2.62 -17.36
N VAL D 87 -30.34 -2.25 -18.51
CA VAL D 87 -30.85 -1.11 -19.28
C VAL D 87 -31.98 -1.60 -20.21
N ARG D 88 -32.97 -0.75 -20.42
CA ARG D 88 -34.08 -1.04 -21.32
C ARG D 88 -33.71 -0.54 -22.72
N SER D 89 -33.42 0.76 -22.79
CA SER D 89 -32.97 1.43 -24.03
C SER D 89 -31.83 2.38 -23.69
N TYR D 90 -31.38 3.15 -24.67
CA TYR D 90 -30.32 4.14 -24.48
C TYR D 90 -30.10 5.02 -25.71
N ARG D 91 -29.67 6.25 -25.50
CA ARG D 91 -29.54 7.16 -26.61
C ARG D 91 -28.22 7.85 -26.57
N LEU D 92 -27.50 7.84 -27.67
CA LEU D 92 -26.31 8.69 -27.81
C LEU D 92 -26.72 10.11 -28.20
N HIS D 93 -25.75 11.01 -28.34
CA HIS D 93 -26.05 12.30 -28.96
C HIS D 93 -26.11 12.05 -30.46
N GLU D 94 -27.28 12.32 -31.02
CA GLU D 94 -27.57 12.07 -32.44
C GLU D 94 -26.44 12.38 -33.40
N ALA D 95 -25.78 13.50 -33.20
CA ALA D 95 -24.68 13.96 -34.05
C ALA D 95 -23.28 13.68 -33.46
N PHE D 96 -23.16 12.66 -32.61
CA PHE D 96 -21.85 12.29 -32.04
C PHE D 96 -20.88 11.84 -33.13
N SER D 97 -19.64 12.32 -33.04
CA SER D 97 -18.58 12.03 -33.99
C SER D 97 -17.49 11.18 -33.32
N PRO D 98 -17.20 9.97 -33.87
CA PRO D 98 -16.09 9.14 -33.40
C PRO D 98 -14.74 9.48 -34.04
N VAL D 99 -14.71 10.56 -34.84
CA VAL D 99 -13.49 11.07 -35.44
C VAL D 99 -13.04 12.31 -34.66
N SER D 100 -13.85 13.35 -34.66
CA SER D 100 -13.53 14.61 -33.97
C SER D 100 -13.75 14.53 -32.44
N TYR D 101 -14.42 13.47 -31.99
CA TYR D 101 -14.78 13.27 -30.57
C TYR D 101 -15.76 14.30 -30.00
N GLN D 102 -16.38 15.11 -30.87
CA GLN D 102 -17.34 16.12 -30.43
C GLN D 102 -18.63 15.42 -30.07
N HIS D 103 -19.35 16.02 -29.12
CA HIS D 103 -20.65 15.53 -28.66
C HIS D 103 -20.55 14.14 -28.02
N ASP D 104 -19.61 14.00 -27.08
CA ASP D 104 -19.38 12.73 -26.38
C ASP D 104 -20.30 12.67 -25.16
N LEU D 105 -21.54 12.23 -25.37
CA LEU D 105 -22.48 11.96 -24.27
C LEU D 105 -23.56 10.95 -24.65
N ALA D 106 -24.09 10.28 -23.63
CA ALA D 106 -25.13 9.27 -23.79
C ALA D 106 -26.02 9.19 -22.55
N LEU D 107 -27.28 8.84 -22.75
CA LEU D 107 -28.28 8.70 -21.69
C LEU D 107 -28.83 7.29 -21.64
N LEU D 108 -28.67 6.61 -20.51
CA LEU D 108 -29.17 5.24 -20.33
C LEU D 108 -30.52 5.20 -19.62
N ARG D 109 -31.51 4.61 -20.28
CA ARG D 109 -32.81 4.34 -19.66
C ARG D 109 -32.67 3.06 -18.84
N LEU D 110 -32.90 3.16 -17.53
CA LEU D 110 -32.84 2.02 -16.60
C LEU D 110 -34.20 1.33 -16.49
N GLN D 111 -34.18 0.01 -16.30
CA GLN D 111 -35.43 -0.77 -16.21
C GLN D 111 -36.09 -0.60 -14.87
N GLU D 112 -37.33 -0.13 -14.92
CA GLU D 112 -38.19 -0.11 -13.75
C GLU D 112 -38.69 -1.53 -13.58
N ASP D 113 -38.54 -1.99 -12.34
CA ASP D 113 -39.01 -3.29 -11.93
C ASP D 113 -40.44 -3.10 -11.52
N ALA D 114 -41.08 -4.21 -11.19
CA ALA D 114 -42.45 -4.23 -10.72
C ALA D 114 -42.40 -3.11 -9.72
N ASP D 115 -43.51 -2.46 -9.49
CA ASP D 115 -43.59 -1.29 -8.63
C ASP D 115 -43.19 -0.05 -9.40
N GLY D 116 -42.67 -0.24 -10.63
CA GLY D 116 -42.27 0.92 -11.41
C GLY D 116 -41.22 1.90 -10.91
N SER D 117 -40.31 1.43 -10.05
CA SER D 117 -39.21 2.24 -9.51
C SER D 117 -37.89 1.70 -10.04
N CYS D 118 -37.09 2.54 -10.66
CA CYS D 118 -35.81 2.11 -11.24
C CYS D 118 -34.74 1.84 -10.19
N ALA D 119 -34.13 2.92 -9.68
CA ALA D 119 -33.08 2.82 -8.68
C ALA D 119 -33.73 3.18 -7.36
N LEU D 120 -32.97 3.02 -6.28
CA LEU D 120 -33.46 3.31 -4.95
C LEU D 120 -32.56 4.35 -4.30
N LEU D 121 -33.10 5.55 -4.10
CA LEU D 121 -32.39 6.62 -3.40
C LEU D 121 -32.07 6.25 -1.95
N SER D 122 -30.80 6.43 -1.60
CA SER D 122 -30.28 6.07 -0.30
C SER D 122 -29.06 6.96 0.00
N PRO D 123 -28.48 6.87 1.22
CA PRO D 123 -27.22 7.54 1.54
C PRO D 123 -26.11 7.38 0.48
N TYR D 124 -25.89 6.16 0.03
CA TYR D 124 -24.83 5.85 -0.94
C TYR D 124 -25.27 5.96 -2.39
N VAL D 125 -26.51 5.61 -2.70
CA VAL D 125 -27.00 5.67 -4.08
C VAL D 125 -27.85 6.92 -4.21
N GLN D 126 -27.31 7.95 -4.88
CA GLN D 126 -28.01 9.24 -5.00
C GLN D 126 -27.60 10.03 -6.24
N PRO D 127 -28.58 10.59 -6.97
CA PRO D 127 -28.30 11.33 -8.19
C PRO D 127 -27.67 12.69 -7.96
N VAL D 128 -26.83 13.13 -8.90
CA VAL D 128 -26.25 14.47 -8.87
C VAL D 128 -27.02 15.40 -9.79
N CYS D 129 -27.07 16.66 -9.39
CA CYS D 129 -27.79 17.69 -10.12
C CYS D 129 -26.97 18.32 -11.22
N LEU D 130 -27.69 18.73 -12.27
CA LEU D 130 -27.11 19.45 -13.39
C LEU D 130 -27.17 20.94 -13.11
N PRO D 131 -26.33 21.72 -13.80
CA PRO D 131 -26.23 23.15 -13.53
C PRO D 131 -27.41 23.91 -14.14
N SER D 132 -27.74 25.05 -13.55
CA SER D 132 -28.88 25.86 -13.97
C SER D 132 -28.74 26.38 -15.39
N GLY D 133 -27.51 26.76 -15.75
CA GLY D 133 -27.17 27.26 -17.09
C GLY D 133 -26.53 28.65 -17.09
N ALA D 134 -26.85 29.44 -16.06
CA ALA D 134 -26.34 30.81 -15.91
C ALA D 134 -25.12 30.93 -14.96
N ALA D 135 -24.64 29.80 -14.43
CA ALA D 135 -23.60 29.79 -13.37
C ALA D 135 -22.24 29.25 -13.85
N ARG D 136 -21.91 29.59 -15.10
CA ARG D 136 -20.63 29.18 -15.74
C ARG D 136 -19.54 29.15 -14.66
N PRO D 137 -18.82 28.02 -14.45
CA PRO D 137 -17.82 27.94 -13.38
C PRO D 137 -16.67 28.94 -13.56
N SER D 138 -16.37 29.65 -12.48
CA SER D 138 -15.31 30.65 -12.46
C SER D 138 -13.93 29.99 -12.51
N GLU D 139 -12.91 30.78 -12.83
CA GLU D 139 -11.52 30.32 -12.79
C GLU D 139 -10.90 30.32 -11.38
N THR D 140 -11.63 30.88 -10.41
CA THR D 140 -11.25 30.79 -8.99
C THR D 140 -11.83 29.54 -8.30
N THR D 141 -12.85 28.91 -8.90
CA THR D 141 -13.51 27.74 -8.32
C THR D 141 -12.65 26.49 -8.43
N LEU D 142 -12.90 25.52 -7.54
CA LEU D 142 -12.11 24.26 -7.58
C LEU D 142 -13.01 23.03 -7.79
N CYS D 143 -12.49 22.08 -8.55
CA CYS D 143 -13.20 20.93 -9.10
C CYS D 143 -12.62 19.63 -8.55
N GLN D 144 -13.30 18.53 -8.90
CA GLN D 144 -12.96 17.20 -8.41
C GLN D 144 -13.41 16.17 -9.44
N VAL D 145 -12.65 15.08 -9.58
CA VAL D 145 -12.92 14.07 -10.62
C VAL D 145 -12.70 12.66 -10.11
N ALA D 146 -13.61 11.76 -10.49
CA ALA D 146 -13.58 10.35 -10.06
C ALA D 146 -13.37 9.41 -11.24
N GLY D 147 -13.16 8.13 -10.95
CA GLY D 147 -13.00 7.10 -11.97
C GLY D 147 -12.23 5.88 -11.48
N TRP D 148 -12.28 4.80 -12.26
CA TRP D 148 -11.63 3.51 -11.91
C TRP D 148 -10.39 3.18 -12.74
N GLY D 149 -9.83 4.18 -13.41
CA GLY D 149 -8.92 3.94 -14.54
C GLY D 149 -7.49 3.60 -14.22
N HIS D 150 -6.71 3.52 -15.27
CA HIS D 150 -5.29 3.33 -15.12
C HIS D 150 -4.87 4.21 -13.98
N GLN D 151 -3.98 3.67 -13.17
CA GLN D 151 -3.45 4.41 -12.05
C GLN D 151 -2.32 5.30 -12.51
N PHE D 152 -1.26 4.70 -13.03
CA PHE D 152 -0.11 5.45 -13.51
C PHE D 152 -0.01 5.23 -15.00
N GLU D 153 0.01 6.35 -15.73
CA GLU D 153 0.25 6.36 -17.17
C GLU D 153 1.19 5.24 -17.60
N GLY D 154 0.74 4.45 -18.57
CA GLY D 154 1.54 3.33 -19.08
C GLY D 154 1.07 1.97 -18.62
N ALA D 155 0.93 1.81 -17.31
CA ALA D 155 0.50 0.53 -16.71
C ALA D 155 -0.85 0.04 -17.22
N GLU D 156 -0.95 -1.28 -17.42
CA GLU D 156 -2.16 -1.91 -17.99
C GLU D 156 -2.97 -2.70 -16.95
N GLU D 157 -3.89 -2.02 -16.26
CA GLU D 157 -4.86 -2.61 -15.32
C GLU D 157 -5.72 -1.49 -14.78
N TYR D 158 -6.98 -1.78 -14.50
CA TYR D 158 -7.87 -0.81 -13.89
C TYR D 158 -7.51 -0.77 -12.42
N ALA D 159 -8.01 0.24 -11.72
CA ALA D 159 -7.73 0.38 -10.29
C ALA D 159 -8.67 -0.49 -9.48
N SER D 160 -8.30 -0.72 -8.22
CA SER D 160 -9.07 -1.65 -7.39
C SER D 160 -10.23 -0.94 -6.72
N PHE D 161 -9.90 -0.01 -5.82
CA PHE D 161 -10.90 0.82 -5.08
C PHE D 161 -10.99 2.17 -5.80
N LEU D 162 -12.16 2.51 -6.26
CA LEU D 162 -12.29 3.66 -7.17
C LEU D 162 -11.45 4.80 -6.61
N GLN D 163 -11.04 5.73 -7.47
CA GLN D 163 -10.12 6.80 -7.07
C GLN D 163 -10.53 8.18 -7.55
N GLU D 164 -10.06 9.20 -6.83
CA GLU D 164 -10.42 10.59 -7.07
C GLU D 164 -9.18 11.45 -6.99
N ALA D 165 -9.30 12.64 -7.56
CA ALA D 165 -8.25 13.67 -7.47
C ALA D 165 -8.85 15.03 -7.78
N GLN D 166 -8.30 16.07 -7.17
CA GLN D 166 -8.74 17.45 -7.44
C GLN D 166 -7.98 18.02 -8.62
N VAL D 167 -8.66 18.88 -9.37
CA VAL D 167 -8.12 19.53 -10.58
C VAL D 167 -8.67 20.96 -10.72
N PRO D 168 -7.88 21.87 -11.31
CA PRO D 168 -8.36 23.24 -11.53
C PRO D 168 -9.01 23.41 -12.88
N PHE D 169 -9.87 24.42 -12.99
CA PHE D 169 -10.52 24.73 -14.26
C PHE D 169 -9.56 25.49 -15.18
N LEU D 170 -9.54 25.10 -16.44
CA LEU D 170 -8.81 25.78 -17.49
C LEU D 170 -9.79 26.36 -18.51
N SER D 171 -9.58 27.62 -18.90
CA SER D 171 -10.44 28.30 -19.91
C SER D 171 -10.27 27.70 -21.29
N LEU D 172 -11.19 28.07 -22.18
CA LEU D 172 -11.19 27.56 -23.54
C LEU D 172 -10.02 28.07 -24.37
N GLU D 173 -9.65 29.34 -24.18
CA GLU D 173 -8.59 29.99 -24.97
C GLU D 173 -7.23 29.42 -24.57
N ARG D 174 -6.96 29.49 -23.26
CA ARG D 174 -5.74 28.92 -22.66
C ARG D 174 -5.55 27.46 -23.06
N CYS D 175 -6.64 26.70 -23.06
CA CYS D 175 -6.61 25.31 -23.50
C CYS D 175 -6.31 25.16 -24.99
N SER D 176 -6.89 26.04 -25.81
CA SER D 176 -6.83 25.93 -27.28
C SER D 176 -5.66 26.68 -27.98
N ALA D 177 -4.56 26.91 -27.27
CA ALA D 177 -3.34 27.41 -27.90
C ALA D 177 -2.72 26.28 -28.75
N PRO D 178 -1.90 26.63 -29.78
CA PRO D 178 -1.37 25.59 -30.68
C PRO D 178 -0.46 24.55 -30.05
N ASP D 179 0.20 24.91 -28.94
CA ASP D 179 1.17 24.02 -28.28
C ASP D 179 0.58 23.16 -27.15
N VAL D 180 -0.72 23.25 -26.99
CA VAL D 180 -1.46 22.50 -25.98
C VAL D 180 -2.51 21.63 -26.61
N HIS D 181 -3.65 22.23 -26.93
CA HIS D 181 -4.80 21.52 -27.47
C HIS D 181 -5.47 22.25 -28.61
N GLY D 182 -4.76 23.23 -29.18
CA GLY D 182 -5.28 24.10 -30.22
C GLY D 182 -5.96 23.43 -31.38
N SER D 183 -7.16 23.84 -31.72
CA SER D 183 -8.05 23.39 -32.78
C SER D 183 -8.67 22.01 -32.60
N SER D 184 -8.27 21.29 -31.55
CA SER D 184 -8.86 19.99 -31.22
C SER D 184 -10.03 20.17 -30.25
N ILE D 185 -10.13 21.34 -29.59
CA ILE D 185 -11.22 21.62 -28.66
C ILE D 185 -12.38 22.28 -29.39
N LEU D 186 -13.46 21.53 -29.56
CA LEU D 186 -14.64 21.99 -30.29
C LEU D 186 -15.67 22.51 -29.30
N PRO D 187 -16.76 23.13 -29.82
CA PRO D 187 -17.87 23.45 -28.94
C PRO D 187 -18.44 22.18 -28.30
N GLY D 188 -18.80 22.29 -27.03
CA GLY D 188 -19.26 21.15 -26.26
C GLY D 188 -18.08 20.35 -25.79
N MET D 189 -17.04 21.08 -25.40
CA MET D 189 -15.83 20.52 -24.84
C MET D 189 -15.15 21.54 -23.92
N LEU D 190 -14.93 21.17 -22.66
CA LEU D 190 -14.16 22.00 -21.72
C LEU D 190 -12.91 21.26 -21.31
N CYS D 191 -11.96 22.01 -20.75
CA CYS D 191 -10.69 21.46 -20.28
C CYS D 191 -10.55 21.68 -18.79
N ALA D 192 -9.79 20.81 -18.12
CA ALA D 192 -9.51 20.94 -16.70
C ALA D 192 -8.27 20.13 -16.34
N GLY D 193 -7.25 20.82 -15.85
CA GLY D 193 -6.01 20.16 -15.46
C GLY D 193 -4.88 21.12 -15.20
N PHE D 194 -3.79 20.55 -14.73
CA PHE D 194 -2.59 21.31 -14.50
C PHE D 194 -1.78 21.25 -15.79
N LEU D 195 -1.25 22.40 -16.17
CA LEU D 195 -0.40 22.49 -17.35
C LEU D 195 1.03 21.96 -17.10
N GLU D 196 1.43 21.82 -15.84
CA GLU D 196 2.80 21.41 -15.48
C GLU D 196 3.06 19.91 -15.22
N GLY D 197 2.14 19.02 -15.63
CA GLY D 197 2.34 17.56 -15.50
C GLY D 197 1.85 16.95 -14.19
N GLY D 198 0.71 17.44 -13.71
CA GLY D 198 0.13 16.99 -12.46
C GLY D 198 -0.79 15.80 -12.67
N THR D 199 -2.09 16.02 -12.41
CA THR D 199 -3.09 14.96 -12.34
C THR D 199 -4.09 15.04 -13.49
N ASP D 200 -4.64 13.90 -13.90
CA ASP D 200 -5.61 13.84 -14.99
C ASP D 200 -6.35 12.50 -15.04
N ALA D 201 -7.53 12.51 -15.65
CA ALA D 201 -8.24 11.30 -16.02
C ALA D 201 -7.48 10.57 -17.12
N CYS D 202 -7.32 9.26 -16.97
CA CYS D 202 -6.57 8.44 -17.93
C CYS D 202 -7.51 7.38 -18.56
N GLN D 203 -6.94 6.41 -19.26
CA GLN D 203 -7.71 5.38 -19.99
C GLN D 203 -8.48 4.42 -19.09
N GLY D 204 -9.80 4.61 -19.03
CA GLY D 204 -10.67 3.75 -18.22
C GLY D 204 -11.78 4.51 -17.53
N ASP D 205 -11.57 5.82 -17.37
CA ASP D 205 -12.52 6.71 -16.70
C ASP D 205 -13.54 7.27 -17.67
N SER D 206 -13.38 6.99 -18.96
CA SER D 206 -14.31 7.44 -19.99
C SER D 206 -15.74 7.36 -19.50
N GLY D 207 -16.36 8.51 -19.27
CA GLY D 207 -17.71 8.59 -18.76
C GLY D 207 -17.84 8.88 -17.28
N GLY D 208 -16.71 9.02 -16.59
CA GLY D 208 -16.70 9.38 -15.17
C GLY D 208 -16.90 10.89 -15.04
N PRO D 209 -17.52 11.33 -13.93
CA PRO D 209 -17.95 12.70 -13.74
C PRO D 209 -16.85 13.66 -13.40
N LEU D 210 -17.19 14.93 -13.53
CA LEU D 210 -16.35 16.04 -13.11
C LEU D 210 -17.28 17.03 -12.43
N VAL D 211 -17.58 16.82 -11.16
CA VAL D 211 -18.49 17.77 -10.49
C VAL D 211 -17.67 18.70 -9.63
N CYS D 212 -17.80 19.99 -9.89
CA CYS D 212 -17.12 21.07 -9.22
C CYS D 212 -18.03 21.73 -8.19
N GLU D 213 -17.45 22.72 -7.51
CA GLU D 213 -18.16 23.53 -6.48
C GLU D 213 -18.79 24.73 -7.20
N ASP D 214 -20.08 24.99 -6.94
CA ASP D 214 -20.79 26.10 -7.62
C ASP D 214 -21.25 27.11 -6.58
N ARG D 215 -26.98 24.10 -6.17
CA ARG D 215 -26.57 24.14 -4.73
C ARG D 215 -25.36 23.22 -4.53
N ARG D 216 -24.31 23.73 -3.88
CA ARG D 216 -23.10 22.95 -3.64
C ARG D 216 -22.61 22.25 -4.89
N LEU D 217 -22.27 20.97 -4.75
CA LEU D 217 -21.76 20.17 -5.84
C LEU D 217 -22.69 19.84 -7.00
N THR D 218 -22.35 20.36 -8.18
CA THR D 218 -23.11 20.13 -9.41
C THR D 218 -22.26 19.65 -10.58
N LEU D 219 -22.86 18.80 -11.40
CA LEU D 219 -22.17 18.14 -12.51
C LEU D 219 -21.94 19.13 -13.65
N GLN D 220 -20.67 19.45 -13.92
CA GLN D 220 -20.28 20.35 -15.00
C GLN D 220 -19.17 19.74 -15.86
N GLY D 221 -19.33 18.48 -16.23
CA GLY D 221 -18.43 17.81 -17.19
C GLY D 221 -18.34 16.30 -17.01
N ILE D 222 -18.18 15.58 -18.13
CA ILE D 222 -17.91 14.12 -18.11
C ILE D 222 -16.65 13.81 -18.91
N ILE D 223 -15.87 12.85 -18.43
CA ILE D 223 -14.55 12.54 -18.97
C ILE D 223 -14.67 12.11 -20.42
N SER D 224 -13.96 12.81 -21.29
CA SER D 224 -13.96 12.54 -22.73
C SER D 224 -12.61 11.99 -23.19
N TRP D 225 -11.56 12.80 -23.11
CA TRP D 225 -10.21 12.37 -23.53
C TRP D 225 -9.05 13.17 -22.96
N GLY D 226 -7.86 12.62 -23.16
CA GLY D 226 -6.60 13.29 -22.89
C GLY D 226 -5.58 12.79 -23.91
N SER D 227 -4.66 13.64 -24.31
CA SER D 227 -3.56 13.25 -25.18
C SER D 227 -2.37 12.87 -24.29
N GLY D 228 -2.50 11.72 -23.65
CA GLY D 228 -1.60 11.30 -22.58
C GLY D 228 -2.26 11.59 -21.23
N CYS D 229 -1.76 10.90 -20.20
CA CYS D 229 -2.37 10.94 -18.88
C CYS D 229 -1.54 11.83 -17.96
N GLY D 230 -1.98 13.08 -17.84
CA GLY D 230 -1.33 14.07 -16.99
C GLY D 230 0.07 14.40 -17.46
N ASP D 231 0.23 14.55 -18.77
CA ASP D 231 1.53 14.87 -19.37
C ASP D 231 1.77 16.37 -19.29
N ARG D 232 2.98 16.78 -19.60
CA ARG D 232 3.39 18.16 -19.68
C ARG D 232 2.59 18.87 -20.76
N ASN D 233 1.73 19.80 -20.35
CA ASN D 233 0.86 20.59 -21.27
C ASN D 233 -0.14 19.77 -22.11
N LYS D 234 -0.61 18.64 -21.57
CA LYS D 234 -1.65 17.82 -22.20
C LYS D 234 -2.77 17.53 -21.18
N PRO D 235 -3.58 18.56 -20.85
CA PRO D 235 -4.61 18.40 -19.84
C PRO D 235 -5.78 17.52 -20.28
N GLY D 236 -6.69 17.30 -19.35
CA GLY D 236 -7.93 16.59 -19.63
C GLY D 236 -8.83 17.40 -20.53
N VAL D 237 -9.70 16.70 -21.24
CA VAL D 237 -10.76 17.31 -22.02
C VAL D 237 -12.04 16.55 -21.68
N TYR D 238 -13.06 17.30 -21.31
CA TYR D 238 -14.34 16.76 -20.88
C TYR D 238 -15.42 17.34 -21.77
N THR D 239 -16.60 16.74 -21.77
CA THR D 239 -17.76 17.29 -22.50
C THR D 239 -18.56 18.20 -21.57
N ASP D 240 -18.56 19.50 -21.89
CA ASP D 240 -19.29 20.49 -21.10
C ASP D 240 -20.74 20.11 -21.08
N VAL D 241 -21.30 19.98 -19.88
CA VAL D 241 -22.69 19.57 -19.71
C VAL D 241 -23.63 20.72 -20.04
N ALA D 242 -23.36 21.88 -19.44
CA ALA D 242 -24.22 23.07 -19.60
C ALA D 242 -24.63 23.34 -21.05
N TYR D 243 -23.71 23.13 -21.99
CA TYR D 243 -24.01 23.28 -23.41
C TYR D 243 -25.19 22.37 -23.77
N TYR D 244 -25.14 21.12 -23.32
CA TYR D 244 -26.19 20.13 -23.60
C TYR D 244 -27.27 20.08 -22.50
N LEU D 245 -27.52 21.21 -21.83
CA LEU D 245 -28.50 21.26 -20.75
C LEU D 245 -29.90 21.02 -21.31
N ALA D 246 -30.23 21.77 -22.36
CA ALA D 246 -31.52 21.64 -23.06
C ALA D 246 -31.72 20.29 -23.74
N TRP D 247 -30.62 19.68 -24.19
CA TRP D 247 -30.65 18.36 -24.81
C TRP D 247 -30.99 17.26 -23.82
N ILE D 248 -30.40 17.34 -22.63
CA ILE D 248 -30.65 16.35 -21.57
C ILE D 248 -32.10 16.42 -21.06
N ARG D 249 -32.60 17.64 -20.87
CA ARG D 249 -33.99 17.85 -20.49
C ARG D 249 -34.93 17.03 -21.37
N GLU D 250 -34.75 17.24 -22.67
CA GLU D 250 -35.56 16.64 -23.71
C GLU D 250 -35.75 15.12 -23.58
N HIS D 251 -34.65 14.40 -23.40
CA HIS D 251 -34.64 12.93 -23.45
C HIS D 251 -34.61 12.24 -22.10
N THR D 252 -34.66 13.02 -21.01
CA THR D 252 -34.81 12.46 -19.64
C THR D 252 -36.11 12.89 -18.95
N VAL D 253 -37.07 13.40 -19.71
CA VAL D 253 -38.29 13.84 -19.10
C VAL D 253 -38.97 12.63 -18.46
N SER D 254 -40.06 12.86 -17.74
CA SER D 254 -40.79 11.78 -17.12
C SER D 254 -42.33 11.96 -17.22
C1 NAG E . -18.45 -8.18 -12.43
C2 NAG E . -18.70 -9.00 -13.68
C3 NAG E . -20.01 -8.65 -14.29
C4 NAG E . -21.10 -8.80 -13.28
C5 NAG E . -20.77 -7.80 -12.20
C6 NAG E . -21.86 -7.71 -11.16
C7 NAG E . -17.70 -9.29 -15.81
C8 NAG E . -16.55 -10.17 -16.15
N2 NAG E . -17.68 -8.69 -14.64
O3 NAG E . -20.33 -9.55 -15.33
O4 NAG E . -22.25 -8.37 -13.97
O5 NAG E . -19.57 -8.20 -11.56
O6 NAG E . -21.35 -6.92 -10.09
O7 NAG E . -18.61 -9.14 -16.55
C1 NAG E . -23.23 -9.38 -14.21
C2 NAG E . -23.04 -10.52 -15.27
C3 NAG E . -23.90 -11.78 -15.05
C4 NAG E . -25.27 -11.52 -14.40
C5 NAG E . -25.57 -10.02 -14.27
C6 NAG E . -26.93 -9.76 -13.62
C7 NAG E . -22.88 -10.49 -17.76
C8 NAG E . -23.29 -9.71 -18.99
N2 NAG E . -23.30 -9.96 -16.60
O3 NAG E . -23.16 -12.70 -14.25
O4 NAG E . -26.31 -12.16 -15.17
O5 NAG E . -24.50 -9.41 -13.52
O6 NAG E . -27.98 -9.69 -14.61
O7 NAG E . -22.23 -11.51 -17.84
C1 GLC F . 32.22 -6.62 -12.77
C2 GLC F . 32.69 -5.52 -13.72
C3 GLC F . 32.39 -4.14 -13.15
C4 GLC F . 30.94 -4.04 -12.69
C5 GLC F . 30.57 -5.22 -11.81
C6 GLC F . 29.10 -5.17 -11.41
O1 GLC F . 32.95 -6.53 -11.54
O2 GLC F . 34.10 -5.66 -13.94
O3 GLC F . 32.63 -3.15 -14.16
O4 GLC F . 30.76 -2.83 -11.96
O5 GLC F . 30.82 -6.44 -12.50
O6 GLC F . 28.84 -6.16 -10.40
C1 GLC F . 30.58 -1.71 -12.83
C2 GLC F . 31.36 -0.52 -12.27
C3 GLC F . 30.95 -0.27 -10.83
C4 GLC F . 29.52 -0.73 -10.63
C5 GLC F . 28.72 -0.52 -11.91
C6 GLC F . 28.81 0.92 -12.39
O2 GLC F . 32.76 -0.78 -12.35
O3 GLC F . 31.06 1.13 -10.53
O4 GLC F . 29.50 -2.11 -10.26
O5 GLC F . 29.20 -1.40 -12.94
O6 GLC F . 28.09 1.05 -13.63
C1 GLC G . -31.91 -7.58 10.25
C2 GLC G . -31.42 -7.64 11.68
C3 GLC G . -30.03 -7.04 11.79
C4 GLC G . -29.80 -6.02 10.68
C5 GLC G . -29.94 -6.66 9.30
C6 GLC G . -28.59 -7.08 8.75
O1 GLC G . -32.48 -6.30 9.98
O2 GLC G . -32.33 -6.93 12.53
O3 GLC G . -29.06 -8.08 11.71
O4 GLC G . -30.73 -4.95 10.81
O5 GLC G . -30.81 -7.80 9.37
O6 GLC G . -27.90 -7.86 9.73
C1 GLC G . -30.45 -4.15 11.96
C2 GLC G . -31.68 -3.32 12.30
C3 GLC G . -32.01 -2.33 11.19
C4 GLC G . -30.78 -1.55 10.77
C5 GLC G . -29.59 -2.48 10.51
C6 GLC G . -28.34 -1.70 10.16
O2 GLC G . -32.79 -4.19 12.52
O3 GLC G . -33.02 -1.42 11.65
O4 GLC G . -31.06 -0.81 9.58
O5 GLC G . -29.35 -3.28 11.68
O6 GLC G . -28.67 -0.66 9.24
C1 NAG H . 17.75 -11.90 10.03
C2 NAG H . 17.83 -13.10 10.96
C3 NAG H . 19.27 -13.33 11.41
C4 NAG H . 20.24 -12.83 10.34
C5 NAG H . 20.04 -11.35 10.04
C6 NAG H . 20.27 -11.06 8.56
C7 NAG H . 17.36 -13.24 13.33
C8 NAG H . 17.53 -14.72 13.57
N2 NAG H . 16.97 -12.90 12.11
O3 NAG H . 19.48 -14.72 11.65
O4 NAG H . 21.59 -13.05 10.80
O5 NAG H . 18.73 -10.94 10.40
O6 NAG H . 21.43 -11.78 8.10
O7 NAG H . 17.56 -12.42 14.21
N 0G6 I . 7.06 1.10 30.11
CA 0G6 I . 7.07 1.94 28.93
C 0G6 I . 7.48 1.12 27.74
O 0G6 I . 6.78 1.11 26.73
CB 0G6 I . 5.67 2.51 28.71
CG 0G6 I . 5.03 2.83 30.03
CD1 0G6 I . 4.04 1.99 30.54
CD2 0G6 I . 5.43 3.95 30.75
CE1 0G6 I . 3.45 2.27 31.76
CE2 0G6 I . 4.84 4.23 31.98
CZ 0G6 I . 3.85 3.40 32.48
N1 0G6 I . 8.61 0.44 27.84
CA1 0G6 I . 9.89 1.15 27.91
C1 0G6 I . 10.27 1.71 26.58
O1 0G6 I . 9.81 2.78 26.20
CB1 0G6 I . 10.90 0.09 28.32
CG1 0G6 I . 10.19 -1.25 28.33
CD 0G6 I . 8.75 -1.01 27.92
N2 0G6 I . 11.11 1.00 25.84
CA2 0G6 I . 10.70 0.36 24.60
C2 0G6 I . 11.92 0.05 23.74
O2 0G6 I . 11.56 -0.94 22.77
CB2 0G6 I . 9.73 1.26 23.86
CG2 0G6 I . 10.36 2.61 23.54
CD3 0G6 I . 9.31 3.60 23.04
NE 0G6 I . 9.92 4.79 22.48
CZ1 0G6 I . 9.29 5.96 22.49
NH1 0G6 I . 10.00 7.09 22.46
NH2 0G6 I . 7.97 6.01 22.55
C3 0G6 I . 13.08 -0.47 24.60
N 0G6 J . -6.66 10.08 -28.06
CA 0G6 J . -6.35 9.87 -26.66
C 0G6 J . -7.00 8.60 -26.19
O 0G6 J . -6.50 7.95 -25.29
CB 0G6 J . -4.83 9.76 -26.49
CG 0G6 J . -4.36 8.44 -27.04
CD1 0G6 J . -4.69 8.08 -28.36
CD2 0G6 J . -3.60 7.58 -26.26
CE1 0G6 J . -4.25 6.87 -28.87
CE2 0G6 J . -3.17 6.37 -26.78
CZ 0G6 J . -3.50 6.01 -28.08
N1 0G6 J . -8.12 8.25 -26.81
CA1 0G6 J . -9.40 8.83 -26.39
C1 0G6 J . -9.61 8.72 -24.91
O1 0G6 J . -8.71 9.04 -24.14
CB1 0G6 J . -10.46 8.00 -27.10
CG1 0G6 J . -9.74 7.05 -28.05
CD 0G6 J . -8.25 7.30 -27.91
N2 0G6 J . -10.77 8.26 -24.50
CA2 0G6 J . -10.91 7.46 -23.29
C2 0G6 J . -12.34 6.95 -23.15
O2 0G6 J . -12.45 5.66 -23.75
CB2 0G6 J . -10.49 8.28 -22.08
CG2 0G6 J . -10.78 9.76 -22.30
CD3 0G6 J . -10.62 10.54 -21.00
NE 0G6 J . -9.77 11.69 -21.16
CZ1 0G6 J . -8.68 11.86 -20.40
NH1 0G6 J . -8.75 12.57 -19.28
NH2 0G6 J . -7.52 11.31 -20.77
C3 0G6 J . -13.32 7.92 -23.81
#